data_4G1M
#
_entry.id   4G1M
#
_cell.length_a   129.870
_cell.length_b   129.870
_cell.length_c   305.900
_cell.angle_alpha   90.00
_cell.angle_beta   90.00
_cell.angle_gamma   120.00
#
_symmetry.space_group_name_H-M   'P 32 2 1'
#
loop_
_entity.id
_entity.type
_entity.pdbx_description
1 polymer 'Integrin alpha-V'
2 polymer 'Integrin beta-3'
3 branched alpha-D-mannopyranose-(1-3)-[alpha-D-mannopyranose-(1-6)]beta-D-mannopyranose-(1-4)-2-acetamido-2-deoxy-beta-D-glucopyranose-(1-4)-2-acetamido-2-deoxy-beta-D-glucopyranose
4 branched 2-acetamido-2-deoxy-beta-D-glucopyranose-(1-4)-2-acetamido-2-deoxy-beta-D-glucopyranose
5 branched alpha-D-mannopyranose-(1-2)-alpha-D-mannopyranose-(1-3)-[alpha-D-mannopyranose-(1-3)-alpha-D-mannopyranose-(1-6)]beta-D-mannopyranose-(1-4)-2-acetamido-2-deoxy-beta-D-glucopyranose-(1-4)-2-acetamido-2-deoxy-beta-D-glucopyranose
6 branched beta-D-mannopyranose-(1-4)-2-acetamido-2-deoxy-beta-D-glucopyranose-(1-4)-2-acetamido-2-deoxy-beta-D-glucopyranose
7 non-polymer 'CALCIUM ION'
8 non-polymer 2-acetamido-2-deoxy-beta-D-glucopyranose
9 non-polymer 'SODIUM ION'
10 water water
#
loop_
_entity_poly.entity_id
_entity_poly.type
_entity_poly.pdbx_seq_one_letter_code
_entity_poly.pdbx_strand_id
1 'polypeptide(L)'
;FNLDVDSPAEYSGPEGSYFGFAVDFFVPSASSRMFLLVGAPKANTTQPGIVEGGQVLKCDWSSTRRCQPIEFDATGNRDY
AKDDPLEFKSHQWFGASVRSKQDKILACAPLYHWRTEMKQEREPVGTCFLQDGTKTVEYAPCRSQDIDADGQGFCQGGFS
IDFTKADRVLLGGPGSFYWQGQLISDQVAEIVSKYDPNVYSIKYNNQLATRTAQAIFDDSYLGYSVAVGDFNGDGIDDFV
SGVPRAARTLGMVYIYDGKNMSSLYNFTGEQMAAYFGFSVAATDINGDDYADVFIGAPLFMDRGSDGKLQEVGQVSVSLQ
RASGDFQTTKLNGFEVFARFGSAIAPLGDLDQDGFNDIAIAAPYGGEDKKGIVYIFNGRSTGLNAVPSQILEGQWAARSM
PPSFGYSMKGATDIDKNGYPDLIVGAFGVDRAILYRARPVITVNAGLEVYPSILNQDNKTCSLPGTALKVSCFNVRFCLK
ADGKGVLPRKLNFQVELLLDKLKQKGAIRRALFLYSRSPSHSKNMTISRGGLMQCEELIAYLRDESEFRDKLTPITIFME
YRLDYRTAADTTGLQPILNQFTPANISRQAHILLDCGEDNVCKPKLEVSVDSDQKKIYIGDDNPLTLIVKAQNQGEGAYE
AELIVSIPLQADFIGVVRNNEALARLSCAFKTENQTRQVVCDLGNPMKAGTQLLAGLRFSVHQQSEMDTSVKFDLQIQSS
NLFDKVSPVVSHKVDLAVLAAVEIRGVSSPDHVFLPIPNWEHKENPETEEDVGPVVQHIYELRNNGPSSFSKAMLHLQWP
YKYNNNTLLYILHYDIDGPMNCTSDMEINPLRIKISSLQTTEKNDTVAGQGERDHLITKRDLALSEGDIHTLGCGVAQCL
KIVCQVGRLDRGKSAILYVKSLLWTETFMNKENQNHSYSLKSSASFNVIEFPYKNLPIEDITNSTLVTTNVTWGIQPAP
;
A
2 'polypeptide(L)'
;GPNICTTRGVSSCQQCLAVSPMCAWCSDEALPLGSPRCDLKENLLKDNCAPESIEFPVSEARVLEDRPLSDKGSGDSSQV
TQVSPQRIALRLRPDDSKNFSIQVRQVEDYPVDIYYLMDLSYSMKDDLWSIQNLGTKLATQMRKLTSNLRIGFGAFVDKP
VSPYMYISPPEALENPCYDMKTTCLPMFGYKHVLTLTDQVTRFNEEVKKQSVSRNRDAPEGGFDAIMQATVCDEKIGWRN
DASHLLVFTTDAKTHIALDGRLAGIVQPNDGQCHVGSDNHYSASTTMDYPSLGLMTEKLSQKNINLIFAVTENVVNLYQN
YSELIPGTTVGVLSMDSSNVLQLIVDAYGKIRSKVELEVRDLPEELSLSFNATCLNNEVIPGLKSCMGLKIGDTVSFSIE
AKVRGCPQEKEKSFTIKPVGFKDSLIVQVTFDCDCACQAQAEPNSHRCNNGNGTFECGVCRCGPGWLGSQCECSEEDYRP
SQQDECSPREGQPVCSQRGECLCGQCVCHSSDFGKITGKYCECDDFSCVRYKGEMCSGHGQCSCGDCLCDSDWTGYYCNC
TTRTDTCMSSNGLLCSGRGKCECGSCVCIQPGSYGDTCEKCPTCPDACTFKKECVECKKFDRGALHDENTCNRYCRDEIE
SVKELKDTGKDAVNCTYKNEDDCVVRFQYYEDSSGKSILYVVEEPECPKGPD
;
B
#
# COMPACT_ATOMS: atom_id res chain seq x y z
N PHE A 1 -22.24 -11.86 -1.29
CA PHE A 1 -23.13 -10.78 -1.73
C PHE A 1 -24.57 -11.11 -1.41
N ASN A 2 -24.82 -12.35 -1.01
CA ASN A 2 -26.19 -12.85 -0.87
C ASN A 2 -26.68 -12.95 0.57
N LEU A 3 -25.93 -12.37 1.50
CA LEU A 3 -26.33 -12.38 2.89
C LEU A 3 -27.45 -11.36 3.16
N ASP A 4 -28.55 -11.84 3.75
CA ASP A 4 -29.65 -10.96 4.13
C ASP A 4 -29.20 -10.02 5.24
N VAL A 5 -29.52 -8.73 5.09
CA VAL A 5 -29.17 -7.74 6.10
C VAL A 5 -30.43 -7.03 6.58
N ASP A 6 -31.56 -7.36 5.96
CA ASP A 6 -32.83 -6.76 6.34
C ASP A 6 -33.36 -7.36 7.63
N SER A 7 -33.46 -8.68 7.67
CA SER A 7 -33.99 -9.37 8.83
C SER A 7 -33.02 -10.40 9.40
N PRO A 8 -31.93 -9.94 10.04
CA PRO A 8 -30.99 -10.87 10.66
C PRO A 8 -31.40 -11.19 12.10
N ALA A 9 -31.12 -12.40 12.56
CA ALA A 9 -31.43 -12.79 13.93
C ALA A 9 -30.47 -12.12 14.89
N GLU A 10 -31.02 -11.39 15.86
CA GLU A 10 -30.19 -10.68 16.84
C GLU A 10 -30.32 -11.25 18.24
N TYR A 11 -29.20 -11.66 18.81
CA TYR A 11 -29.16 -12.27 20.13
C TYR A 11 -28.45 -11.36 21.11
N SER A 12 -28.81 -11.46 22.38
CA SER A 12 -28.24 -10.56 23.38
C SER A 12 -27.92 -11.27 24.70
N GLY A 13 -26.91 -10.77 25.40
CA GLY A 13 -26.53 -11.28 26.70
C GLY A 13 -26.44 -10.17 27.75
N PRO A 14 -26.11 -10.54 28.99
CA PRO A 14 -25.99 -9.59 30.11
C PRO A 14 -24.95 -8.52 29.81
N GLU A 15 -25.25 -7.26 30.10
CA GLU A 15 -24.31 -6.19 29.80
C GLU A 15 -23.02 -6.32 30.61
N GLY A 16 -21.89 -6.17 29.92
CA GLY A 16 -20.59 -6.24 30.55
C GLY A 16 -20.03 -7.65 30.58
N SER A 17 -20.82 -8.62 30.14
CA SER A 17 -20.40 -10.01 30.16
C SER A 17 -19.56 -10.39 28.95
N TYR A 18 -19.38 -9.42 28.04
CA TYR A 18 -18.69 -9.64 26.77
C TYR A 18 -19.35 -10.73 25.94
N PHE A 19 -20.66 -10.84 26.04
CA PHE A 19 -21.44 -11.74 25.20
C PHE A 19 -21.11 -11.48 23.74
N GLY A 20 -20.55 -12.47 23.07
CA GLY A 20 -20.24 -12.36 21.66
C GLY A 20 -18.75 -12.38 21.39
N PHE A 21 -17.97 -12.54 22.45
CA PHE A 21 -16.52 -12.56 22.31
C PHE A 21 -16.06 -13.78 21.54
N ALA A 22 -16.85 -14.85 21.59
CA ALA A 22 -16.58 -16.06 20.84
C ALA A 22 -17.90 -16.64 20.37
N VAL A 23 -17.92 -17.13 19.13
CA VAL A 23 -19.15 -17.69 18.57
C VAL A 23 -18.87 -18.97 17.79
N ASP A 24 -19.87 -19.84 17.73
CA ASP A 24 -19.80 -21.06 16.92
C ASP A 24 -21.19 -21.67 16.78
N PHE A 25 -21.33 -22.59 15.83
CA PHE A 25 -22.58 -23.32 15.64
C PHE A 25 -22.60 -24.60 16.47
N PHE A 26 -23.78 -24.98 16.94
CA PHE A 26 -23.95 -26.27 17.59
C PHE A 26 -24.82 -27.16 16.70
N VAL A 27 -24.21 -28.20 16.16
CA VAL A 27 -24.89 -29.10 15.22
C VAL A 27 -24.83 -30.54 15.72
N PRO A 28 -25.59 -30.86 16.78
CA PRO A 28 -25.54 -32.19 17.38
C PRO A 28 -26.09 -33.23 16.43
N SER A 29 -25.65 -34.48 16.57
CA SER A 29 -26.10 -35.56 15.70
C SER A 29 -27.32 -36.25 16.30
N ALA A 30 -27.58 -35.97 17.58
CA ALA A 30 -28.71 -36.55 18.28
C ALA A 30 -30.00 -35.79 18.04
N SER A 31 -29.92 -34.69 17.30
CA SER A 31 -31.08 -33.85 17.04
C SER A 31 -31.06 -33.26 15.64
N SER A 32 -32.23 -32.95 15.11
CA SER A 32 -32.33 -32.33 13.79
C SER A 32 -32.31 -30.82 13.92
N ARG A 33 -32.17 -30.35 15.16
CA ARG A 33 -32.12 -28.92 15.44
C ARG A 33 -30.68 -28.42 15.48
N MET A 34 -30.51 -27.13 15.22
CA MET A 34 -29.20 -26.49 15.30
C MET A 34 -29.26 -25.27 16.21
N PHE A 35 -28.11 -24.91 16.79
CA PHE A 35 -28.08 -23.85 17.80
C PHE A 35 -26.91 -22.90 17.59
N LEU A 36 -26.97 -21.76 18.27
CA LEU A 36 -25.83 -20.85 18.33
C LEU A 36 -25.11 -21.00 19.67
N LEU A 37 -23.79 -20.94 19.64
CA LEU A 37 -23.00 -20.98 20.86
C LEU A 37 -22.28 -19.64 21.02
N VAL A 38 -22.54 -18.96 22.13
CA VAL A 38 -21.94 -17.66 22.38
C VAL A 38 -21.17 -17.64 23.69
N GLY A 39 -19.92 -17.21 23.61
CA GLY A 39 -19.10 -17.10 24.81
C GLY A 39 -19.31 -15.77 25.51
N ALA A 40 -19.48 -15.81 26.82
CA ALA A 40 -19.60 -14.61 27.63
C ALA A 40 -18.56 -14.64 28.74
N PRO A 41 -17.31 -14.28 28.40
CA PRO A 41 -16.13 -14.41 29.25
C PRO A 41 -16.24 -13.70 30.61
N LYS A 42 -17.02 -12.63 30.67
CA LYS A 42 -17.11 -11.85 31.91
C LYS A 42 -18.46 -11.99 32.61
N ALA A 43 -19.20 -13.03 32.24
CA ALA A 43 -20.53 -13.24 32.81
C ALA A 43 -20.48 -13.74 34.26
N ASN A 44 -21.36 -13.18 35.10
CA ASN A 44 -21.50 -13.62 36.48
C ASN A 44 -22.29 -14.90 36.56
N THR A 45 -21.86 -15.83 37.41
CA THR A 45 -22.53 -17.12 37.54
C THR A 45 -22.96 -17.41 38.97
N THR A 46 -23.67 -18.51 39.14
CA THR A 46 -24.15 -18.94 40.45
C THR A 46 -23.08 -19.76 41.18
N GLN A 47 -21.89 -19.83 40.60
CA GLN A 47 -20.78 -20.50 41.23
C GLN A 47 -20.41 -19.78 42.53
N PRO A 48 -20.42 -20.53 43.64
CA PRO A 48 -20.23 -19.99 44.99
C PRO A 48 -18.89 -19.27 45.17
N GLY A 49 -18.95 -17.96 45.42
CA GLY A 49 -17.78 -17.17 45.69
C GLY A 49 -16.95 -16.85 44.47
N ILE A 50 -17.56 -16.96 43.29
CA ILE A 50 -16.86 -16.71 42.04
C ILE A 50 -17.44 -15.50 41.31
N VAL A 51 -16.62 -14.47 41.13
CA VAL A 51 -17.05 -13.27 40.42
C VAL A 51 -16.60 -13.29 38.96
N GLU A 52 -17.55 -13.06 38.05
CA GLU A 52 -17.28 -13.03 36.62
C GLU A 52 -16.52 -14.27 36.13
N GLY A 53 -17.02 -15.44 36.48
CA GLY A 53 -16.42 -16.68 36.05
C GLY A 53 -16.58 -16.87 34.55
N GLY A 54 -17.64 -16.31 34.01
CA GLY A 54 -17.92 -16.41 32.60
C GLY A 54 -18.68 -17.68 32.26
N GLN A 55 -19.46 -17.64 31.20
CA GLN A 55 -20.26 -18.79 30.81
C GLN A 55 -20.43 -18.87 29.30
N VAL A 56 -20.94 -20.00 28.82
CA VAL A 56 -21.22 -20.19 27.41
C VAL A 56 -22.72 -20.44 27.22
N LEU A 57 -23.33 -19.69 26.33
CA LEU A 57 -24.78 -19.77 26.16
C LEU A 57 -25.18 -20.50 24.87
N LYS A 58 -26.10 -21.44 25.01
CA LYS A 58 -26.70 -22.10 23.85
C LYS A 58 -27.94 -21.31 23.44
N CYS A 59 -28.01 -20.92 22.18
CA CYS A 59 -29.10 -20.09 21.70
C CYS A 59 -29.98 -20.79 20.66
N ASP A 60 -31.28 -20.81 20.91
CA ASP A 60 -32.24 -21.40 19.98
C ASP A 60 -32.38 -20.53 18.73
N TRP A 61 -32.70 -21.15 17.60
CA TRP A 61 -32.92 -20.40 16.37
C TRP A 61 -34.40 -20.38 15.98
N SER A 62 -35.09 -21.48 16.22
CA SER A 62 -36.51 -21.57 15.93
C SER A 62 -37.30 -20.55 16.73
N SER A 63 -37.77 -19.51 16.05
CA SER A 63 -38.52 -18.41 16.67
C SER A 63 -37.73 -17.68 17.75
N THR A 64 -38.19 -17.81 18.99
CA THR A 64 -37.63 -17.09 20.14
C THR A 64 -36.10 -17.05 20.20
N ARG A 65 -35.55 -15.85 20.18
CA ARG A 65 -34.10 -15.65 20.26
C ARG A 65 -33.62 -15.79 21.70
N ARG A 66 -33.96 -16.92 22.32
CA ARG A 66 -33.67 -17.13 23.74
C ARG A 66 -32.33 -17.84 23.94
N CYS A 67 -31.56 -17.35 24.92
CA CYS A 67 -30.24 -17.91 25.18
C CYS A 67 -30.16 -18.55 26.57
N GLN A 68 -29.71 -19.81 26.59
CA GLN A 68 -29.61 -20.55 27.84
C GLN A 68 -28.15 -20.91 28.15
N PRO A 69 -27.71 -20.63 29.38
CA PRO A 69 -26.35 -20.97 29.81
C PRO A 69 -26.17 -22.48 29.85
N ILE A 70 -25.04 -22.96 29.33
CA ILE A 70 -24.69 -24.37 29.43
C ILE A 70 -24.04 -24.61 30.78
N GLU A 71 -24.42 -25.70 31.44
CA GLU A 71 -23.91 -26.03 32.76
C GLU A 71 -22.65 -26.90 32.70
N PHE A 72 -21.52 -26.28 32.44
CA PHE A 72 -20.24 -26.98 32.43
C PHE A 72 -19.80 -27.30 33.85
N ASP A 73 -19.77 -26.26 34.69
CA ASP A 73 -19.31 -26.41 36.07
C ASP A 73 -20.05 -25.47 37.01
N ALA A 74 -20.67 -26.04 38.04
CA ALA A 74 -21.42 -25.25 39.00
C ALA A 74 -20.65 -25.09 40.30
N THR A 75 -19.52 -25.79 40.41
CA THR A 75 -18.73 -25.76 41.63
C THR A 75 -17.77 -24.57 41.64
N GLY A 76 -17.53 -24.03 42.83
CA GLY A 76 -16.55 -22.98 43.01
C GLY A 76 -15.16 -23.55 43.17
N ASN A 77 -14.31 -22.85 43.91
CA ASN A 77 -12.92 -23.25 44.06
C ASN A 77 -12.71 -24.48 44.93
N ARG A 78 -12.01 -25.46 44.38
CA ARG A 78 -11.56 -26.61 45.15
C ARG A 78 -10.45 -26.17 46.10
N ASP A 79 -10.32 -26.87 47.23
CA ASP A 79 -9.35 -26.47 48.24
C ASP A 79 -8.13 -27.38 48.33
N TYR A 80 -6.97 -26.75 48.48
CA TYR A 80 -5.73 -27.46 48.78
C TYR A 80 -5.74 -27.81 50.26
N ALA A 81 -6.35 -26.93 51.05
CA ALA A 81 -6.48 -27.13 52.49
C ALA A 81 -7.58 -26.23 53.05
N LYS A 82 -7.65 -26.13 54.37
CA LYS A 82 -8.62 -25.24 55.01
C LYS A 82 -8.21 -23.77 54.83
N ASP A 83 -9.14 -22.97 54.32
CA ASP A 83 -8.89 -21.56 54.03
C ASP A 83 -7.67 -21.37 53.13
N ASP A 84 -7.51 -22.30 52.19
CA ASP A 84 -6.38 -22.28 51.27
C ASP A 84 -6.79 -22.90 49.94
N PRO A 85 -7.41 -22.09 49.06
CA PRO A 85 -7.94 -22.52 47.77
C PRO A 85 -6.87 -23.11 46.87
N LEU A 86 -7.24 -24.14 46.11
CA LEU A 86 -6.32 -24.78 45.19
C LEU A 86 -6.38 -24.11 43.83
N GLU A 87 -7.54 -23.54 43.52
CA GLU A 87 -7.76 -22.86 42.24
C GLU A 87 -8.53 -21.59 42.45
N PHE A 88 -8.56 -20.74 41.43
CA PHE A 88 -9.29 -19.47 41.49
C PHE A 88 -10.03 -19.25 40.19
N LYS A 89 -11.36 -19.34 40.25
CA LYS A 89 -12.17 -19.29 39.03
C LYS A 89 -12.68 -17.87 38.74
N SER A 90 -12.55 -16.97 39.70
CA SER A 90 -12.95 -15.59 39.49
C SER A 90 -12.11 -14.93 38.39
N HIS A 91 -12.80 -14.29 37.44
CA HIS A 91 -12.17 -13.63 36.31
C HIS A 91 -11.31 -14.60 35.48
N GLN A 92 -11.80 -15.83 35.33
CA GLN A 92 -11.05 -16.85 34.60
C GLN A 92 -11.29 -16.75 33.09
N TRP A 93 -12.25 -15.91 32.71
CA TRP A 93 -12.62 -15.71 31.30
C TRP A 93 -13.07 -17.01 30.66
N PHE A 94 -13.88 -17.79 31.37
CA PHE A 94 -14.44 -18.99 30.76
C PHE A 94 -15.45 -18.60 29.70
N GLY A 95 -15.23 -19.10 28.48
CA GLY A 95 -16.09 -18.76 27.37
C GLY A 95 -15.32 -17.95 26.35
N ALA A 96 -14.07 -17.63 26.68
CA ALA A 96 -13.21 -16.83 25.82
C ALA A 96 -12.89 -17.56 24.51
N SER A 97 -13.13 -18.87 24.49
CA SER A 97 -12.98 -19.66 23.28
C SER A 97 -14.01 -20.77 23.29
N VAL A 98 -14.70 -20.96 22.16
CA VAL A 98 -15.73 -21.98 22.06
C VAL A 98 -15.62 -22.72 20.73
N ARG A 99 -15.58 -24.04 20.80
CA ARG A 99 -15.58 -24.87 19.60
C ARG A 99 -16.54 -26.04 19.80
N SER A 100 -17.08 -26.54 18.69
CA SER A 100 -18.04 -27.63 18.74
C SER A 100 -17.90 -28.51 17.52
N LYS A 101 -17.74 -29.80 17.77
CA LYS A 101 -17.75 -30.79 16.70
C LYS A 101 -18.85 -31.81 16.98
N GLN A 102 -19.93 -31.70 16.21
CA GLN A 102 -21.08 -32.60 16.37
C GLN A 102 -21.69 -32.49 17.77
N ASP A 103 -21.71 -33.60 18.50
CA ASP A 103 -22.38 -33.62 19.81
C ASP A 103 -21.53 -33.05 20.94
N LYS A 104 -20.27 -32.77 20.65
CA LYS A 104 -19.33 -32.35 21.69
C LYS A 104 -19.00 -30.86 21.65
N ILE A 105 -18.98 -30.24 22.83
CA ILE A 105 -18.67 -28.82 22.95
C ILE A 105 -17.44 -28.59 23.83
N LEU A 106 -16.48 -27.82 23.31
CA LEU A 106 -15.29 -27.49 24.07
C LEU A 106 -15.23 -25.98 24.36
N ALA A 107 -15.10 -25.64 25.63
CA ALA A 107 -15.02 -24.24 26.05
C ALA A 107 -13.87 -24.07 27.04
N CYS A 108 -13.23 -22.90 27.02
CA CYS A 108 -12.00 -22.71 27.79
C CYS A 108 -11.97 -21.44 28.66
N ALA A 109 -11.14 -21.50 29.70
CA ALA A 109 -10.94 -20.38 30.61
C ALA A 109 -9.46 -20.03 30.66
N PRO A 110 -9.00 -19.21 29.71
CA PRO A 110 -7.58 -18.89 29.53
C PRO A 110 -6.98 -18.08 30.68
N LEU A 111 -7.80 -17.63 31.62
CA LEU A 111 -7.28 -16.86 32.76
C LEU A 111 -7.54 -17.56 34.09
N TYR A 112 -7.96 -18.81 34.02
CA TYR A 112 -8.11 -19.64 35.20
C TYR A 112 -6.78 -19.74 35.92
N HIS A 113 -6.77 -19.39 37.20
CA HIS A 113 -5.55 -19.45 37.99
C HIS A 113 -5.49 -20.68 38.90
N TRP A 114 -4.26 -21.07 39.25
CA TRP A 114 -4.00 -22.35 39.88
C TRP A 114 -2.87 -22.23 40.90
N ARG A 115 -3.08 -22.78 42.07
CA ARG A 115 -2.19 -22.56 43.21
C ARG A 115 -0.90 -23.36 43.11
N THR A 116 -0.98 -24.47 42.38
CA THR A 116 0.04 -25.53 42.43
C THR A 116 0.02 -26.21 43.80
N GLU A 117 0.66 -27.37 43.87
CA GLU A 117 0.71 -28.11 45.13
C GLU A 117 2.12 -28.14 45.69
N MET A 118 2.96 -27.23 45.22
CA MET A 118 4.32 -27.12 45.70
C MET A 118 4.47 -25.91 46.62
N LYS A 119 3.79 -24.83 46.27
CA LYS A 119 3.91 -23.56 46.99
C LYS A 119 2.72 -22.67 46.70
N GLN A 120 2.52 -21.66 47.54
CA GLN A 120 1.44 -20.69 47.34
C GLN A 120 1.67 -19.91 46.05
N GLU A 121 0.82 -20.13 45.06
CA GLU A 121 0.93 -19.45 43.77
C GLU A 121 -0.42 -19.04 43.23
N ARG A 122 -0.40 -18.30 42.12
CA ARG A 122 -1.60 -17.94 41.39
C ARG A 122 -1.25 -17.89 39.92
N GLU A 123 -1.00 -19.06 39.35
CA GLU A 123 -0.52 -19.17 37.98
C GLU A 123 -1.67 -19.47 37.02
N PRO A 124 -1.78 -18.66 35.96
CA PRO A 124 -2.81 -18.80 34.94
C PRO A 124 -2.49 -19.92 33.96
N VAL A 125 -2.69 -21.16 34.40
CA VAL A 125 -2.46 -22.31 33.53
C VAL A 125 -3.56 -22.40 32.49
N GLY A 126 -4.75 -21.94 32.86
CA GLY A 126 -5.92 -22.06 32.00
C GLY A 126 -6.50 -23.46 32.06
N THR A 127 -7.79 -23.56 31.81
CA THR A 127 -8.45 -24.86 31.78
C THR A 127 -9.58 -24.87 30.74
N CYS A 128 -9.98 -26.05 30.31
CA CYS A 128 -11.09 -26.18 29.38
C CYS A 128 -12.11 -27.18 29.91
N PHE A 129 -13.32 -27.10 29.39
CA PHE A 129 -14.36 -28.06 29.74
C PHE A 129 -14.99 -28.66 28.49
N LEU A 130 -14.94 -29.99 28.40
CA LEU A 130 -15.54 -30.71 27.28
C LEU A 130 -16.85 -31.36 27.70
N GLN A 131 -17.95 -30.98 27.04
CA GLN A 131 -19.25 -31.54 27.36
C GLN A 131 -19.82 -32.39 26.22
N ASP A 132 -20.56 -33.42 26.59
CA ASP A 132 -21.25 -34.28 25.64
C ASP A 132 -22.58 -34.71 26.25
N GLY A 133 -23.64 -34.02 25.87
CA GLY A 133 -24.95 -34.27 26.44
C GLY A 133 -24.99 -33.89 27.92
N THR A 134 -24.77 -34.87 28.79
CA THR A 134 -24.81 -34.63 30.23
C THR A 134 -23.45 -34.84 30.87
N LYS A 135 -22.58 -35.60 30.22
CA LYS A 135 -21.24 -35.85 30.73
C LYS A 135 -20.35 -34.63 30.50
N THR A 136 -19.60 -34.25 31.54
CA THR A 136 -18.69 -33.13 31.43
C THR A 136 -17.33 -33.45 32.06
N VAL A 137 -16.29 -33.41 31.25
CA VAL A 137 -14.94 -33.64 31.74
C VAL A 137 -14.15 -32.33 31.72
N GLU A 138 -13.06 -32.26 32.49
CA GLU A 138 -12.23 -31.07 32.50
C GLU A 138 -10.88 -31.33 31.86
N TYR A 139 -10.66 -30.72 30.71
CA TYR A 139 -9.39 -30.82 30.00
C TYR A 139 -8.53 -29.61 30.34
N ALA A 140 -7.32 -29.85 30.86
CA ALA A 140 -6.44 -28.78 31.28
C ALA A 140 -4.98 -29.19 31.19
N PRO A 141 -4.50 -29.44 29.96
CA PRO A 141 -3.15 -29.99 29.75
C PRO A 141 -2.04 -29.20 30.44
N CYS A 142 -2.16 -27.89 30.50
CA CYS A 142 -1.09 -27.08 31.08
C CYS A 142 -1.07 -27.12 32.61
N ARG A 143 -2.16 -27.58 33.22
CA ARG A 143 -2.21 -27.74 34.66
C ARG A 143 -1.44 -29.00 35.06
N SER A 144 -0.13 -28.95 34.94
CA SER A 144 0.71 -30.09 35.28
C SER A 144 1.64 -29.74 36.43
N GLN A 145 2.56 -30.65 36.73
CA GLN A 145 3.48 -30.45 37.83
C GLN A 145 4.78 -29.84 37.33
N ASP A 146 4.77 -29.44 36.07
CA ASP A 146 5.82 -28.60 35.50
C ASP A 146 5.38 -27.15 35.67
N ILE A 147 5.64 -26.58 36.84
CA ILE A 147 5.08 -25.29 37.21
C ILE A 147 6.00 -24.11 36.95
N ASP A 148 5.52 -22.93 37.33
CA ASP A 148 6.20 -21.64 37.11
C ASP A 148 6.27 -21.22 35.64
N ALA A 149 6.84 -20.04 35.40
CA ALA A 149 6.87 -19.46 34.06
C ALA A 149 7.78 -20.23 33.10
N ASP A 150 8.87 -20.79 33.62
CA ASP A 150 9.78 -21.57 32.80
C ASP A 150 9.08 -22.84 32.33
N GLY A 151 8.09 -23.27 33.11
CA GLY A 151 7.30 -24.43 32.75
C GLY A 151 6.02 -24.04 32.04
N GLN A 152 4.90 -24.60 32.49
CA GLN A 152 3.61 -24.31 31.89
C GLN A 152 2.71 -23.53 32.85
N GLY A 153 3.32 -22.87 33.83
CA GLY A 153 2.57 -22.14 34.84
C GLY A 153 1.70 -21.05 34.25
N PHE A 154 2.27 -20.29 33.31
CA PHE A 154 1.56 -19.14 32.73
C PHE A 154 1.05 -19.45 31.34
N CYS A 155 0.93 -20.74 31.05
CA CYS A 155 0.52 -21.25 29.75
C CYS A 155 -0.74 -20.60 29.19
N GLN A 156 -1.73 -20.39 30.06
CA GLN A 156 -3.03 -19.89 29.65
C GLN A 156 -3.62 -20.76 28.54
N GLY A 157 -3.48 -22.07 28.69
CA GLY A 157 -3.97 -23.02 27.71
C GLY A 157 -5.46 -22.91 27.49
N GLY A 158 -5.86 -22.90 26.22
CA GLY A 158 -7.26 -22.70 25.87
C GLY A 158 -7.49 -21.32 25.29
N PHE A 159 -6.42 -20.53 25.21
CA PHE A 159 -6.47 -19.20 24.62
C PHE A 159 -7.04 -19.26 23.21
N SER A 160 -6.74 -20.34 22.51
CA SER A 160 -7.32 -20.64 21.21
C SER A 160 -7.41 -22.16 21.04
N ILE A 161 -8.50 -22.64 20.44
CA ILE A 161 -8.76 -24.07 20.31
C ILE A 161 -9.37 -24.44 18.96
N ASP A 162 -9.33 -25.73 18.62
CA ASP A 162 -9.93 -26.23 17.38
C ASP A 162 -9.95 -27.76 17.36
N PHE A 163 -10.98 -28.34 16.74
CA PHE A 163 -11.06 -29.77 16.50
C PHE A 163 -10.48 -30.12 15.13
N THR A 164 -9.97 -31.33 14.99
CA THR A 164 -9.58 -31.82 13.67
C THR A 164 -10.67 -32.74 13.15
N LYS A 165 -10.51 -33.21 11.92
CA LYS A 165 -11.53 -34.06 11.30
C LYS A 165 -11.65 -35.39 12.02
N ALA A 166 -10.51 -35.90 12.49
CA ALA A 166 -10.48 -37.20 13.17
C ALA A 166 -10.76 -37.07 14.65
N ASP A 167 -11.63 -36.14 15.01
CA ASP A 167 -12.00 -35.89 16.40
C ASP A 167 -10.78 -35.76 17.30
N ARG A 168 -10.03 -34.69 17.11
CA ARG A 168 -8.83 -34.44 17.89
C ARG A 168 -8.72 -32.95 18.19
N VAL A 169 -8.40 -32.63 19.44
CA VAL A 169 -8.37 -31.24 19.89
C VAL A 169 -7.01 -30.60 19.72
N LEU A 170 -6.98 -29.42 19.11
CA LEU A 170 -5.78 -28.61 19.05
C LEU A 170 -5.93 -27.42 20.00
N LEU A 171 -4.94 -27.21 20.86
CA LEU A 171 -5.05 -26.19 21.91
C LEU A 171 -3.80 -25.32 21.99
N GLY A 172 -4.01 -24.01 22.14
CA GLY A 172 -2.91 -23.07 22.19
C GLY A 172 -2.67 -22.47 23.56
N GLY A 173 -1.40 -22.39 23.95
CA GLY A 173 -1.01 -21.80 25.21
C GLY A 173 0.14 -20.83 25.04
N PRO A 174 -0.18 -19.54 24.89
CA PRO A 174 0.78 -18.48 24.55
C PRO A 174 1.83 -18.23 25.63
N GLY A 175 1.60 -18.70 26.84
CA GLY A 175 2.46 -18.35 27.96
C GLY A 175 3.48 -19.40 28.36
N SER A 176 3.38 -20.61 27.81
CA SER A 176 4.30 -21.68 28.17
C SER A 176 5.75 -21.32 27.88
N PHE A 177 6.64 -21.80 28.75
CA PHE A 177 8.08 -21.63 28.59
C PHE A 177 8.50 -20.19 28.35
N TYR A 178 8.30 -19.34 29.36
CA TYR A 178 8.61 -17.92 29.24
C TYR A 178 7.93 -17.26 28.03
N TRP A 179 6.65 -17.58 27.85
CA TRP A 179 5.84 -16.98 26.80
C TRP A 179 6.34 -17.28 25.39
N GLN A 180 7.12 -18.33 25.26
CA GLN A 180 7.45 -18.88 23.95
C GLN A 180 6.14 -19.31 23.28
N GLY A 181 5.26 -19.90 24.07
CA GLY A 181 4.00 -20.41 23.57
C GLY A 181 4.04 -21.92 23.42
N GLN A 182 2.87 -22.53 23.23
CA GLN A 182 2.81 -23.97 23.12
C GLN A 182 1.56 -24.46 22.39
N LEU A 183 1.71 -25.53 21.63
CA LEU A 183 0.59 -26.24 21.03
C LEU A 183 0.49 -27.62 21.66
N ILE A 184 -0.72 -28.01 22.05
CA ILE A 184 -0.94 -29.35 22.61
C ILE A 184 -2.17 -30.00 21.98
N SER A 185 -1.98 -31.18 21.40
CA SER A 185 -3.11 -31.89 20.79
C SER A 185 -3.38 -33.24 21.42
N ASP A 186 -4.63 -33.48 21.79
CA ASP A 186 -5.03 -34.75 22.37
C ASP A 186 -6.25 -35.35 21.70
N GLN A 187 -6.34 -36.68 21.73
CA GLN A 187 -7.51 -37.38 21.22
C GLN A 187 -8.71 -37.17 22.14
N VAL A 188 -9.84 -36.79 21.56
CA VAL A 188 -11.05 -36.53 22.32
C VAL A 188 -11.43 -37.75 23.15
N ALA A 189 -11.23 -38.93 22.58
CA ALA A 189 -11.48 -40.18 23.27
C ALA A 189 -10.72 -40.25 24.59
N GLU A 190 -9.43 -39.92 24.55
CA GLU A 190 -8.60 -39.99 25.75
C GLU A 190 -8.93 -38.87 26.73
N ILE A 191 -9.33 -37.73 26.20
CA ILE A 191 -9.69 -36.58 27.03
C ILE A 191 -10.87 -36.94 27.91
N VAL A 192 -11.75 -37.79 27.38
CA VAL A 192 -12.92 -38.26 28.11
C VAL A 192 -12.61 -39.50 28.94
N SER A 193 -12.02 -40.50 28.28
CA SER A 193 -11.79 -41.80 28.91
C SER A 193 -10.81 -41.76 30.07
N LYS A 194 -9.85 -40.85 30.01
CA LYS A 194 -8.83 -40.78 31.06
C LYS A 194 -9.11 -39.71 32.10
N TYR A 195 -10.30 -39.12 32.05
CA TYR A 195 -10.65 -38.10 33.04
C TYR A 195 -10.81 -38.71 34.41
N ASP A 196 -10.19 -38.07 35.41
CA ASP A 196 -10.30 -38.52 36.79
C ASP A 196 -10.33 -37.29 37.69
N PRO A 197 -11.48 -37.05 38.34
CA PRO A 197 -11.73 -35.86 39.17
C PRO A 197 -10.81 -35.76 40.37
N ASN A 198 -10.18 -36.86 40.75
CA ASN A 198 -9.28 -36.87 41.90
C ASN A 198 -7.82 -36.69 41.51
N VAL A 199 -7.60 -36.43 40.23
CA VAL A 199 -6.25 -36.14 39.73
C VAL A 199 -6.25 -34.81 38.99
N TYR A 200 -5.46 -33.87 39.48
CA TYR A 200 -5.41 -32.54 38.89
C TYR A 200 -4.44 -32.46 37.71
N SER A 201 -3.55 -33.43 37.62
CA SER A 201 -2.57 -33.46 36.55
C SER A 201 -2.61 -34.75 35.75
N ILE A 202 -3.64 -34.87 34.90
CA ILE A 202 -3.85 -36.06 34.08
C ILE A 202 -2.89 -36.12 32.89
N LYS A 203 -2.33 -37.30 32.64
CA LYS A 203 -1.45 -37.51 31.49
C LYS A 203 -2.11 -38.41 30.45
N TYR A 204 -2.28 -37.89 29.24
CA TYR A 204 -2.94 -38.61 28.18
C TYR A 204 -1.91 -39.32 27.30
N ASN A 205 -2.26 -40.50 26.80
CA ASN A 205 -1.29 -41.34 26.12
C ASN A 205 -0.84 -40.82 24.76
N ASN A 206 -1.80 -40.64 23.85
CA ASN A 206 -1.47 -40.20 22.50
C ASN A 206 -1.45 -38.69 22.37
N GLN A 207 -0.74 -38.03 23.28
CA GLN A 207 -0.66 -36.58 23.27
C GLN A 207 0.47 -36.08 22.37
N LEU A 208 0.15 -35.10 21.54
CA LEU A 208 1.14 -34.36 20.78
C LEU A 208 1.31 -32.99 21.43
N ALA A 209 2.55 -32.53 21.53
CA ALA A 209 2.82 -31.23 22.12
C ALA A 209 4.19 -30.66 21.72
N THR A 210 4.19 -29.40 21.31
CA THR A 210 5.44 -28.69 21.07
C THR A 210 6.18 -28.58 22.40
N ARG A 211 7.49 -28.42 22.33
CA ARG A 211 8.30 -28.41 23.54
C ARG A 211 9.14 -27.15 23.64
N THR A 212 9.66 -26.89 24.84
CA THR A 212 10.46 -25.69 25.09
C THR A 212 11.66 -25.63 24.16
N ALA A 213 12.11 -24.40 23.87
CA ALA A 213 13.27 -24.17 23.03
C ALA A 213 14.18 -23.11 23.64
N GLN A 214 15.13 -22.64 22.87
CA GLN A 214 16.10 -21.65 23.33
C GLN A 214 15.40 -20.37 23.78
N ALA A 215 16.07 -19.59 24.63
CA ALA A 215 15.45 -18.43 25.26
C ALA A 215 15.33 -17.23 24.33
N ILE A 216 15.86 -17.36 23.12
CA ILE A 216 15.73 -16.30 22.13
C ILE A 216 14.30 -16.30 21.58
N PHE A 217 13.62 -17.42 21.77
CA PHE A 217 12.25 -17.58 21.27
C PHE A 217 11.23 -17.14 22.31
N ASP A 218 11.70 -16.61 23.42
CA ASP A 218 10.80 -16.19 24.50
C ASP A 218 9.89 -15.06 24.04
N ASP A 219 8.74 -14.95 24.71
CA ASP A 219 7.74 -13.92 24.41
C ASP A 219 7.38 -13.89 22.92
N SER A 220 6.97 -15.03 22.39
CA SER A 220 6.59 -15.12 20.99
C SER A 220 5.09 -15.36 20.85
N TYR A 221 4.50 -15.92 21.90
CA TYR A 221 3.06 -16.17 21.98
C TYR A 221 2.56 -17.22 21.00
N LEU A 222 3.31 -18.31 20.85
CA LEU A 222 2.86 -19.43 20.04
C LEU A 222 1.53 -19.95 20.58
N GLY A 223 0.55 -20.10 19.71
CA GLY A 223 -0.77 -20.55 20.12
C GLY A 223 -1.70 -19.41 20.45
N TYR A 224 -1.34 -18.20 20.02
CA TYR A 224 -2.22 -17.04 20.14
C TYR A 224 -3.49 -17.32 19.36
N SER A 225 -3.33 -17.91 18.18
CA SER A 225 -4.45 -18.33 17.36
C SER A 225 -4.16 -19.71 16.78
N VAL A 226 -5.19 -20.47 16.46
CA VAL A 226 -5.02 -21.77 15.81
C VAL A 226 -6.05 -22.06 14.73
N ALA A 227 -5.63 -22.82 13.73
CA ALA A 227 -6.53 -23.32 12.69
C ALA A 227 -6.00 -24.66 12.22
N VAL A 228 -6.86 -25.50 11.67
CA VAL A 228 -6.42 -26.81 11.20
C VAL A 228 -6.75 -27.06 9.73
N GLY A 229 -5.92 -27.88 9.09
CA GLY A 229 -6.07 -28.18 7.69
C GLY A 229 -4.96 -29.10 7.23
N ASP A 230 -5.08 -29.62 6.02
CA ASP A 230 -4.11 -30.59 5.53
C ASP A 230 -3.07 -29.95 4.62
N PHE A 231 -1.80 -30.14 4.96
CA PHE A 231 -0.72 -29.49 4.22
C PHE A 231 0.40 -30.46 3.85
N ASN A 232 0.04 -31.72 3.68
CA ASN A 232 0.95 -32.74 3.17
C ASN A 232 0.16 -33.87 2.53
N GLY A 233 0.81 -35.00 2.32
CA GLY A 233 0.19 -36.14 1.67
C GLY A 233 -1.05 -36.67 2.37
N ASP A 234 -0.87 -37.19 3.58
CA ASP A 234 -1.94 -37.84 4.32
C ASP A 234 -3.15 -36.95 4.49
N GLY A 235 -4.32 -37.55 4.65
CA GLY A 235 -5.55 -36.81 4.84
C GLY A 235 -5.78 -36.47 6.30
N ILE A 236 -4.69 -36.17 7.01
CA ILE A 236 -4.77 -35.80 8.42
C ILE A 236 -4.59 -34.31 8.60
N ASP A 237 -5.48 -33.71 9.39
CA ASP A 237 -5.40 -32.28 9.66
C ASP A 237 -4.10 -31.92 10.36
N ASP A 238 -3.39 -30.95 9.81
CA ASP A 238 -2.16 -30.45 10.39
C ASP A 238 -2.46 -29.22 11.23
N PHE A 239 -1.49 -28.76 12.01
CA PHE A 239 -1.72 -27.68 12.96
C PHE A 239 -1.14 -26.35 12.51
N VAL A 240 -2.01 -25.34 12.38
CA VAL A 240 -1.59 -24.00 12.01
C VAL A 240 -1.75 -23.04 13.19
N SER A 241 -0.68 -22.34 13.55
CA SER A 241 -0.73 -21.42 14.68
C SER A 241 -0.05 -20.08 14.41
N GLY A 242 -0.63 -19.02 14.95
CA GLY A 242 -0.06 -17.69 14.84
C GLY A 242 0.89 -17.40 15.99
N VAL A 243 2.04 -16.84 15.65
CA VAL A 243 3.04 -16.49 16.65
C VAL A 243 3.40 -15.01 16.49
N PRO A 244 2.50 -14.13 16.94
CA PRO A 244 2.50 -12.69 16.64
C PRO A 244 3.71 -11.90 17.13
N ARG A 245 4.43 -12.41 18.13
CA ARG A 245 5.60 -11.69 18.63
C ARG A 245 6.91 -12.31 18.15
N ALA A 246 6.80 -13.39 17.37
CA ALA A 246 7.98 -14.07 16.85
C ALA A 246 8.82 -13.17 15.97
N ALA A 247 10.09 -13.51 15.83
CA ALA A 247 11.03 -12.77 14.99
C ALA A 247 11.02 -11.28 15.29
N ARG A 248 11.27 -10.93 16.55
CA ARG A 248 11.37 -9.53 16.94
C ARG A 248 10.10 -8.75 16.59
N THR A 249 8.95 -9.35 16.90
CA THR A 249 7.63 -8.81 16.61
C THR A 249 7.33 -8.65 15.11
N LEU A 250 8.09 -9.33 14.26
CA LEU A 250 7.71 -9.44 12.85
C LEU A 250 6.46 -10.29 12.78
N GLY A 251 6.37 -11.25 13.68
CA GLY A 251 5.27 -12.20 13.70
C GLY A 251 5.56 -13.37 12.81
N MET A 252 5.12 -14.56 13.23
CA MET A 252 5.27 -15.74 12.40
C MET A 252 4.03 -16.62 12.49
N VAL A 253 3.91 -17.52 11.52
CA VAL A 253 2.89 -18.56 11.56
C VAL A 253 3.55 -19.92 11.38
N TYR A 254 3.38 -20.78 12.39
CA TYR A 254 3.94 -22.11 12.36
C TYR A 254 2.92 -23.11 11.85
N ILE A 255 3.39 -24.13 11.14
CA ILE A 255 2.54 -25.26 10.78
C ILE A 255 3.18 -26.58 11.18
N TYR A 256 2.51 -27.32 12.05
CA TYR A 256 3.02 -28.60 12.53
C TYR A 256 2.28 -29.79 11.93
N ASP A 257 3.00 -30.89 11.73
CA ASP A 257 2.41 -32.12 11.23
C ASP A 257 1.40 -32.64 12.23
N GLY A 258 0.19 -32.94 11.75
CA GLY A 258 -0.87 -33.44 12.60
C GLY A 258 -0.63 -34.84 13.14
N LYS A 259 0.36 -35.54 12.60
CA LYS A 259 0.68 -36.89 13.04
C LYS A 259 1.58 -36.89 14.26
N ASN A 260 2.68 -36.15 14.19
CA ASN A 260 3.69 -36.19 15.24
C ASN A 260 4.29 -34.83 15.63
N MET A 261 3.51 -33.78 15.46
CA MET A 261 3.91 -32.41 15.83
C MET A 261 5.27 -32.02 15.24
N SER A 262 5.54 -32.48 14.01
CA SER A 262 6.75 -32.13 13.31
C SER A 262 6.55 -30.84 12.53
N SER A 263 7.57 -29.99 12.50
CA SER A 263 7.46 -28.72 11.79
C SER A 263 7.40 -28.92 10.28
N LEU A 264 6.52 -28.17 9.61
CA LEU A 264 6.32 -28.30 8.17
C LEU A 264 6.71 -27.03 7.43
N TYR A 265 5.91 -25.98 7.58
CA TYR A 265 6.18 -24.71 6.92
C TYR A 265 6.11 -23.55 7.91
N ASN A 266 6.83 -22.47 7.60
CA ASN A 266 6.74 -21.25 8.38
C ASN A 266 6.32 -20.08 7.50
N PHE A 267 5.63 -19.12 8.11
CA PHE A 267 5.35 -17.85 7.47
C PHE A 267 5.93 -16.75 8.35
N THR A 268 6.39 -15.66 7.73
CA THR A 268 6.95 -14.55 8.49
C THR A 268 6.39 -13.22 8.02
N GLY A 269 5.94 -12.40 8.95
CA GLY A 269 5.45 -11.07 8.63
C GLY A 269 6.57 -10.19 8.14
N GLU A 270 6.23 -9.05 7.55
CA GLU A 270 7.23 -8.17 6.97
C GLU A 270 7.32 -6.80 7.66
N GLN A 271 6.35 -6.50 8.51
CA GLN A 271 6.34 -5.26 9.26
C GLN A 271 6.21 -5.54 10.76
N MET A 272 7.17 -5.06 11.53
CA MET A 272 7.17 -5.32 12.97
C MET A 272 5.98 -4.66 13.66
N ALA A 273 5.55 -5.26 14.76
CA ALA A 273 4.42 -4.78 15.58
C ALA A 273 3.06 -4.84 14.88
N ALA A 274 3.03 -5.31 13.64
CA ALA A 274 1.78 -5.43 12.89
C ALA A 274 0.89 -6.56 13.41
N TYR A 275 1.41 -7.34 14.37
CA TYR A 275 0.72 -8.49 14.93
C TYR A 275 0.28 -9.51 13.88
N PHE A 276 1.19 -9.79 12.96
CA PHE A 276 1.05 -10.87 11.99
C PHE A 276 0.88 -12.19 12.73
N GLY A 277 -0.31 -12.77 12.65
CA GLY A 277 -0.60 -14.03 13.32
C GLY A 277 -1.66 -13.91 14.40
N PHE A 278 -2.25 -12.72 14.49
CA PHE A 278 -3.34 -12.47 15.43
C PHE A 278 -4.51 -13.39 15.14
N SER A 279 -4.71 -13.66 13.86
CA SER A 279 -5.77 -14.55 13.44
C SER A 279 -5.29 -15.42 12.30
N VAL A 280 -5.68 -16.68 12.31
CA VAL A 280 -5.36 -17.59 11.23
C VAL A 280 -6.60 -18.35 10.81
N ALA A 281 -6.59 -18.83 9.58
CA ALA A 281 -7.72 -19.60 9.06
C ALA A 281 -7.25 -20.48 7.92
N ALA A 282 -7.85 -21.65 7.79
CA ALA A 282 -7.53 -22.56 6.70
C ALA A 282 -8.81 -22.99 5.99
N THR A 283 -8.80 -22.83 4.67
CA THR A 283 -9.95 -23.21 3.85
C THR A 283 -9.52 -23.28 2.40
N ASP A 284 -10.13 -24.18 1.64
CA ASP A 284 -9.83 -24.29 0.21
C ASP A 284 -10.60 -23.25 -0.56
N ILE A 285 -9.90 -22.22 -1.02
CA ILE A 285 -10.56 -21.05 -1.60
C ILE A 285 -10.68 -21.11 -3.13
N ASN A 286 -9.93 -22.00 -3.77
CA ASN A 286 -9.95 -22.09 -5.22
C ASN A 286 -10.34 -23.47 -5.76
N GLY A 287 -11.15 -24.18 -4.99
CA GLY A 287 -11.73 -25.44 -5.42
C GLY A 287 -10.77 -26.43 -6.05
N ASP A 288 -9.65 -26.68 -5.37
CA ASP A 288 -8.68 -27.65 -5.86
C ASP A 288 -8.30 -28.67 -4.78
N ASP A 289 -9.16 -28.77 -3.76
CA ASP A 289 -9.00 -29.72 -2.65
C ASP A 289 -7.69 -29.50 -1.89
N TYR A 290 -7.13 -28.32 -1.99
CA TYR A 290 -5.91 -27.97 -1.28
C TYR A 290 -6.14 -26.78 -0.36
N ALA A 291 -6.13 -27.04 0.95
CA ALA A 291 -6.42 -26.00 1.93
C ALA A 291 -5.47 -24.82 1.80
N ASP A 292 -6.01 -23.62 1.94
CA ASP A 292 -5.22 -22.41 1.77
C ASP A 292 -5.15 -21.62 3.07
N VAL A 293 -3.99 -21.01 3.32
CA VAL A 293 -3.74 -20.32 4.59
C VAL A 293 -4.05 -18.84 4.54
N PHE A 294 -4.78 -18.37 5.55
CA PHE A 294 -5.07 -16.95 5.71
C PHE A 294 -4.50 -16.45 7.03
N ILE A 295 -3.73 -15.37 6.97
CA ILE A 295 -3.10 -14.80 8.14
C ILE A 295 -3.47 -13.33 8.33
N GLY A 296 -3.86 -12.98 9.55
CA GLY A 296 -4.27 -11.62 9.84
C GLY A 296 -3.24 -10.79 10.58
N ALA A 297 -2.97 -9.60 10.08
CA ALA A 297 -2.10 -8.64 10.75
C ALA A 297 -2.85 -7.31 10.88
N PRO A 298 -3.67 -7.20 11.92
CA PRO A 298 -4.65 -6.11 12.07
C PRO A 298 -4.02 -4.74 12.24
N LEU A 299 -2.74 -4.68 12.56
CA LEU A 299 -2.08 -3.40 12.79
C LEU A 299 -1.01 -3.11 11.76
N PHE A 300 -1.15 -3.72 10.59
CA PHE A 300 -0.22 -3.49 9.49
C PHE A 300 -0.39 -2.09 8.96
N MET A 301 0.72 -1.44 8.63
CA MET A 301 0.67 -0.12 8.03
C MET A 301 1.16 -0.16 6.59
N ASP A 302 0.24 0.02 5.65
CA ASP A 302 0.60 0.14 4.25
C ASP A 302 0.96 1.59 3.98
N ARG A 303 1.32 1.88 2.73
CA ARG A 303 1.70 3.23 2.37
C ARG A 303 0.53 3.90 1.64
N GLY A 304 0.07 5.02 2.18
CA GLY A 304 -1.01 5.77 1.58
C GLY A 304 -0.64 6.36 0.23
N SER A 305 -1.58 7.06 -0.39
CA SER A 305 -1.33 7.71 -1.67
C SER A 305 -0.31 8.83 -1.51
N ASP A 306 -0.34 9.48 -0.35
CA ASP A 306 0.60 10.54 -0.04
C ASP A 306 2.02 10.00 0.14
N GLY A 307 2.12 8.71 0.47
CA GLY A 307 3.40 8.08 0.71
C GLY A 307 3.62 7.83 2.19
N LYS A 308 2.68 8.29 3.01
CA LYS A 308 2.80 8.15 4.46
C LYS A 308 2.22 6.83 4.97
N LEU A 309 2.85 6.30 6.01
CA LEU A 309 2.36 5.09 6.67
C LEU A 309 0.98 5.33 7.26
N GLN A 310 0.12 4.33 7.15
CA GLN A 310 -1.21 4.39 7.73
C GLN A 310 -1.67 3.00 8.16
N GLU A 311 -2.12 2.89 9.41
CA GLU A 311 -2.53 1.60 9.96
C GLU A 311 -3.89 1.17 9.43
N VAL A 312 -3.90 0.15 8.57
CA VAL A 312 -5.13 -0.33 7.98
C VAL A 312 -5.28 -1.85 8.14
N GLY A 313 -4.20 -2.51 8.53
CA GLY A 313 -4.22 -3.95 8.72
C GLY A 313 -4.17 -4.70 7.40
N GLN A 314 -3.58 -5.88 7.40
CA GLN A 314 -3.36 -6.64 6.18
C GLN A 314 -3.61 -8.13 6.40
N VAL A 315 -4.15 -8.79 5.37
CA VAL A 315 -4.37 -10.22 5.42
C VAL A 315 -3.55 -10.94 4.36
N SER A 316 -2.80 -11.95 4.77
CA SER A 316 -1.98 -12.73 3.85
C SER A 316 -2.78 -13.93 3.34
N VAL A 317 -2.81 -14.09 2.02
CA VAL A 317 -3.53 -15.20 1.40
C VAL A 317 -2.55 -16.12 0.68
N SER A 318 -2.36 -17.32 1.21
CA SER A 318 -1.39 -18.26 0.65
C SER A 318 -2.04 -19.50 0.04
N LEU A 319 -2.00 -19.58 -1.28
CA LEU A 319 -2.58 -20.71 -2.01
C LEU A 319 -1.62 -21.90 -1.99
N GLN A 320 -2.12 -23.05 -1.54
CA GLN A 320 -1.30 -24.25 -1.47
C GLN A 320 -1.26 -24.98 -2.81
N ARG A 321 -0.06 -25.41 -3.20
CA ARG A 321 0.12 -26.18 -4.42
C ARG A 321 0.63 -27.57 -4.06
N ALA A 322 0.35 -28.54 -4.92
CA ALA A 322 0.77 -29.93 -4.70
C ALA A 322 2.28 -30.05 -4.58
N SER A 323 2.97 -29.05 -5.10
CA SER A 323 4.43 -28.99 -5.04
C SER A 323 4.92 -28.87 -3.61
N GLY A 324 4.23 -28.06 -2.82
CA GLY A 324 4.65 -27.78 -1.46
C GLY A 324 4.85 -26.28 -1.26
N ASP A 325 5.15 -25.59 -2.36
CA ASP A 325 5.33 -24.15 -2.32
C ASP A 325 3.99 -23.45 -2.29
N PHE A 326 3.86 -22.45 -1.43
CA PHE A 326 2.66 -21.64 -1.38
C PHE A 326 2.76 -20.48 -2.37
N GLN A 327 1.60 -20.07 -2.89
CA GLN A 327 1.52 -18.92 -3.77
C GLN A 327 0.76 -17.82 -3.04
N THR A 328 1.50 -16.82 -2.56
CA THR A 328 0.93 -15.85 -1.63
C THR A 328 0.73 -14.45 -2.21
N THR A 329 -0.45 -13.88 -1.96
CA THR A 329 -0.73 -12.48 -2.28
C THR A 329 -1.15 -11.77 -1.00
N LYS A 330 -1.26 -10.45 -1.05
CA LYS A 330 -1.64 -9.70 0.15
C LYS A 330 -2.86 -8.79 -0.06
N LEU A 331 -3.57 -8.53 1.04
CA LEU A 331 -4.88 -7.88 0.98
C LEU A 331 -5.00 -6.85 2.10
N ASN A 332 -5.14 -5.59 1.73
CA ASN A 332 -5.12 -4.50 2.71
C ASN A 332 -6.50 -3.96 3.07
N GLY A 333 -6.61 -3.46 4.29
CA GLY A 333 -7.84 -2.86 4.77
C GLY A 333 -8.15 -1.55 4.08
N PHE A 334 -9.30 -0.97 4.39
CA PHE A 334 -9.78 0.19 3.65
C PHE A 334 -9.91 1.44 4.53
N GLU A 335 -9.98 1.24 5.84
CA GLU A 335 -10.05 2.36 6.78
C GLU A 335 -8.90 2.33 7.77
N VAL A 336 -8.45 3.51 8.18
CA VAL A 336 -7.40 3.63 9.17
C VAL A 336 -7.92 3.25 10.54
N PHE A 337 -7.12 2.48 11.30
CA PHE A 337 -7.44 2.07 12.66
C PHE A 337 -8.67 1.16 12.75
N ALA A 338 -9.06 0.57 11.62
CA ALA A 338 -10.22 -0.30 11.57
C ALA A 338 -9.85 -1.73 11.94
N ARG A 339 -8.55 -2.01 11.88
CA ARG A 339 -8.00 -3.34 12.21
C ARG A 339 -8.57 -4.46 11.35
N PHE A 340 -8.62 -4.21 10.04
CA PHE A 340 -8.96 -5.23 9.06
C PHE A 340 -8.03 -6.42 9.21
N GLY A 341 -8.61 -7.60 9.42
CA GLY A 341 -7.82 -8.80 9.61
C GLY A 341 -7.81 -9.29 11.04
N SER A 342 -8.64 -8.69 11.89
CA SER A 342 -8.76 -9.10 13.28
C SER A 342 -9.43 -10.46 13.39
N ALA A 343 -10.22 -10.81 12.38
CA ALA A 343 -10.93 -12.08 12.38
C ALA A 343 -11.19 -12.56 10.96
N ILE A 344 -10.79 -13.79 10.69
CA ILE A 344 -10.93 -14.38 9.37
C ILE A 344 -11.77 -15.64 9.45
N ALA A 345 -13.00 -15.57 8.96
CA ALA A 345 -13.93 -16.70 9.08
C ALA A 345 -14.33 -17.29 7.74
N PRO A 346 -13.92 -18.54 7.49
CA PRO A 346 -14.35 -19.28 6.30
C PRO A 346 -15.86 -19.47 6.33
N LEU A 347 -16.48 -19.51 5.15
CA LEU A 347 -17.93 -19.57 5.06
C LEU A 347 -18.36 -20.79 4.27
N GLY A 348 -17.38 -21.54 3.78
CA GLY A 348 -17.66 -22.57 2.80
C GLY A 348 -18.10 -21.87 1.54
N ASP A 349 -19.06 -22.44 0.83
CA ASP A 349 -19.55 -21.84 -0.40
C ASP A 349 -20.80 -21.00 -0.15
N LEU A 350 -20.60 -19.72 0.09
CA LEU A 350 -21.70 -18.83 0.48
C LEU A 350 -22.76 -18.67 -0.61
N ASP A 351 -22.32 -18.59 -1.86
CA ASP A 351 -23.24 -18.40 -2.97
C ASP A 351 -23.39 -19.66 -3.81
N GLN A 352 -22.84 -20.76 -3.32
CA GLN A 352 -22.96 -22.06 -3.98
C GLN A 352 -22.52 -22.03 -5.44
N ASP A 353 -21.44 -21.29 -5.72
CA ASP A 353 -20.98 -21.12 -7.09
C ASP A 353 -19.93 -22.17 -7.47
N GLY A 354 -19.57 -23.02 -6.52
CA GLY A 354 -18.57 -24.04 -6.75
C GLY A 354 -17.24 -23.75 -6.11
N PHE A 355 -17.12 -22.58 -5.50
CA PHE A 355 -15.90 -22.20 -4.80
C PHE A 355 -16.20 -21.64 -3.42
N ASN A 356 -15.34 -21.97 -2.45
CA ASN A 356 -15.53 -21.48 -1.08
C ASN A 356 -15.33 -19.98 -0.95
N ASP A 357 -15.84 -19.42 0.12
CA ASP A 357 -15.77 -17.99 0.36
C ASP A 357 -15.30 -17.72 1.79
N ILE A 358 -14.95 -16.47 2.07
CA ILE A 358 -14.36 -16.16 3.36
C ILE A 358 -14.73 -14.73 3.79
N ALA A 359 -14.81 -14.53 5.10
CA ALA A 359 -15.18 -13.23 5.65
C ALA A 359 -14.06 -12.66 6.49
N ILE A 360 -13.71 -11.40 6.22
CA ILE A 360 -12.68 -10.71 6.99
C ILE A 360 -13.28 -9.50 7.70
N ALA A 361 -12.92 -9.32 8.95
CA ALA A 361 -13.54 -8.30 9.78
C ALA A 361 -12.62 -7.11 10.05
N ALA A 362 -13.24 -5.94 10.16
CA ALA A 362 -12.56 -4.73 10.63
C ALA A 362 -13.42 -4.16 11.75
N PRO A 363 -13.33 -4.77 12.94
CA PRO A 363 -14.25 -4.55 14.06
C PRO A 363 -14.26 -3.13 14.62
N TYR A 364 -13.42 -2.24 14.08
CA TYR A 364 -13.43 -0.85 14.51
C TYR A 364 -13.53 0.07 13.30
N GLY A 365 -14.08 -0.46 12.22
CA GLY A 365 -14.26 0.31 11.00
C GLY A 365 -15.65 0.87 10.90
N GLY A 366 -15.96 1.48 9.76
CA GLY A 366 -17.25 2.11 9.56
C GLY A 366 -17.36 3.42 10.31
N GLU A 367 -18.28 4.27 9.88
CA GLU A 367 -18.49 5.52 10.60
C GLU A 367 -19.09 5.23 11.96
N ASP A 368 -18.77 6.09 12.93
CA ASP A 368 -19.08 5.86 14.34
C ASP A 368 -18.38 4.59 14.88
N LYS A 369 -17.42 4.09 14.09
CA LYS A 369 -16.61 2.92 14.44
C LYS A 369 -17.41 1.77 15.04
N LYS A 370 -18.52 1.43 14.38
CA LYS A 370 -19.41 0.38 14.86
C LYS A 370 -18.94 -1.01 14.46
N GLY A 371 -18.13 -1.10 13.42
CA GLY A 371 -17.59 -2.37 12.97
C GLY A 371 -18.05 -2.77 11.58
N ILE A 372 -17.13 -3.31 10.78
CA ILE A 372 -17.44 -3.73 9.42
C ILE A 372 -16.99 -5.17 9.19
N VAL A 373 -17.76 -5.91 8.40
CA VAL A 373 -17.35 -7.25 7.98
C VAL A 373 -17.37 -7.36 6.46
N TYR A 374 -16.24 -7.70 5.88
CA TYR A 374 -16.13 -7.80 4.43
C TYR A 374 -16.23 -9.25 3.97
N ILE A 375 -17.02 -9.48 2.92
CA ILE A 375 -17.19 -10.81 2.35
C ILE A 375 -16.42 -10.93 1.03
N PHE A 376 -15.62 -11.99 0.92
CA PHE A 376 -14.83 -12.23 -0.28
C PHE A 376 -15.14 -13.58 -0.89
N ASN A 377 -15.58 -13.58 -2.15
CA ASN A 377 -15.85 -14.83 -2.84
C ASN A 377 -14.59 -15.43 -3.43
N GLY A 378 -14.51 -16.75 -3.44
CA GLY A 378 -13.40 -17.43 -4.05
C GLY A 378 -13.67 -17.74 -5.51
N ARG A 379 -12.63 -18.18 -6.21
CA ARG A 379 -12.76 -18.60 -7.61
C ARG A 379 -11.54 -19.44 -7.97
N SER A 380 -11.53 -19.98 -9.18
CA SER A 380 -10.45 -20.85 -9.63
C SER A 380 -9.08 -20.19 -9.52
N THR A 381 -9.05 -18.88 -9.78
CA THR A 381 -7.79 -18.14 -9.84
C THR A 381 -7.31 -17.71 -8.46
N GLY A 382 -8.04 -18.13 -7.42
CA GLY A 382 -7.73 -17.71 -6.07
C GLY A 382 -8.87 -16.91 -5.46
N LEU A 383 -8.55 -16.00 -4.56
CA LEU A 383 -9.57 -15.18 -3.91
C LEU A 383 -9.79 -13.88 -4.68
N ASN A 384 -11.04 -13.56 -4.96
CA ASN A 384 -11.37 -12.28 -5.57
C ASN A 384 -11.17 -11.17 -4.55
N ALA A 385 -10.15 -10.34 -4.78
CA ALA A 385 -9.72 -9.36 -3.80
C ALA A 385 -10.74 -8.25 -3.57
N VAL A 386 -11.73 -8.15 -4.44
CA VAL A 386 -12.77 -7.15 -4.27
C VAL A 386 -13.96 -7.72 -3.51
N PRO A 387 -14.25 -7.17 -2.33
CA PRO A 387 -15.35 -7.62 -1.47
C PRO A 387 -16.70 -7.45 -2.18
N SER A 388 -17.52 -8.49 -2.14
CA SER A 388 -18.82 -8.46 -2.80
C SER A 388 -19.92 -7.96 -1.88
N GLN A 389 -19.61 -7.86 -0.59
CA GLN A 389 -20.59 -7.38 0.37
C GLN A 389 -19.91 -6.87 1.63
N ILE A 390 -20.38 -5.74 2.14
CA ILE A 390 -19.94 -5.25 3.44
C ILE A 390 -21.08 -5.38 4.43
N LEU A 391 -20.73 -5.75 5.66
CA LEU A 391 -21.71 -5.87 6.73
C LEU A 391 -21.41 -4.83 7.80
N GLU A 392 -22.38 -3.97 8.08
CA GLU A 392 -22.16 -2.86 8.99
C GLU A 392 -22.80 -3.09 10.35
N GLY A 393 -22.05 -2.79 11.41
CA GLY A 393 -22.56 -2.88 12.76
C GLY A 393 -23.72 -1.93 12.95
N GLN A 394 -24.66 -2.31 13.80
CA GLN A 394 -25.89 -1.54 13.97
C GLN A 394 -26.03 -1.00 15.39
N TRP A 395 -25.01 -1.21 16.21
CA TRP A 395 -25.08 -0.81 17.61
C TRP A 395 -23.93 0.13 17.94
N ALA A 396 -24.25 1.21 18.64
CA ALA A 396 -23.24 2.20 19.03
C ALA A 396 -22.65 1.86 20.39
N ALA A 397 -21.48 2.41 20.67
CA ALA A 397 -20.74 2.12 21.89
C ALA A 397 -21.47 2.61 23.13
N ARG A 398 -21.09 2.06 24.28
CA ARG A 398 -21.55 2.56 25.57
C ARG A 398 -20.32 3.03 26.36
N SER A 399 -19.36 2.12 26.52
CA SER A 399 -18.13 2.42 27.23
C SER A 399 -16.95 1.81 26.49
N MET A 400 -17.26 0.99 25.49
CA MET A 400 -16.27 0.25 24.73
C MET A 400 -16.74 0.14 23.29
N PRO A 401 -15.81 0.00 22.34
CA PRO A 401 -16.25 -0.20 20.96
C PRO A 401 -17.10 -1.45 20.85
N PRO A 402 -18.20 -1.39 20.08
CA PRO A 402 -19.11 -2.52 19.85
C PRO A 402 -18.33 -3.75 19.43
N SER A 403 -17.24 -3.53 18.69
CA SER A 403 -16.34 -4.58 18.25
C SER A 403 -17.06 -5.63 17.42
N PHE A 404 -18.05 -5.16 16.66
CA PHE A 404 -18.77 -6.00 15.70
C PHE A 404 -17.76 -6.57 14.71
N GLY A 405 -17.64 -7.89 14.68
CA GLY A 405 -16.70 -8.55 13.79
C GLY A 405 -15.52 -9.16 14.52
N TYR A 406 -15.34 -8.79 15.78
CA TYR A 406 -14.20 -9.28 16.57
C TYR A 406 -14.19 -10.80 16.62
N SER A 407 -15.37 -11.42 16.60
CA SER A 407 -15.48 -12.86 16.48
C SER A 407 -16.55 -13.22 15.47
N MET A 408 -16.30 -14.26 14.67
CA MET A 408 -17.23 -14.70 13.64
C MET A 408 -17.18 -16.21 13.44
N LYS A 409 -18.20 -16.75 12.78
CA LYS A 409 -18.25 -18.17 12.45
C LYS A 409 -19.29 -18.44 11.36
N GLY A 410 -18.91 -19.26 10.38
CA GLY A 410 -19.81 -19.58 9.29
C GLY A 410 -19.82 -21.04 8.88
N ALA A 411 -20.00 -21.28 7.59
CA ALA A 411 -19.95 -22.61 7.01
C ALA A 411 -20.99 -23.59 7.55
N THR A 412 -22.09 -23.07 8.08
CA THR A 412 -23.14 -23.92 8.61
C THR A 412 -24.54 -23.44 8.22
N ASP A 413 -25.13 -24.13 7.27
CA ASP A 413 -26.48 -23.84 6.79
C ASP A 413 -27.48 -24.15 7.91
N ILE A 414 -27.81 -23.13 8.70
CA ILE A 414 -28.60 -23.33 9.92
C ILE A 414 -30.10 -23.42 9.67
N ASP A 415 -30.57 -22.91 8.54
CA ASP A 415 -31.99 -22.99 8.22
C ASP A 415 -32.26 -23.98 7.10
N LYS A 416 -31.22 -24.77 6.78
CA LYS A 416 -31.30 -25.85 5.81
C LYS A 416 -31.83 -25.40 4.45
N ASN A 417 -31.50 -24.18 4.05
CA ASN A 417 -31.94 -23.62 2.78
C ASN A 417 -30.95 -23.88 1.65
N GLY A 418 -29.88 -24.59 1.96
CA GLY A 418 -28.89 -24.95 0.95
C GLY A 418 -27.69 -24.01 0.93
N TYR A 419 -27.74 -22.97 1.77
CA TYR A 419 -26.69 -21.98 1.80
C TYR A 419 -26.20 -21.75 3.21
N PRO A 420 -24.87 -21.82 3.41
CA PRO A 420 -24.26 -21.64 4.74
C PRO A 420 -24.50 -20.23 5.25
N ASP A 421 -24.61 -20.08 6.56
CA ASP A 421 -24.90 -18.78 7.15
C ASP A 421 -23.77 -18.29 8.02
N LEU A 422 -23.94 -17.13 8.65
CA LEU A 422 -22.82 -16.49 9.35
C LEU A 422 -23.21 -15.85 10.69
N ILE A 423 -22.43 -16.15 11.72
CA ILE A 423 -22.60 -15.53 13.03
C ILE A 423 -21.53 -14.46 13.23
N VAL A 424 -21.96 -13.27 13.63
CA VAL A 424 -21.01 -12.20 13.95
C VAL A 424 -21.18 -11.77 15.40
N GLY A 425 -20.08 -11.66 16.13
CA GLY A 425 -20.12 -11.27 17.53
C GLY A 425 -19.76 -9.82 17.74
N ALA A 426 -20.43 -9.18 18.70
CA ALA A 426 -20.14 -7.81 19.05
C ALA A 426 -20.06 -7.68 20.56
N PHE A 427 -18.97 -8.19 21.14
CA PHE A 427 -18.87 -8.32 22.59
C PHE A 427 -18.90 -6.99 23.32
N GLY A 428 -18.56 -5.91 22.62
CA GLY A 428 -18.57 -4.58 23.21
C GLY A 428 -19.96 -4.17 23.68
N VAL A 429 -20.98 -4.69 22.99
CA VAL A 429 -22.36 -4.36 23.33
C VAL A 429 -23.15 -5.61 23.70
N ASP A 430 -22.42 -6.67 24.05
CA ASP A 430 -23.00 -7.94 24.47
C ASP A 430 -24.05 -8.44 23.49
N ARG A 431 -23.65 -8.51 22.22
CA ARG A 431 -24.57 -8.83 21.16
C ARG A 431 -23.95 -9.83 20.20
N ALA A 432 -24.78 -10.72 19.67
CA ALA A 432 -24.36 -11.62 18.60
C ALA A 432 -25.46 -11.67 17.57
N ILE A 433 -25.09 -11.63 16.30
CA ILE A 433 -26.07 -11.53 15.24
C ILE A 433 -25.83 -12.56 14.13
N LEU A 434 -26.90 -13.21 13.69
CA LEU A 434 -26.84 -14.27 12.69
C LEU A 434 -27.41 -13.82 11.37
N TYR A 435 -26.56 -13.76 10.35
CA TYR A 435 -26.99 -13.42 9.01
C TYR A 435 -27.23 -14.67 8.19
N ARG A 436 -28.40 -14.77 7.57
CA ARG A 436 -28.72 -15.91 6.72
C ARG A 436 -28.41 -15.62 5.26
N ALA A 437 -27.89 -16.62 4.56
CA ALA A 437 -27.61 -16.48 3.14
C ALA A 437 -28.89 -16.64 2.32
N ARG A 438 -29.05 -15.82 1.31
CA ARG A 438 -30.21 -15.90 0.44
C ARG A 438 -29.90 -16.75 -0.77
N PRO A 439 -30.90 -17.47 -1.29
CA PRO A 439 -30.69 -18.32 -2.48
C PRO A 439 -30.34 -17.49 -3.72
N VAL A 440 -29.45 -18.02 -4.55
CA VAL A 440 -28.98 -17.31 -5.72
C VAL A 440 -29.60 -17.85 -7.02
N ILE A 441 -30.13 -16.96 -7.84
CA ILE A 441 -30.77 -17.35 -9.09
C ILE A 441 -29.97 -16.91 -10.31
N THR A 442 -29.66 -17.86 -11.19
CA THR A 442 -29.00 -17.56 -12.44
C THR A 442 -30.02 -17.52 -13.58
N VAL A 443 -30.22 -16.34 -14.15
CA VAL A 443 -31.22 -16.15 -15.20
C VAL A 443 -30.62 -15.65 -16.50
N ASN A 444 -30.93 -16.33 -17.60
CA ASN A 444 -30.48 -15.91 -18.92
C ASN A 444 -31.65 -15.47 -19.79
N ALA A 445 -31.56 -14.26 -20.33
CA ALA A 445 -32.66 -13.69 -21.10
C ALA A 445 -32.42 -13.77 -22.60
N GLY A 446 -33.50 -13.86 -23.36
CA GLY A 446 -33.43 -13.88 -24.80
C GLY A 446 -34.21 -12.73 -25.41
N LEU A 447 -33.72 -12.23 -26.55
CA LEU A 447 -34.42 -11.18 -27.27
C LEU A 447 -34.08 -11.27 -28.75
N GLU A 448 -35.10 -11.38 -29.59
CA GLU A 448 -34.91 -11.40 -31.04
C GLU A 448 -36.02 -10.64 -31.73
N VAL A 449 -35.68 -10.03 -32.86
CA VAL A 449 -36.64 -9.23 -33.62
C VAL A 449 -36.79 -9.74 -35.05
N TYR A 450 -38.02 -10.02 -35.45
CA TYR A 450 -38.32 -10.50 -36.80
C TYR A 450 -39.15 -9.48 -37.57
N PRO A 451 -38.63 -8.99 -38.71
CA PRO A 451 -37.28 -9.26 -39.19
C PRO A 451 -36.28 -8.21 -38.72
N SER A 452 -35.00 -8.44 -38.96
CA SER A 452 -33.95 -7.53 -38.51
C SER A 452 -33.89 -6.27 -39.38
N ILE A 453 -34.13 -6.44 -40.67
CA ILE A 453 -34.08 -5.33 -41.61
C ILE A 453 -35.47 -4.86 -42.01
N LEU A 454 -35.83 -3.66 -41.60
CA LEU A 454 -37.17 -3.15 -41.83
C LEU A 454 -37.33 -2.44 -43.17
N ASN A 455 -38.41 -2.75 -43.88
CA ASN A 455 -38.72 -2.13 -45.16
C ASN A 455 -39.96 -1.27 -45.04
N GLN A 456 -39.78 0.05 -45.09
CA GLN A 456 -40.88 1.01 -44.92
C GLN A 456 -41.98 0.84 -45.95
N ASP A 457 -41.64 0.23 -47.09
CA ASP A 457 -42.58 0.05 -48.19
C ASP A 457 -43.34 -1.27 -48.06
N ASN A 458 -43.06 -2.01 -47.00
CA ASN A 458 -43.71 -3.29 -46.73
C ASN A 458 -44.81 -3.17 -45.68
N LYS A 459 -45.88 -2.44 -46.00
CA LYS A 459 -47.01 -2.31 -45.08
C LYS A 459 -47.86 -3.59 -45.09
N THR A 460 -47.63 -4.47 -44.12
CA THR A 460 -48.28 -5.78 -44.12
C THR A 460 -49.48 -5.89 -43.19
N CYS A 461 -49.27 -5.70 -41.89
CA CYS A 461 -50.35 -5.82 -40.92
C CYS A 461 -51.12 -4.50 -40.76
N SER A 462 -52.36 -4.60 -40.32
CA SER A 462 -53.23 -3.44 -40.16
C SER A 462 -53.03 -2.78 -38.80
N LEU A 463 -53.21 -1.46 -38.74
CA LEU A 463 -53.14 -0.73 -37.49
C LEU A 463 -54.52 -0.67 -36.85
N PRO A 464 -54.62 -1.11 -35.59
CA PRO A 464 -55.88 -1.15 -34.83
C PRO A 464 -56.58 0.22 -34.79
N GLY A 465 -57.80 0.27 -35.29
CA GLY A 465 -58.55 1.51 -35.35
C GLY A 465 -58.68 2.03 -36.76
N THR A 466 -57.57 2.47 -37.34
CA THR A 466 -57.56 3.02 -38.69
C THR A 466 -57.57 1.95 -39.77
N ALA A 467 -57.83 2.37 -41.00
CA ALA A 467 -57.88 1.44 -42.14
C ALA A 467 -56.53 1.34 -42.84
N LEU A 468 -55.52 1.98 -42.23
CA LEU A 468 -54.18 2.01 -42.79
C LEU A 468 -53.42 0.72 -42.51
N LYS A 469 -52.40 0.44 -43.32
CA LYS A 469 -51.48 -0.65 -43.04
C LYS A 469 -50.11 -0.09 -42.69
N VAL A 470 -49.29 -0.89 -42.01
CA VAL A 470 -48.00 -0.43 -41.53
C VAL A 470 -46.92 -1.48 -41.75
N SER A 471 -45.66 -1.03 -41.77
CA SER A 471 -44.53 -1.93 -41.84
C SER A 471 -44.14 -2.39 -40.43
N CYS A 472 -44.56 -3.60 -40.08
CA CYS A 472 -44.41 -4.08 -38.70
C CYS A 472 -43.35 -5.15 -38.57
N PHE A 473 -43.04 -5.50 -37.32
CA PHE A 473 -42.09 -6.55 -37.01
C PHE A 473 -42.40 -7.19 -35.67
N ASN A 474 -41.81 -8.36 -35.44
CA ASN A 474 -42.04 -9.10 -34.20
C ASN A 474 -40.94 -8.88 -33.18
N VAL A 475 -41.33 -8.71 -31.92
CA VAL A 475 -40.38 -8.62 -30.83
C VAL A 475 -40.65 -9.74 -29.84
N ARG A 476 -39.79 -10.75 -29.84
CA ARG A 476 -39.97 -11.89 -28.94
C ARG A 476 -38.89 -11.91 -27.88
N PHE A 477 -39.31 -11.90 -26.61
CA PHE A 477 -38.37 -11.95 -25.50
C PHE A 477 -38.58 -13.20 -24.66
N CYS A 478 -37.50 -13.75 -24.14
CA CYS A 478 -37.56 -15.01 -23.40
C CYS A 478 -36.87 -14.91 -22.05
N LEU A 479 -37.35 -15.68 -21.08
CA LEU A 479 -36.73 -15.74 -19.76
C LEU A 479 -36.65 -17.17 -19.24
N LYS A 480 -35.43 -17.61 -18.94
CA LYS A 480 -35.23 -18.88 -18.25
C LYS A 480 -34.44 -18.65 -16.98
N ALA A 481 -34.83 -19.31 -15.89
CA ALA A 481 -34.15 -19.13 -14.62
C ALA A 481 -34.03 -20.43 -13.83
N ASP A 482 -32.98 -20.51 -13.02
CA ASP A 482 -32.78 -21.65 -12.14
C ASP A 482 -31.72 -21.32 -11.09
N GLY A 483 -31.86 -21.91 -9.91
CA GLY A 483 -30.93 -21.67 -8.82
C GLY A 483 -30.84 -22.85 -7.87
N LYS A 484 -29.66 -23.06 -7.31
CA LYS A 484 -29.44 -24.15 -6.38
C LYS A 484 -30.08 -23.87 -5.02
N GLY A 485 -30.35 -24.92 -4.27
CA GLY A 485 -30.86 -24.77 -2.91
C GLY A 485 -32.37 -24.71 -2.82
N VAL A 486 -32.86 -24.15 -1.72
CA VAL A 486 -34.30 -24.07 -1.46
C VAL A 486 -34.85 -22.72 -1.89
N LEU A 487 -35.76 -22.75 -2.87
CA LEU A 487 -36.33 -21.53 -3.45
C LEU A 487 -37.60 -21.87 -4.23
N PRO A 488 -38.54 -20.91 -4.34
CA PRO A 488 -39.88 -21.13 -4.90
C PRO A 488 -39.92 -21.84 -6.26
N ARG A 489 -41.10 -22.36 -6.60
CA ARG A 489 -41.32 -23.02 -7.87
C ARG A 489 -41.47 -22.00 -8.99
N LYS A 490 -42.34 -21.02 -8.79
CA LYS A 490 -42.59 -19.98 -9.77
C LYS A 490 -41.97 -18.66 -9.32
N LEU A 491 -41.61 -17.82 -10.29
CA LEU A 491 -40.96 -16.54 -10.00
C LEU A 491 -41.64 -15.40 -10.76
N ASN A 492 -41.83 -14.27 -10.08
CA ASN A 492 -42.47 -13.11 -10.70
C ASN A 492 -41.49 -12.08 -11.22
N PHE A 493 -41.42 -11.95 -12.55
CA PHE A 493 -40.53 -10.99 -13.19
C PHE A 493 -41.27 -9.79 -13.75
N GLN A 494 -40.70 -8.60 -13.58
CA GLN A 494 -41.29 -7.39 -14.13
C GLN A 494 -40.51 -6.93 -15.35
N VAL A 495 -40.85 -7.50 -16.51
CA VAL A 495 -40.15 -7.20 -17.75
C VAL A 495 -40.73 -5.97 -18.44
N GLU A 496 -39.85 -5.09 -18.92
CA GLU A 496 -40.26 -3.93 -19.70
C GLU A 496 -39.45 -3.81 -20.98
N LEU A 497 -40.12 -3.45 -22.08
CA LEU A 497 -39.48 -3.34 -23.37
C LEU A 497 -39.48 -1.89 -23.86
N LEU A 498 -38.41 -1.50 -24.55
CA LEU A 498 -38.28 -0.14 -25.07
C LEU A 498 -37.81 -0.15 -26.52
N LEU A 499 -38.52 0.60 -27.36
CA LEU A 499 -38.16 0.71 -28.77
C LEU A 499 -37.36 2.00 -29.04
N ASP A 500 -36.25 1.85 -29.76
CA ASP A 500 -35.35 2.95 -30.08
C ASP A 500 -34.83 3.65 -28.81
N LYS A 501 -34.12 2.89 -27.98
CA LYS A 501 -33.65 3.39 -26.70
C LYS A 501 -32.61 4.50 -26.86
N LEU A 502 -31.70 4.32 -27.81
CA LEU A 502 -30.60 5.25 -28.03
C LEU A 502 -31.05 6.57 -28.64
N LYS A 503 -32.36 6.71 -28.84
CA LYS A 503 -32.90 7.89 -29.51
C LYS A 503 -34.16 8.39 -28.80
N GLN A 504 -34.00 8.87 -27.58
CA GLN A 504 -35.10 9.42 -26.81
C GLN A 504 -34.69 10.72 -26.12
N LYS A 505 -35.39 11.06 -25.03
CA LYS A 505 -35.11 12.25 -24.25
C LYS A 505 -35.24 13.55 -25.06
N GLY A 506 -36.34 13.69 -25.77
CA GLY A 506 -36.56 14.87 -26.59
C GLY A 506 -36.43 14.59 -28.06
N ALA A 507 -35.98 13.39 -28.41
CA ALA A 507 -35.89 12.97 -29.80
C ALA A 507 -37.21 12.35 -30.23
N ILE A 508 -37.28 11.88 -31.46
CA ILE A 508 -38.52 11.35 -32.00
C ILE A 508 -38.68 9.83 -31.82
N ARG A 509 -39.81 9.44 -31.23
CA ARG A 509 -40.15 8.03 -31.06
C ARG A 509 -40.37 7.40 -32.43
N ARG A 510 -39.43 6.58 -32.86
CA ARG A 510 -39.38 6.16 -34.26
C ARG A 510 -40.01 4.79 -34.53
N ALA A 511 -40.32 4.05 -33.47
CA ALA A 511 -40.96 2.74 -33.61
C ALA A 511 -41.90 2.46 -32.43
N LEU A 512 -43.10 1.98 -32.73
CA LEU A 512 -44.12 1.81 -31.70
C LEU A 512 -44.74 0.43 -31.71
N PHE A 513 -45.27 0.01 -30.57
CA PHE A 513 -46.01 -1.24 -30.49
C PHE A 513 -47.39 -1.09 -31.13
N LEU A 514 -47.95 -2.20 -31.62
CA LEU A 514 -49.17 -2.16 -32.42
C LEU A 514 -50.40 -1.60 -31.70
N TYR A 515 -50.48 -1.80 -30.39
CA TYR A 515 -51.67 -1.44 -29.64
C TYR A 515 -51.49 -0.21 -28.74
N SER A 516 -50.45 -0.25 -27.92
CA SER A 516 -50.15 0.88 -27.03
C SER A 516 -49.74 2.09 -27.85
N ARG A 517 -49.19 1.83 -29.03
CA ARG A 517 -48.67 2.88 -29.93
C ARG A 517 -47.65 3.76 -29.21
N SER A 518 -46.90 3.16 -28.31
CA SER A 518 -45.84 3.84 -27.57
C SER A 518 -44.59 2.96 -27.63
N PRO A 519 -43.41 3.56 -27.39
CA PRO A 519 -42.17 2.77 -27.42
C PRO A 519 -42.02 1.89 -26.19
N SER A 520 -42.79 2.20 -25.15
CA SER A 520 -42.68 1.49 -23.88
C SER A 520 -43.80 0.48 -23.69
N HIS A 521 -43.47 -0.67 -23.10
CA HIS A 521 -44.46 -1.68 -22.80
C HIS A 521 -43.94 -2.60 -21.69
N SER A 522 -44.66 -2.62 -20.57
CA SER A 522 -44.30 -3.49 -19.45
C SER A 522 -45.12 -4.78 -19.50
N LYS A 523 -44.76 -5.74 -18.67
CA LYS A 523 -45.43 -7.04 -18.67
C LYS A 523 -45.08 -7.88 -17.44
N ASN A 524 -46.10 -8.30 -16.71
CA ASN A 524 -45.91 -9.28 -15.64
C ASN A 524 -45.60 -10.62 -16.28
N MET A 525 -44.70 -11.38 -15.66
CA MET A 525 -44.30 -12.67 -16.22
C MET A 525 -43.90 -13.66 -15.13
N THR A 526 -44.35 -14.90 -15.28
CA THR A 526 -44.10 -15.92 -14.27
C THR A 526 -43.58 -17.22 -14.90
N ILE A 527 -42.28 -17.47 -14.74
CA ILE A 527 -41.66 -18.64 -15.33
C ILE A 527 -41.37 -19.73 -14.30
N SER A 528 -41.17 -20.95 -14.78
CA SER A 528 -40.92 -22.10 -13.93
C SER A 528 -39.43 -22.41 -13.84
N ARG A 529 -38.98 -22.85 -12.67
CA ARG A 529 -37.57 -23.18 -12.45
C ARG A 529 -37.12 -24.36 -13.31
N GLY A 530 -35.98 -24.20 -13.97
CA GLY A 530 -35.41 -25.26 -14.79
C GLY A 530 -35.02 -24.81 -16.17
N GLY A 531 -35.55 -25.47 -17.19
CA GLY A 531 -35.21 -25.18 -18.56
C GLY A 531 -36.39 -24.70 -19.39
N LEU A 532 -37.48 -24.35 -18.72
CA LEU A 532 -38.67 -23.84 -19.40
C LEU A 532 -38.48 -22.38 -19.80
N MET A 533 -37.88 -22.15 -20.97
CA MET A 533 -37.64 -20.80 -21.45
C MET A 533 -38.93 -20.17 -21.96
N GLN A 534 -39.80 -19.79 -21.03
CA GLN A 534 -41.07 -19.16 -21.39
C GLN A 534 -40.86 -17.86 -22.16
N CYS A 535 -41.57 -17.74 -23.29
CA CYS A 535 -41.42 -16.58 -24.16
C CYS A 535 -42.76 -15.91 -24.44
N GLU A 536 -42.71 -14.66 -24.86
CA GLU A 536 -43.90 -13.93 -25.26
C GLU A 536 -43.61 -13.04 -26.47
N GLU A 537 -44.57 -12.96 -27.38
CA GLU A 537 -44.42 -12.18 -28.60
C GLU A 537 -45.13 -10.84 -28.53
N LEU A 538 -44.61 -9.86 -29.25
CA LEU A 538 -45.27 -8.58 -29.44
C LEU A 538 -45.12 -8.13 -30.88
N ILE A 539 -46.04 -7.30 -31.33
CA ILE A 539 -45.97 -6.76 -32.69
C ILE A 539 -45.76 -5.26 -32.64
N ALA A 540 -44.62 -4.82 -33.15
CA ALA A 540 -44.30 -3.39 -33.18
C ALA A 540 -44.22 -2.92 -34.62
N TYR A 541 -44.89 -1.81 -34.92
CA TYR A 541 -44.87 -1.27 -36.26
C TYR A 541 -43.87 -0.12 -36.37
N LEU A 542 -43.93 0.57 -37.50
CA LEU A 542 -42.97 1.61 -37.81
C LEU A 542 -43.71 2.80 -38.39
N ARG A 543 -43.41 4.00 -37.87
CA ARG A 543 -44.08 5.21 -38.31
C ARG A 543 -43.93 5.45 -39.82
N ASP A 544 -44.90 6.15 -40.39
CA ASP A 544 -44.91 6.42 -41.83
C ASP A 544 -43.67 7.18 -42.26
N GLU A 545 -43.31 7.08 -43.54
CA GLU A 545 -42.10 7.69 -44.10
C GLU A 545 -41.97 9.18 -43.76
N SER A 546 -43.11 9.86 -43.67
CA SER A 546 -43.12 11.30 -43.45
C SER A 546 -42.92 11.68 -41.98
N GLU A 547 -43.27 10.77 -41.09
CA GLU A 547 -43.25 11.01 -39.65
C GLU A 547 -41.88 11.45 -39.12
N PHE A 548 -40.82 10.89 -39.71
CA PHE A 548 -39.47 11.16 -39.24
C PHE A 548 -38.47 11.28 -40.39
N ARG A 549 -37.25 11.69 -40.08
CA ARG A 549 -36.24 11.94 -41.10
C ARG A 549 -35.04 11.00 -40.96
N ASP A 550 -34.66 10.71 -39.72
CA ASP A 550 -33.50 9.86 -39.47
C ASP A 550 -33.79 8.41 -39.85
N LYS A 551 -32.95 7.85 -40.70
CA LYS A 551 -33.12 6.47 -41.14
C LYS A 551 -31.77 5.75 -41.33
N LEU A 552 -30.76 6.23 -40.63
CA LEU A 552 -29.46 5.55 -40.59
C LEU A 552 -29.19 5.03 -39.19
N THR A 553 -29.66 5.79 -38.20
CA THR A 553 -29.52 5.37 -36.80
C THR A 553 -30.35 4.12 -36.58
N PRO A 554 -29.71 3.04 -36.15
CA PRO A 554 -30.40 1.76 -35.93
C PRO A 554 -31.48 1.91 -34.86
N ILE A 555 -32.50 1.07 -34.94
CA ILE A 555 -33.56 1.08 -33.95
C ILE A 555 -33.26 0.05 -32.87
N THR A 556 -32.75 0.52 -31.74
CA THR A 556 -32.32 -0.37 -30.67
C THR A 556 -33.50 -0.82 -29.80
N ILE A 557 -33.78 -2.13 -29.85
CA ILE A 557 -34.81 -2.71 -29.00
C ILE A 557 -34.21 -3.07 -27.66
N PHE A 558 -34.75 -2.49 -26.58
CA PHE A 558 -34.19 -2.68 -25.26
C PHE A 558 -35.14 -3.46 -24.37
N MET A 559 -34.59 -4.44 -23.66
CA MET A 559 -35.37 -5.24 -22.73
C MET A 559 -34.68 -5.28 -21.38
N GLU A 560 -35.44 -5.03 -20.31
CA GLU A 560 -34.92 -5.17 -18.95
C GLU A 560 -35.88 -5.99 -18.11
N TYR A 561 -35.33 -6.81 -17.22
CA TYR A 561 -36.17 -7.64 -16.36
C TYR A 561 -35.89 -7.43 -14.87
N ARG A 562 -36.95 -7.14 -14.13
CA ARG A 562 -36.87 -6.92 -12.69
C ARG A 562 -37.29 -8.21 -12.01
N LEU A 563 -37.41 -8.17 -10.69
CA LEU A 563 -37.88 -9.34 -9.94
C LEU A 563 -38.70 -8.91 -8.73
N ASP A 564 -39.92 -9.40 -8.65
CA ASP A 564 -40.78 -9.15 -7.49
C ASP A 564 -40.35 -10.08 -6.35
N TYR A 565 -39.16 -9.85 -5.82
CA TYR A 565 -38.61 -10.70 -4.76
C TYR A 565 -39.31 -10.45 -3.42
N ARG A 566 -40.03 -9.34 -3.33
CA ARG A 566 -40.86 -9.05 -2.16
C ARG A 566 -42.03 -10.03 -2.07
N THR A 567 -42.28 -10.73 -3.17
CA THR A 567 -43.37 -11.69 -3.24
C THR A 567 -42.86 -13.13 -3.13
N ALA A 568 -41.68 -13.37 -3.69
CA ALA A 568 -41.13 -14.73 -3.73
C ALA A 568 -40.39 -15.12 -2.46
N ALA A 569 -40.54 -14.33 -1.40
CA ALA A 569 -39.90 -14.61 -0.12
C ALA A 569 -40.44 -15.90 0.51
N ASP A 570 -39.62 -16.54 1.34
CA ASP A 570 -40.06 -17.75 2.04
C ASP A 570 -41.00 -17.39 3.19
N THR A 571 -41.30 -18.37 4.04
CA THR A 571 -42.19 -18.16 5.19
C THR A 571 -41.60 -17.15 6.18
N THR A 572 -40.28 -17.22 6.39
CA THR A 572 -39.60 -16.32 7.30
C THR A 572 -39.15 -15.03 6.62
N GLY A 573 -39.54 -14.88 5.36
CA GLY A 573 -39.24 -13.67 4.61
C GLY A 573 -37.81 -13.59 4.07
N LEU A 574 -37.28 -14.72 3.62
CA LEU A 574 -35.94 -14.76 3.06
C LEU A 574 -36.00 -14.64 1.54
N GLN A 575 -35.97 -13.40 1.05
CA GLN A 575 -36.08 -13.13 -0.37
C GLN A 575 -34.83 -13.57 -1.12
N PRO A 576 -35.03 -14.14 -2.32
CA PRO A 576 -33.92 -14.56 -3.20
C PRO A 576 -33.08 -13.39 -3.69
N ILE A 577 -32.11 -13.68 -4.54
CA ILE A 577 -31.19 -12.66 -5.04
C ILE A 577 -30.63 -13.10 -6.38
N LEU A 578 -30.34 -12.13 -7.25
CA LEU A 578 -29.78 -12.44 -8.57
C LEU A 578 -28.27 -12.54 -8.51
N ASN A 579 -27.70 -13.38 -9.38
CA ASN A 579 -26.26 -13.50 -9.49
C ASN A 579 -25.67 -12.17 -9.91
N GLN A 580 -24.73 -11.66 -9.11
CA GLN A 580 -24.21 -10.31 -9.28
C GLN A 580 -23.57 -10.05 -10.65
N PHE A 581 -23.07 -11.09 -11.30
CA PHE A 581 -22.40 -10.92 -12.58
C PHE A 581 -23.33 -11.15 -13.77
N THR A 582 -24.63 -10.98 -13.55
CA THR A 582 -25.60 -11.11 -14.63
C THR A 582 -26.26 -9.77 -14.93
N PRO A 583 -26.30 -9.40 -16.22
CA PRO A 583 -26.90 -8.14 -16.68
C PRO A 583 -28.43 -8.19 -16.59
N ALA A 584 -29.03 -7.18 -15.97
CA ALA A 584 -30.47 -7.13 -15.78
C ALA A 584 -31.21 -6.75 -17.06
N ASN A 585 -30.45 -6.45 -18.12
CA ASN A 585 -31.07 -6.03 -19.37
C ASN A 585 -30.34 -6.54 -20.61
N ILE A 586 -30.97 -6.40 -21.76
CA ILE A 586 -30.39 -6.91 -23.00
C ILE A 586 -30.88 -6.09 -24.20
N SER A 587 -30.02 -5.91 -25.19
CA SER A 587 -30.35 -5.09 -26.35
C SER A 587 -30.12 -5.78 -27.69
N ARG A 588 -31.10 -5.62 -28.57
CA ARG A 588 -30.95 -5.98 -29.97
C ARG A 588 -31.33 -4.75 -30.76
N GLN A 589 -30.95 -4.71 -32.03
CA GLN A 589 -31.31 -3.56 -32.86
C GLN A 589 -31.67 -3.93 -34.29
N ALA A 590 -32.71 -3.29 -34.80
CA ALA A 590 -33.14 -3.46 -36.17
C ALA A 590 -32.67 -2.27 -37.00
N HIS A 591 -32.50 -2.48 -38.30
CA HIS A 591 -32.06 -1.42 -39.20
C HIS A 591 -33.07 -1.23 -40.33
N ILE A 592 -33.20 0.00 -40.80
CA ILE A 592 -34.09 0.31 -41.91
C ILE A 592 -33.38 0.06 -43.24
N LEU A 593 -34.12 -0.51 -44.19
CA LEU A 593 -33.63 -0.71 -45.54
C LEU A 593 -33.15 0.60 -46.14
N LEU A 594 -31.93 0.61 -46.67
CA LEU A 594 -31.38 1.79 -47.32
C LEU A 594 -30.14 1.47 -48.15
N ASP A 595 -30.21 1.76 -49.44
CA ASP A 595 -29.09 1.54 -50.36
C ASP A 595 -28.59 0.10 -50.35
N CYS A 596 -29.52 -0.85 -50.52
CA CYS A 596 -29.16 -2.26 -50.46
C CYS A 596 -29.32 -2.98 -51.80
N GLY A 597 -29.28 -2.20 -52.89
CA GLY A 597 -29.37 -2.75 -54.22
C GLY A 597 -30.78 -3.13 -54.62
N GLU A 598 -30.91 -3.74 -55.79
CA GLU A 598 -32.21 -4.13 -56.33
C GLU A 598 -32.79 -5.35 -55.61
N ASP A 599 -31.91 -6.13 -54.97
CA ASP A 599 -32.35 -7.35 -54.29
C ASP A 599 -32.76 -7.11 -52.84
N ASN A 600 -32.75 -5.83 -52.43
CA ASN A 600 -33.13 -5.42 -51.08
C ASN A 600 -32.31 -6.05 -49.96
N VAL A 601 -31.08 -6.44 -50.26
CA VAL A 601 -30.21 -7.03 -49.25
C VAL A 601 -28.79 -6.47 -49.37
N CYS A 602 -28.22 -6.08 -48.24
CA CYS A 602 -26.88 -5.49 -48.25
C CYS A 602 -25.79 -6.56 -48.15
N LYS A 603 -25.00 -6.66 -49.20
CA LYS A 603 -23.90 -7.60 -49.24
C LYS A 603 -22.58 -6.84 -49.34
N PRO A 604 -21.88 -6.69 -48.22
CA PRO A 604 -20.63 -5.91 -48.16
C PRO A 604 -19.47 -6.67 -48.76
N LYS A 605 -18.35 -5.98 -48.96
CA LYS A 605 -17.11 -6.61 -49.37
C LYS A 605 -16.00 -6.12 -48.45
N LEU A 606 -15.97 -6.68 -47.24
CA LEU A 606 -15.05 -6.23 -46.20
C LEU A 606 -13.65 -6.80 -46.39
N GLU A 607 -12.65 -5.96 -46.11
CA GLU A 607 -11.25 -6.37 -46.22
C GLU A 607 -10.37 -5.52 -45.32
N VAL A 608 -9.42 -6.16 -44.65
CA VAL A 608 -8.55 -5.47 -43.71
C VAL A 608 -7.08 -5.82 -44.00
N SER A 609 -6.20 -4.84 -43.86
CA SER A 609 -4.77 -5.05 -44.07
C SER A 609 -3.95 -4.33 -43.01
N VAL A 610 -2.75 -4.81 -42.77
CA VAL A 610 -1.85 -4.19 -41.79
C VAL A 610 -0.50 -3.86 -42.43
N ASP A 611 -0.12 -2.59 -42.38
CA ASP A 611 1.15 -2.14 -42.96
C ASP A 611 2.34 -2.82 -42.31
N SER A 612 3.27 -3.28 -43.15
CA SER A 612 4.50 -3.89 -42.67
C SER A 612 5.30 -2.87 -41.86
N ASP A 613 5.28 -3.02 -40.54
CA ASP A 613 5.92 -2.06 -39.64
C ASP A 613 7.43 -2.28 -39.61
N GLN A 614 7.84 -3.52 -39.81
CA GLN A 614 9.26 -3.91 -39.75
C GLN A 614 9.89 -3.71 -38.37
N LYS A 615 9.07 -3.31 -37.39
CA LYS A 615 9.53 -3.15 -36.02
C LYS A 615 10.02 -4.49 -35.48
N LYS A 616 11.06 -4.43 -34.64
CA LYS A 616 11.53 -5.62 -33.95
C LYS A 616 11.02 -5.59 -32.52
N ILE A 617 10.77 -6.77 -31.96
CA ILE A 617 10.37 -6.85 -30.56
C ILE A 617 11.49 -7.48 -29.75
N TYR A 618 12.30 -6.63 -29.11
CA TYR A 618 13.45 -7.08 -28.35
C TYR A 618 13.01 -7.78 -27.07
N ILE A 619 13.40 -9.04 -26.93
CA ILE A 619 13.06 -9.84 -25.77
C ILE A 619 13.64 -9.24 -24.50
N GLY A 620 12.83 -9.13 -23.45
CA GLY A 620 13.31 -8.65 -22.17
C GLY A 620 12.47 -7.56 -21.53
N ASP A 621 12.03 -6.59 -22.31
CA ASP A 621 11.29 -5.46 -21.76
C ASP A 621 9.94 -5.23 -22.44
N ASP A 622 9.30 -4.11 -22.09
CA ASP A 622 8.06 -3.70 -22.72
C ASP A 622 8.37 -2.94 -24.00
N ASN A 623 7.73 -3.34 -25.09
CA ASN A 623 7.98 -2.72 -26.39
C ASN A 623 6.79 -1.94 -26.92
N PRO A 624 7.00 -0.67 -27.26
CA PRO A 624 5.98 0.15 -27.91
C PRO A 624 5.72 -0.36 -29.33
N LEU A 625 4.54 -0.93 -29.55
CA LEU A 625 4.20 -1.47 -30.86
C LEU A 625 2.88 -0.90 -31.38
N THR A 626 2.94 -0.12 -32.43
CA THR A 626 1.75 0.49 -33.02
C THR A 626 1.41 -0.15 -34.35
N LEU A 627 0.33 -0.93 -34.38
CA LEU A 627 -0.14 -1.54 -35.62
C LEU A 627 -1.05 -0.56 -36.38
N ILE A 628 -0.76 -0.38 -37.66
CA ILE A 628 -1.60 0.47 -38.50
C ILE A 628 -2.50 -0.40 -39.37
N VAL A 629 -3.81 -0.17 -39.26
CA VAL A 629 -4.76 -1.01 -39.97
C VAL A 629 -5.60 -0.22 -40.99
N LYS A 630 -5.88 -0.87 -42.12
CA LYS A 630 -6.77 -0.28 -43.10
C LYS A 630 -8.00 -1.16 -43.26
N ALA A 631 -9.15 -0.66 -42.83
CA ALA A 631 -10.40 -1.39 -42.92
C ALA A 631 -11.34 -0.72 -43.91
N GLN A 632 -11.61 -1.40 -45.01
CA GLN A 632 -12.46 -0.83 -46.05
C GLN A 632 -13.62 -1.76 -46.42
N ASN A 633 -14.76 -1.15 -46.74
CA ASN A 633 -15.94 -1.89 -47.18
C ASN A 633 -16.23 -1.58 -48.65
N GLN A 634 -15.71 -2.40 -49.54
CA GLN A 634 -15.87 -2.17 -50.97
C GLN A 634 -17.10 -2.90 -51.53
N GLY A 635 -18.16 -2.94 -50.73
CA GLY A 635 -19.42 -3.52 -51.15
C GLY A 635 -20.56 -2.68 -50.60
N GLU A 636 -21.69 -3.32 -50.31
CA GLU A 636 -22.83 -2.62 -49.73
C GLU A 636 -22.64 -2.39 -48.23
N GLY A 637 -23.62 -1.72 -47.61
CA GLY A 637 -23.52 -1.34 -46.22
C GLY A 637 -23.44 -2.50 -45.25
N ALA A 638 -22.50 -2.41 -44.31
CA ALA A 638 -22.30 -3.45 -43.32
C ALA A 638 -22.79 -3.02 -41.95
N TYR A 639 -23.93 -3.55 -41.53
CA TYR A 639 -24.50 -3.20 -40.23
C TYR A 639 -23.65 -3.73 -39.08
N GLU A 640 -23.52 -2.93 -38.04
CA GLU A 640 -22.76 -3.29 -36.84
C GLU A 640 -21.36 -3.80 -37.21
N ALA A 641 -20.68 -3.06 -38.08
CA ALA A 641 -19.34 -3.43 -38.49
C ALA A 641 -18.38 -3.28 -37.32
N GLU A 642 -17.56 -4.30 -37.10
CA GLU A 642 -16.58 -4.27 -36.02
C GLU A 642 -15.25 -4.86 -36.44
N LEU A 643 -14.17 -4.18 -36.06
CA LEU A 643 -12.82 -4.70 -36.28
C LEU A 643 -12.43 -5.56 -35.11
N ILE A 644 -12.05 -6.81 -35.38
CA ILE A 644 -11.68 -7.73 -34.32
C ILE A 644 -10.19 -8.07 -34.37
N VAL A 645 -9.42 -7.43 -33.50
CA VAL A 645 -8.00 -7.72 -33.40
C VAL A 645 -7.76 -8.68 -32.25
N SER A 646 -7.54 -9.95 -32.57
CA SER A 646 -7.23 -10.95 -31.55
C SER A 646 -5.74 -10.92 -31.25
N ILE A 647 -5.41 -10.64 -29.99
CA ILE A 647 -4.03 -10.42 -29.59
C ILE A 647 -3.49 -11.55 -28.72
N PRO A 648 -2.15 -11.74 -28.73
CA PRO A 648 -1.53 -12.76 -27.90
C PRO A 648 -1.45 -12.35 -26.42
N LEU A 649 -1.25 -13.34 -25.55
CA LEU A 649 -1.21 -13.12 -24.10
C LEU A 649 -0.18 -12.08 -23.69
N GLN A 650 0.93 -12.05 -24.42
CA GLN A 650 2.06 -11.18 -24.07
C GLN A 650 1.75 -9.71 -24.35
N ALA A 651 0.59 -9.43 -24.93
CA ALA A 651 0.26 -8.08 -25.34
C ALA A 651 -0.88 -7.45 -24.54
N ASP A 652 -0.78 -6.14 -24.33
CA ASP A 652 -1.83 -5.36 -23.68
C ASP A 652 -2.17 -4.15 -24.54
N PHE A 653 -3.45 -3.82 -24.61
CA PHE A 653 -3.89 -2.72 -25.46
C PHE A 653 -3.84 -1.39 -24.72
N ILE A 654 -3.01 -0.48 -25.22
CA ILE A 654 -2.88 0.84 -24.62
C ILE A 654 -4.07 1.72 -25.02
N GLY A 655 -4.24 1.92 -26.32
CA GLY A 655 -5.30 2.76 -26.84
C GLY A 655 -5.10 3.10 -28.30
N VAL A 656 -6.13 3.67 -28.92
CA VAL A 656 -6.04 4.11 -30.29
C VAL A 656 -5.26 5.43 -30.35
N VAL A 657 -4.39 5.58 -31.35
CA VAL A 657 -3.61 6.79 -31.50
C VAL A 657 -4.48 7.98 -31.90
N ARG A 658 -4.13 9.15 -31.40
CA ARG A 658 -4.92 10.36 -31.67
C ARG A 658 -4.03 11.56 -31.99
N ASN A 659 -2.73 11.41 -31.75
CA ASN A 659 -1.77 12.46 -32.07
C ASN A 659 -1.73 12.73 -33.57
N ASN A 660 -1.91 11.68 -34.35
CA ASN A 660 -1.96 11.80 -35.81
C ASN A 660 -3.33 12.30 -36.26
N GLU A 661 -3.35 13.48 -36.87
CA GLU A 661 -4.58 14.09 -37.33
C GLU A 661 -5.02 13.54 -38.69
N ALA A 662 -4.25 12.59 -39.21
CA ALA A 662 -4.58 11.93 -40.47
C ALA A 662 -4.90 10.46 -40.25
N LEU A 663 -5.16 10.11 -38.99
CA LEU A 663 -5.50 8.74 -38.63
C LEU A 663 -6.80 8.73 -37.84
N ALA A 664 -7.73 7.88 -38.27
CA ALA A 664 -9.07 7.81 -37.67
C ALA A 664 -9.01 7.45 -36.18
N ARG A 665 -9.74 8.21 -35.37
CA ARG A 665 -9.75 8.00 -33.94
C ARG A 665 -10.88 7.06 -33.56
N LEU A 666 -10.72 5.78 -33.90
CA LEU A 666 -11.77 4.79 -33.69
C LEU A 666 -12.15 4.64 -32.23
N SER A 667 -13.34 4.09 -32.00
CA SER A 667 -13.78 3.80 -30.64
C SER A 667 -13.57 2.33 -30.35
N CYS A 668 -12.42 2.01 -29.76
CA CYS A 668 -12.06 0.62 -29.48
C CYS A 668 -12.19 0.28 -28.00
N ALA A 669 -12.28 -1.02 -27.72
CA ALA A 669 -12.39 -1.50 -26.35
C ALA A 669 -11.86 -2.93 -26.23
N PHE A 670 -11.30 -3.25 -25.07
CA PHE A 670 -10.70 -4.55 -24.85
C PHE A 670 -11.62 -5.47 -24.05
N LYS A 671 -11.98 -6.60 -24.65
CA LYS A 671 -12.79 -7.60 -23.95
C LYS A 671 -12.06 -8.92 -23.80
N THR A 672 -12.27 -9.58 -22.66
CA THR A 672 -11.61 -10.84 -22.35
C THR A 672 -12.55 -12.02 -22.55
N GLU A 673 -13.66 -11.77 -23.24
CA GLU A 673 -14.72 -12.77 -23.45
C GLU A 673 -14.18 -14.13 -23.87
N ASN A 674 -14.75 -15.19 -23.30
CA ASN A 674 -14.27 -16.55 -23.50
C ASN A 674 -12.80 -16.71 -23.13
N GLN A 675 -12.13 -17.70 -23.73
CA GLN A 675 -10.72 -17.93 -23.43
C GLN A 675 -9.83 -17.27 -24.49
N THR A 676 -10.35 -16.21 -25.10
CA THR A 676 -9.61 -15.48 -26.14
C THR A 676 -9.59 -13.98 -25.84
N ARG A 677 -8.38 -13.42 -25.85
CA ARG A 677 -8.21 -11.99 -25.63
C ARG A 677 -8.19 -11.26 -26.97
N GLN A 678 -8.97 -10.20 -27.10
CA GLN A 678 -9.08 -9.48 -28.36
C GLN A 678 -9.54 -8.03 -28.21
N VAL A 679 -9.26 -7.22 -29.22
CA VAL A 679 -9.66 -5.83 -29.24
C VAL A 679 -10.80 -5.62 -30.24
N VAL A 680 -11.82 -4.89 -29.83
CA VAL A 680 -12.99 -4.65 -30.68
C VAL A 680 -13.16 -3.17 -30.99
N CYS A 681 -13.21 -2.85 -32.28
CA CYS A 681 -13.33 -1.46 -32.71
C CYS A 681 -14.54 -1.25 -33.60
N ASP A 682 -15.34 -0.23 -33.28
CA ASP A 682 -16.52 0.09 -34.07
C ASP A 682 -16.13 0.77 -35.38
N LEU A 683 -16.61 0.23 -36.49
CA LEU A 683 -16.25 0.72 -37.81
C LEU A 683 -17.41 1.40 -38.51
N GLY A 684 -18.51 1.59 -37.78
CA GLY A 684 -19.68 2.21 -38.34
C GLY A 684 -20.89 1.29 -38.32
N ASN A 685 -22.06 1.86 -38.07
CA ASN A 685 -23.29 1.09 -38.00
C ASN A 685 -24.43 1.79 -38.71
N PRO A 686 -24.51 1.63 -40.04
CA PRO A 686 -23.63 0.75 -40.81
C PRO A 686 -22.35 1.44 -41.27
N MET A 687 -21.30 0.64 -41.47
CA MET A 687 -20.11 1.08 -42.18
C MET A 687 -20.54 1.21 -43.64
N LYS A 688 -20.78 2.45 -44.06
CA LYS A 688 -21.37 2.71 -45.37
C LYS A 688 -20.52 2.16 -46.53
N ALA A 689 -21.12 2.11 -47.71
CA ALA A 689 -20.46 1.56 -48.88
C ALA A 689 -19.25 2.39 -49.29
N GLY A 690 -18.14 1.71 -49.61
CA GLY A 690 -16.93 2.38 -50.07
C GLY A 690 -16.11 3.00 -48.96
N THR A 691 -16.63 2.96 -47.74
CA THR A 691 -15.97 3.54 -46.57
C THR A 691 -14.59 2.93 -46.36
N GLN A 692 -13.60 3.79 -46.10
CA GLN A 692 -12.24 3.33 -45.86
C GLN A 692 -11.67 4.01 -44.62
N LEU A 693 -11.01 3.23 -43.78
CA LEU A 693 -10.45 3.76 -42.54
C LEU A 693 -8.97 3.44 -42.37
N LEU A 694 -8.24 4.38 -41.79
CA LEU A 694 -6.88 4.15 -41.36
C LEU A 694 -6.77 4.48 -39.88
N ALA A 695 -6.43 3.49 -39.08
CA ALA A 695 -6.36 3.67 -37.64
C ALA A 695 -5.07 3.13 -37.07
N GLY A 696 -4.69 3.64 -35.91
CA GLY A 696 -3.51 3.17 -35.22
C GLY A 696 -3.87 2.57 -33.87
N LEU A 697 -3.45 1.32 -33.66
CA LEU A 697 -3.73 0.65 -32.40
C LEU A 697 -2.42 0.46 -31.63
N ARG A 698 -2.22 1.25 -30.59
CA ARG A 698 -1.00 1.17 -29.78
C ARG A 698 -1.02 -0.04 -28.86
N PHE A 699 0.10 -0.75 -28.81
CA PHE A 699 0.24 -1.90 -27.93
C PHE A 699 1.54 -1.82 -27.14
N SER A 700 1.63 -2.67 -26.13
CA SER A 700 2.87 -2.86 -25.39
C SER A 700 2.98 -4.35 -25.08
N VAL A 701 3.99 -4.99 -25.64
CA VAL A 701 4.17 -6.42 -25.42
C VAL A 701 5.30 -6.73 -24.44
N HIS A 702 4.90 -7.19 -23.26
CA HIS A 702 5.85 -7.60 -22.23
C HIS A 702 6.30 -9.02 -22.54
N GLN A 703 7.60 -9.24 -22.64
CA GLN A 703 8.10 -10.56 -23.01
C GLN A 703 9.07 -11.19 -22.02
N GLN A 704 10.23 -11.60 -22.53
CA GLN A 704 11.21 -12.42 -21.80
C GLN A 704 10.64 -13.80 -21.51
N SER A 705 9.95 -14.36 -22.52
CA SER A 705 9.35 -15.69 -22.40
C SER A 705 10.18 -16.75 -23.10
N GLU A 706 11.50 -16.51 -23.16
CA GLU A 706 12.45 -17.47 -23.73
C GLU A 706 12.22 -17.82 -25.20
N MET A 707 12.52 -19.06 -25.56
CA MET A 707 12.55 -19.49 -26.95
C MET A 707 11.23 -19.33 -27.69
N ASP A 708 11.21 -18.37 -28.62
CA ASP A 708 10.08 -18.16 -29.52
C ASP A 708 10.58 -17.48 -30.78
N THR A 709 9.86 -17.67 -31.87
CA THR A 709 10.24 -17.06 -33.15
C THR A 709 9.69 -15.64 -33.25
N SER A 710 8.39 -15.50 -32.98
CA SER A 710 7.72 -14.22 -33.13
C SER A 710 6.34 -14.26 -32.47
N VAL A 711 5.67 -13.12 -32.48
CA VAL A 711 4.28 -13.05 -32.02
C VAL A 711 3.40 -12.54 -33.15
N LYS A 712 2.17 -13.06 -33.22
CA LYS A 712 1.27 -12.70 -34.30
C LYS A 712 -0.03 -12.09 -33.79
N PHE A 713 -0.57 -11.15 -34.56
CA PHE A 713 -1.88 -10.61 -34.32
C PHE A 713 -2.79 -11.07 -35.46
N ASP A 714 -4.03 -11.43 -35.13
CA ASP A 714 -5.00 -11.77 -36.15
C ASP A 714 -6.11 -10.72 -36.22
N LEU A 715 -6.43 -10.31 -37.44
CA LEU A 715 -7.41 -9.26 -37.64
C LEU A 715 -8.51 -9.69 -38.61
N GLN A 716 -9.75 -9.38 -38.25
CA GLN A 716 -10.89 -9.72 -39.10
C GLN A 716 -12.04 -8.76 -38.84
N ILE A 717 -12.61 -8.25 -39.91
CA ILE A 717 -13.79 -7.39 -39.81
C ILE A 717 -15.03 -8.27 -39.87
N GLN A 718 -16.01 -7.98 -39.02
CA GLN A 718 -17.27 -8.72 -39.07
C GLN A 718 -18.48 -7.82 -38.86
N SER A 719 -19.58 -8.18 -39.52
CA SER A 719 -20.81 -7.40 -39.44
C SER A 719 -21.99 -8.31 -39.10
N SER A 720 -23.14 -7.72 -38.82
CA SER A 720 -24.33 -8.48 -38.47
C SER A 720 -25.21 -8.73 -39.69
N ASN A 721 -24.62 -8.60 -40.87
CA ASN A 721 -25.34 -8.87 -42.11
C ASN A 721 -25.56 -10.37 -42.29
N LEU A 722 -26.39 -10.73 -43.26
CA LEU A 722 -26.67 -12.15 -43.51
C LEU A 722 -25.76 -12.71 -44.59
N PHE A 723 -25.32 -11.84 -45.50
CA PHE A 723 -24.46 -12.27 -46.59
C PHE A 723 -23.12 -11.53 -46.57
N ASP A 724 -22.03 -12.29 -46.73
CA ASP A 724 -20.68 -11.73 -46.74
C ASP A 724 -20.40 -10.90 -45.49
N LYS A 725 -20.80 -11.44 -44.34
CA LYS A 725 -20.79 -10.68 -43.09
C LYS A 725 -19.40 -10.46 -42.50
N VAL A 726 -18.42 -11.24 -42.96
CA VAL A 726 -17.06 -11.08 -42.48
C VAL A 726 -16.06 -10.79 -43.59
N SER A 727 -14.81 -10.56 -43.18
CA SER A 727 -13.72 -10.34 -44.12
C SER A 727 -12.74 -11.50 -43.97
N PRO A 728 -11.84 -11.68 -44.95
CA PRO A 728 -10.80 -12.68 -44.79
C PRO A 728 -9.93 -12.33 -43.58
N VAL A 729 -9.63 -13.32 -42.74
CA VAL A 729 -8.76 -13.10 -41.60
C VAL A 729 -7.35 -12.81 -42.07
N VAL A 730 -6.67 -11.90 -41.38
CA VAL A 730 -5.30 -11.54 -41.73
C VAL A 730 -4.38 -11.69 -40.53
N SER A 731 -3.28 -12.42 -40.71
CA SER A 731 -2.27 -12.56 -39.67
C SER A 731 -1.15 -11.56 -39.91
N HIS A 732 -0.50 -11.14 -38.83
CA HIS A 732 0.62 -10.21 -38.91
C HIS A 732 1.72 -10.60 -37.94
N LYS A 733 2.77 -11.20 -38.47
CA LYS A 733 3.91 -11.62 -37.65
C LYS A 733 4.88 -10.47 -37.41
N VAL A 734 5.31 -10.34 -36.16
CA VAL A 734 6.34 -9.37 -35.80
C VAL A 734 7.51 -10.10 -35.15
N ASP A 735 8.68 -10.03 -35.78
CA ASP A 735 9.85 -10.80 -35.36
C ASP A 735 10.38 -10.40 -33.97
N LEU A 736 10.70 -11.40 -33.16
CA LEU A 736 11.41 -11.17 -31.91
C LEU A 736 12.89 -11.00 -32.19
N ALA A 737 13.53 -10.10 -31.46
CA ALA A 737 14.94 -9.83 -31.65
C ALA A 737 15.70 -9.89 -30.33
N VAL A 738 17.00 -10.08 -30.41
CA VAL A 738 17.85 -10.13 -29.23
C VAL A 738 18.73 -8.88 -29.17
N LEU A 739 18.79 -8.26 -28.00
CA LEU A 739 19.66 -7.12 -27.78
C LEU A 739 20.14 -7.10 -26.33
N ALA A 740 21.45 -7.10 -26.14
CA ALA A 740 22.02 -7.07 -24.80
C ALA A 740 23.15 -6.05 -24.68
N ALA A 741 22.81 -4.88 -24.14
CA ALA A 741 23.80 -3.84 -23.89
C ALA A 741 24.71 -4.26 -22.76
N VAL A 742 25.72 -5.04 -23.09
CA VAL A 742 26.66 -5.55 -22.09
C VAL A 742 27.90 -4.68 -22.03
N GLU A 743 28.22 -4.18 -20.85
CA GLU A 743 29.38 -3.33 -20.68
C GLU A 743 30.31 -3.85 -19.59
N ILE A 744 31.59 -3.50 -19.70
CA ILE A 744 32.56 -3.84 -18.66
C ILE A 744 33.26 -2.57 -18.17
N ARG A 745 33.33 -2.39 -16.85
CA ARG A 745 34.00 -1.23 -16.28
C ARG A 745 34.92 -1.61 -15.13
N GLY A 746 35.90 -0.77 -14.87
CA GLY A 746 36.88 -1.08 -13.85
C GLY A 746 37.29 0.13 -13.02
N VAL A 747 38.06 -0.11 -11.98
CA VAL A 747 38.50 0.94 -11.08
C VAL A 747 39.67 0.46 -10.23
N SER A 748 40.54 1.38 -9.84
CA SER A 748 41.65 1.06 -8.95
C SER A 748 41.49 1.80 -7.63
N SER A 749 41.71 1.09 -6.52
CA SER A 749 41.62 1.71 -5.19
C SER A 749 42.86 1.41 -4.35
N PRO A 750 43.77 2.38 -4.24
CA PRO A 750 43.67 3.71 -4.84
C PRO A 750 44.08 3.68 -6.32
N ASP A 751 43.82 4.76 -7.05
CA ASP A 751 44.18 4.83 -8.45
C ASP A 751 45.57 5.41 -8.61
N HIS A 752 46.21 5.71 -7.49
CA HIS A 752 47.57 6.23 -7.48
C HIS A 752 48.31 5.85 -6.19
N VAL A 753 49.63 5.78 -6.27
CA VAL A 753 50.45 5.57 -5.07
C VAL A 753 51.66 6.50 -5.10
N PHE A 754 51.81 7.29 -4.04
CA PHE A 754 52.93 8.23 -3.93
C PHE A 754 54.11 7.60 -3.20
N LEU A 755 55.31 7.78 -3.77
CA LEU A 755 56.53 7.28 -3.15
C LEU A 755 57.30 8.44 -2.51
N PRO A 756 58.08 8.14 -1.46
CA PRO A 756 58.26 6.81 -0.84
C PRO A 756 57.12 6.46 0.10
N ILE A 757 56.98 5.17 0.39
CA ILE A 757 55.95 4.70 1.31
C ILE A 757 56.39 4.97 2.74
N PRO A 758 55.51 5.61 3.52
CA PRO A 758 55.82 5.91 4.93
C PRO A 758 56.07 4.66 5.76
N ASN A 759 57.08 4.73 6.62
CA ASN A 759 57.41 3.65 7.55
C ASN A 759 57.70 2.31 6.89
N TRP A 760 58.05 2.34 5.61
CA TRP A 760 58.33 1.10 4.90
C TRP A 760 59.79 0.68 5.05
N GLU A 761 59.99 -0.48 5.67
CA GLU A 761 61.32 -1.03 5.82
C GLU A 761 61.48 -2.28 4.94
N HIS A 762 62.59 -2.35 4.21
CA HIS A 762 62.84 -3.48 3.34
C HIS A 762 63.22 -4.72 4.14
N LYS A 763 62.40 -5.77 4.02
CA LYS A 763 62.70 -7.05 4.65
C LYS A 763 63.04 -8.09 3.59
N GLU A 764 64.11 -8.84 3.82
CA GLU A 764 64.56 -9.85 2.86
C GLU A 764 63.55 -10.98 2.74
N ASN A 765 62.94 -11.35 3.86
CA ASN A 765 61.92 -12.38 3.85
C ASN A 765 60.58 -11.84 4.37
N PRO A 766 59.78 -11.26 3.46
CA PRO A 766 58.49 -10.64 3.78
C PRO A 766 57.50 -11.66 4.33
N GLU A 767 56.57 -11.21 5.17
CA GLU A 767 55.58 -12.08 5.75
C GLU A 767 54.18 -11.48 5.71
N THR A 768 54.10 -10.17 5.94
CA THR A 768 52.81 -9.48 5.99
C THR A 768 52.64 -8.50 4.83
N GLU A 769 51.41 -8.02 4.66
CA GLU A 769 51.12 -7.01 3.65
C GLU A 769 51.94 -5.76 3.92
N GLU A 770 52.07 -5.43 5.20
CA GLU A 770 52.83 -4.28 5.65
C GLU A 770 54.28 -4.36 5.19
N ASP A 771 54.81 -5.58 5.13
CA ASP A 771 56.21 -5.79 4.74
C ASP A 771 56.44 -5.55 3.25
N VAL A 772 55.40 -5.74 2.45
CA VAL A 772 55.53 -5.63 0.99
C VAL A 772 55.23 -4.22 0.50
N GLY A 773 54.02 -3.74 0.78
CA GLY A 773 53.61 -2.42 0.35
C GLY A 773 52.13 -2.17 0.57
N PRO A 774 51.62 -1.05 0.05
CA PRO A 774 50.22 -0.69 0.18
C PRO A 774 49.29 -1.63 -0.58
N VAL A 775 48.05 -1.72 -0.14
CA VAL A 775 47.07 -2.58 -0.81
C VAL A 775 46.46 -1.86 -2.00
N VAL A 776 46.43 -2.54 -3.14
CA VAL A 776 45.84 -1.98 -4.35
C VAL A 776 44.70 -2.86 -4.85
N GLN A 777 43.49 -2.30 -4.86
CA GLN A 777 42.30 -3.02 -5.30
C GLN A 777 41.94 -2.68 -6.74
N HIS A 778 41.85 -3.71 -7.58
CA HIS A 778 41.26 -3.55 -8.90
C HIS A 778 39.92 -4.27 -8.91
N ILE A 779 38.86 -3.55 -9.25
CA ILE A 779 37.54 -4.14 -9.33
C ILE A 779 37.06 -4.11 -10.77
N TYR A 780 36.65 -5.26 -11.29
CA TYR A 780 36.11 -5.34 -12.65
C TYR A 780 34.66 -5.79 -12.62
N GLU A 781 33.80 -5.08 -13.34
CA GLU A 781 32.39 -5.40 -13.37
C GLU A 781 31.88 -5.63 -14.78
N LEU A 782 31.37 -6.83 -15.02
CA LEU A 782 30.69 -7.14 -16.26
C LEU A 782 29.19 -7.06 -15.99
N ARG A 783 28.50 -6.13 -16.65
CA ARG A 783 27.08 -5.90 -16.37
C ARG A 783 26.23 -5.91 -17.64
N ASN A 784 25.11 -6.65 -17.57
CA ASN A 784 24.18 -6.73 -18.70
C ASN A 784 23.00 -5.77 -18.53
N ASN A 785 23.10 -4.61 -19.16
CA ASN A 785 22.06 -3.59 -19.09
C ASN A 785 20.89 -3.92 -20.02
N GLY A 786 21.21 -4.59 -21.11
CA GLY A 786 20.29 -4.74 -22.22
C GLY A 786 19.04 -5.52 -21.87
N PRO A 787 18.02 -5.44 -22.72
CA PRO A 787 16.76 -6.15 -22.48
C PRO A 787 16.98 -7.66 -22.40
N SER A 788 17.53 -8.23 -23.47
CA SER A 788 17.76 -9.66 -23.53
C SER A 788 18.80 -10.14 -22.54
N SER A 789 18.70 -11.40 -22.14
CA SER A 789 19.68 -12.00 -21.25
C SER A 789 20.68 -12.79 -22.09
N PHE A 790 21.85 -13.05 -21.53
CA PHE A 790 22.75 -14.01 -22.16
C PHE A 790 23.05 -15.15 -21.20
N SER A 791 23.40 -16.32 -21.75
CA SER A 791 23.54 -17.51 -20.93
C SER A 791 24.99 -17.82 -20.54
N LYS A 792 25.92 -17.52 -21.44
CA LYS A 792 27.34 -17.76 -21.17
C LYS A 792 28.23 -16.64 -21.70
N ALA A 793 29.29 -16.34 -20.94
CA ALA A 793 30.28 -15.36 -21.37
C ALA A 793 31.64 -15.70 -20.81
N MET A 794 32.67 -15.15 -21.44
CA MET A 794 34.03 -15.36 -21.00
C MET A 794 34.65 -14.03 -20.64
N LEU A 795 35.40 -14.00 -19.55
CA LEU A 795 36.07 -12.78 -19.12
C LEU A 795 37.57 -13.04 -19.04
N HIS A 796 38.35 -12.18 -19.68
CA HIS A 796 39.80 -12.33 -19.69
C HIS A 796 40.49 -11.15 -19.02
N LEU A 797 41.17 -11.42 -17.91
CA LEU A 797 41.92 -10.40 -17.21
C LEU A 797 43.41 -10.57 -17.46
N GLN A 798 44.05 -9.50 -17.94
CA GLN A 798 45.49 -9.49 -18.11
C GLN A 798 46.12 -8.62 -17.04
N TRP A 799 46.97 -9.23 -16.22
CA TRP A 799 47.54 -8.56 -15.06
C TRP A 799 49.05 -8.37 -15.20
N PRO A 800 49.53 -7.14 -14.98
CA PRO A 800 50.97 -6.84 -15.02
C PRO A 800 51.69 -7.46 -13.81
N TYR A 801 52.14 -8.71 -13.97
CA TYR A 801 52.76 -9.44 -12.86
C TYR A 801 54.22 -9.09 -12.62
N LYS A 802 54.99 -8.93 -13.69
CA LYS A 802 56.42 -8.67 -13.54
C LYS A 802 57.01 -7.82 -14.66
N TYR A 803 58.04 -7.04 -14.33
CA TYR A 803 58.81 -6.34 -15.32
C TYR A 803 60.29 -6.59 -15.04
N ASN A 804 60.90 -7.44 -15.86
CA ASN A 804 62.28 -7.86 -15.68
C ASN A 804 62.52 -8.43 -14.28
N ASN A 805 61.89 -9.57 -13.99
CA ASN A 805 62.05 -10.28 -12.72
C ASN A 805 61.58 -9.50 -11.48
N ASN A 806 60.87 -8.39 -11.71
CA ASN A 806 60.42 -7.54 -10.60
C ASN A 806 58.90 -7.55 -10.43
N THR A 807 58.45 -7.78 -9.20
CA THR A 807 57.07 -8.21 -8.92
C THR A 807 55.93 -7.19 -9.10
N LEU A 808 56.23 -5.89 -9.08
CA LEU A 808 55.19 -4.86 -9.33
C LEU A 808 53.95 -4.97 -8.43
N LEU A 809 52.85 -5.44 -9.01
CA LEU A 809 51.60 -5.65 -8.27
C LEU A 809 51.39 -7.11 -7.91
N TYR A 810 51.61 -7.46 -6.64
CA TYR A 810 51.54 -8.84 -6.18
C TYR A 810 50.13 -9.20 -5.74
N ILE A 811 49.49 -10.11 -6.48
CA ILE A 811 48.13 -10.51 -6.17
C ILE A 811 48.06 -11.45 -4.97
N LEU A 812 47.33 -11.02 -3.95
CA LEU A 812 47.13 -11.81 -2.74
C LEU A 812 45.96 -12.77 -2.90
N HIS A 813 44.80 -12.20 -3.19
CA HIS A 813 43.56 -12.96 -3.20
C HIS A 813 42.54 -12.25 -4.07
N TYR A 814 41.74 -13.02 -4.82
CA TYR A 814 40.65 -12.43 -5.57
C TYR A 814 39.29 -13.03 -5.22
N ASP A 815 38.27 -12.20 -5.20
CA ASP A 815 36.92 -12.62 -4.88
C ASP A 815 36.00 -12.42 -6.07
N ILE A 816 34.81 -13.02 -6.01
CA ILE A 816 33.89 -12.99 -7.13
C ILE A 816 32.48 -12.69 -6.65
N ASP A 817 31.77 -11.84 -7.39
CA ASP A 817 30.42 -11.46 -7.03
C ASP A 817 29.47 -11.70 -8.21
N GLY A 818 28.80 -12.85 -8.21
CA GLY A 818 27.86 -13.16 -9.27
C GLY A 818 28.10 -14.52 -9.91
N PRO A 819 27.37 -14.81 -11.00
CA PRO A 819 27.42 -16.09 -11.71
C PRO A 819 28.72 -16.29 -12.48
N MET A 820 29.86 -16.34 -11.81
CA MET A 820 31.10 -16.67 -12.51
C MET A 820 32.16 -17.33 -11.65
N ASN A 821 32.92 -18.24 -12.27
CA ASN A 821 34.09 -18.84 -11.63
C ASN A 821 35.33 -18.32 -12.33
N CYS A 822 36.44 -18.21 -11.60
CA CYS A 822 37.69 -17.74 -12.20
C CYS A 822 38.86 -18.70 -11.97
N THR A 823 39.86 -18.58 -12.83
CA THR A 823 41.03 -19.46 -12.78
C THR A 823 42.28 -18.70 -13.22
N SER A 824 43.27 -18.63 -12.34
CA SER A 824 44.53 -17.97 -12.65
C SER A 824 45.54 -18.97 -13.16
N ASP A 825 46.20 -18.63 -14.28
CA ASP A 825 47.15 -19.54 -14.90
C ASP A 825 48.45 -19.66 -14.10
N MET A 826 48.58 -18.81 -13.08
CA MET A 826 49.71 -18.85 -12.17
C MET A 826 49.23 -18.96 -10.73
N GLU A 827 50.01 -19.63 -9.89
CA GLU A 827 49.63 -19.82 -8.49
C GLU A 827 49.50 -18.47 -7.79
N ILE A 828 48.32 -18.22 -7.27
CA ILE A 828 48.04 -16.96 -6.57
C ILE A 828 48.65 -16.97 -5.17
N ASN A 829 49.30 -15.87 -4.81
CA ASN A 829 49.94 -15.74 -3.50
C ASN A 829 50.95 -16.86 -3.22
N PRO A 830 52.01 -16.94 -4.05
CA PRO A 830 52.98 -18.04 -3.91
C PRO A 830 53.71 -18.00 -2.58
N LEU A 831 54.05 -16.80 -2.12
CA LEU A 831 54.86 -16.65 -0.92
C LEU A 831 54.03 -16.75 0.35
N ARG A 832 52.77 -17.15 0.20
CA ARG A 832 51.84 -17.31 1.31
C ARG A 832 51.84 -16.11 2.27
N ILE A 833 51.60 -14.93 1.72
CA ILE A 833 51.53 -13.72 2.53
C ILE A 833 50.11 -13.50 3.03
N LYS A 834 49.93 -13.48 4.34
CA LYS A 834 48.62 -13.23 4.93
C LYS A 834 48.70 -12.21 6.07
N ILE A 835 47.69 -11.34 6.13
CA ILE A 835 47.51 -10.43 7.27
C ILE A 835 46.14 -9.75 7.18
N SER A 836 45.63 -9.31 8.32
CA SER A 836 44.36 -8.59 8.39
C SER A 836 44.19 -7.91 9.75
N SER A 837 45.30 -7.54 10.38
CA SER A 837 45.28 -6.89 11.68
N ASP A 868 58.77 11.80 -17.53
CA ASP A 868 58.29 10.86 -18.53
C ASP A 868 57.66 9.63 -17.87
N ILE A 869 56.33 9.58 -17.89
CA ILE A 869 55.60 8.48 -17.25
C ILE A 869 55.50 7.26 -18.16
N HIS A 870 56.17 6.18 -17.75
CA HIS A 870 56.22 4.97 -18.56
C HIS A 870 55.11 3.99 -18.18
N THR A 871 54.39 3.51 -19.19
CA THR A 871 53.27 2.62 -18.98
C THR A 871 53.67 1.14 -19.02
N LEU A 872 53.33 0.42 -17.95
CA LEU A 872 53.62 -1.01 -17.89
C LEU A 872 52.37 -1.86 -18.10
N GLY A 873 52.08 -2.16 -19.36
CA GLY A 873 50.98 -3.05 -19.71
C GLY A 873 51.50 -4.48 -19.82
N CYS A 874 50.61 -5.40 -20.17
CA CYS A 874 51.00 -6.81 -20.32
C CYS A 874 51.81 -7.05 -21.60
N GLY A 875 51.83 -6.06 -22.48
CA GLY A 875 52.59 -6.16 -23.71
C GLY A 875 54.08 -6.06 -23.49
N VAL A 876 54.48 -5.28 -22.49
CA VAL A 876 55.90 -5.06 -22.20
C VAL A 876 56.28 -5.66 -20.85
N ALA A 877 55.34 -6.33 -20.21
CA ALA A 877 55.59 -6.94 -18.90
C ALA A 877 55.10 -8.38 -18.88
N GLN A 878 55.68 -9.19 -18.00
CA GLN A 878 55.26 -10.57 -17.83
C GLN A 878 53.80 -10.63 -17.36
N CYS A 879 52.97 -11.36 -18.10
CA CYS A 879 51.53 -11.32 -17.89
C CYS A 879 51.00 -12.46 -17.03
N LEU A 880 50.14 -12.11 -16.07
CA LEU A 880 49.39 -13.09 -15.31
C LEU A 880 47.96 -13.06 -15.80
N LYS A 881 47.54 -14.14 -16.46
CA LYS A 881 46.21 -14.20 -17.02
C LYS A 881 45.20 -14.82 -16.06
N ILE A 882 44.07 -14.14 -15.88
CA ILE A 882 42.97 -14.72 -15.13
C ILE A 882 41.77 -14.85 -16.05
N VAL A 883 41.29 -16.07 -16.22
CA VAL A 883 40.16 -16.32 -17.09
C VAL A 883 38.92 -16.70 -16.29
N CYS A 884 37.77 -16.17 -16.70
CA CYS A 884 36.53 -16.40 -15.95
C CYS A 884 35.40 -16.84 -16.86
N GLN A 885 34.68 -17.87 -16.41
CA GLN A 885 33.50 -18.33 -17.12
C GLN A 885 32.28 -17.72 -16.45
N VAL A 886 31.41 -17.08 -17.22
CA VAL A 886 30.26 -16.39 -16.68
C VAL A 886 28.94 -17.08 -17.06
N GLY A 887 28.09 -17.29 -16.07
CA GLY A 887 26.79 -17.89 -16.30
C GLY A 887 25.77 -16.89 -16.83
N ARG A 888 24.49 -17.16 -16.60
CA ARG A 888 23.42 -16.31 -17.13
C ARG A 888 23.30 -14.97 -16.39
N LEU A 889 23.41 -13.88 -17.15
CA LEU A 889 23.16 -12.54 -16.62
C LEU A 889 21.90 -11.97 -17.25
N ASP A 890 20.86 -11.81 -16.44
CA ASP A 890 19.62 -11.22 -16.91
C ASP A 890 19.73 -9.70 -16.90
N ARG A 891 18.67 -9.02 -17.32
CA ARG A 891 18.64 -7.57 -17.32
C ARG A 891 18.89 -7.03 -15.92
N GLY A 892 19.85 -6.14 -15.79
CA GLY A 892 20.10 -5.48 -14.52
C GLY A 892 21.03 -6.25 -13.60
N LYS A 893 21.51 -7.40 -14.07
CA LYS A 893 22.42 -8.22 -13.29
C LYS A 893 23.87 -8.03 -13.73
N SER A 894 24.80 -8.42 -12.86
CA SER A 894 26.22 -8.26 -13.16
C SER A 894 27.13 -9.25 -12.44
N ALA A 895 28.36 -9.37 -12.93
CA ALA A 895 29.38 -10.19 -12.30
C ALA A 895 30.59 -9.32 -11.98
N ILE A 896 31.19 -9.53 -10.82
CA ILE A 896 32.24 -8.64 -10.35
C ILE A 896 33.47 -9.41 -9.89
N LEU A 897 34.64 -8.97 -10.34
CA LEU A 897 35.90 -9.56 -9.92
C LEU A 897 36.70 -8.58 -9.09
N TYR A 898 36.89 -8.90 -7.81
CA TYR A 898 37.68 -8.08 -6.91
C TYR A 898 39.08 -8.65 -6.80
N VAL A 899 40.07 -7.92 -7.30
CA VAL A 899 41.46 -8.38 -7.23
C VAL A 899 42.25 -7.54 -6.23
N LYS A 900 42.60 -8.15 -5.10
CA LYS A 900 43.33 -7.46 -4.05
C LYS A 900 44.82 -7.75 -4.15
N SER A 901 45.60 -6.71 -4.44
CA SER A 901 47.03 -6.89 -4.62
C SER A 901 47.86 -5.94 -3.78
N LEU A 902 49.16 -6.23 -3.68
CA LEU A 902 50.08 -5.37 -2.96
C LEU A 902 51.11 -4.79 -3.91
N LEU A 903 51.49 -3.55 -3.68
CA LEU A 903 52.55 -2.92 -4.45
C LEU A 903 53.89 -3.45 -3.96
N TRP A 904 54.65 -4.07 -4.85
CA TRP A 904 55.97 -4.55 -4.49
C TRP A 904 56.94 -3.38 -4.43
N THR A 905 56.99 -2.73 -3.27
CA THR A 905 57.76 -1.50 -3.10
C THR A 905 59.24 -1.67 -3.46
N GLU A 906 59.80 -2.82 -3.11
CA GLU A 906 61.20 -3.12 -3.35
C GLU A 906 61.61 -2.83 -4.79
N THR A 907 60.70 -3.15 -5.71
CA THR A 907 60.96 -2.97 -7.14
C THR A 907 61.17 -1.52 -7.51
N PHE A 908 60.38 -0.62 -6.93
CA PHE A 908 60.39 0.78 -7.33
C PHE A 908 61.45 1.59 -6.61
N MET A 909 61.93 1.08 -5.48
CA MET A 909 63.00 1.73 -4.75
C MET A 909 64.33 1.51 -5.47
N ASN A 910 64.70 0.24 -5.63
CA ASN A 910 65.89 -0.10 -6.40
C ASN A 910 65.54 -0.54 -7.81
N LYS A 911 64.81 0.33 -8.52
CA LYS A 911 64.50 0.09 -9.93
C LYS A 911 65.71 0.49 -10.75
N GLU A 912 66.81 -0.23 -10.55
CA GLU A 912 68.14 0.18 -11.01
C GLU A 912 68.49 1.55 -10.41
N ASN A 913 67.71 2.57 -10.76
CA ASN A 913 67.72 3.84 -10.04
C ASN A 913 66.38 4.06 -9.32
N GLN A 914 66.28 5.12 -8.54
CA GLN A 914 65.06 5.38 -7.78
C GLN A 914 63.98 6.07 -8.61
N ASN A 915 64.05 7.40 -8.67
CA ASN A 915 63.03 8.25 -9.29
C ASN A 915 62.64 7.86 -10.72
N HIS A 916 61.40 7.40 -10.88
CA HIS A 916 60.76 7.21 -12.18
C HIS A 916 59.25 7.14 -12.00
N SER A 917 58.50 7.49 -13.03
CA SER A 917 57.04 7.45 -12.95
C SER A 917 56.47 6.30 -13.78
N TYR A 918 55.75 5.41 -13.10
CA TYR A 918 55.20 4.22 -13.75
C TYR A 918 53.67 4.16 -13.71
N SER A 919 53.08 3.71 -14.81
CA SER A 919 51.64 3.51 -14.89
C SER A 919 51.35 2.02 -15.04
N LEU A 920 50.99 1.37 -13.93
CA LEU A 920 50.70 -0.06 -13.94
C LEU A 920 49.32 -0.32 -14.56
N LYS A 921 49.32 -0.96 -15.73
CA LYS A 921 48.10 -1.13 -16.50
C LYS A 921 47.64 -2.58 -16.55
N SER A 922 46.40 -2.82 -16.12
CA SER A 922 45.78 -4.12 -16.28
C SER A 922 44.59 -3.93 -17.22
N SER A 923 44.19 -5.00 -17.90
CA SER A 923 43.07 -4.91 -18.82
C SER A 923 42.16 -6.13 -18.72
N ALA A 924 40.87 -5.91 -18.91
CA ALA A 924 39.91 -7.01 -18.92
C ALA A 924 38.99 -6.90 -20.12
N SER A 925 38.91 -7.99 -20.89
CA SER A 925 37.98 -8.07 -22.01
C SER A 925 36.92 -9.11 -21.71
N PHE A 926 35.80 -9.03 -22.43
CA PHE A 926 34.77 -10.03 -22.30
C PHE A 926 34.20 -10.42 -23.65
N ASN A 927 33.71 -11.65 -23.74
CA ASN A 927 33.07 -12.13 -24.96
C ASN A 927 31.84 -12.95 -24.63
N VAL A 928 30.67 -12.45 -25.01
CA VAL A 928 29.43 -13.18 -24.81
C VAL A 928 29.32 -14.26 -25.88
N ILE A 929 29.21 -15.51 -25.44
CA ILE A 929 29.27 -16.64 -26.37
C ILE A 929 27.96 -17.38 -26.57
N GLU A 930 27.04 -17.28 -25.61
CA GLU A 930 25.76 -17.97 -25.73
C GLU A 930 24.56 -17.21 -25.15
N PHE A 931 23.38 -17.47 -25.72
CA PHE A 931 22.14 -16.88 -25.26
C PHE A 931 21.11 -18.00 -25.11
N PRO A 932 20.10 -17.80 -24.24
CA PRO A 932 19.08 -18.84 -24.03
C PRO A 932 18.05 -18.93 -25.16
N TYR A 933 17.96 -17.90 -25.99
CA TYR A 933 16.96 -17.86 -27.06
C TYR A 933 17.50 -18.54 -28.33
N LYS A 934 17.56 -19.87 -28.30
CA LYS A 934 18.31 -20.62 -29.31
C LYS A 934 17.81 -20.52 -30.76
N ASN A 935 16.51 -20.35 -30.96
CA ASN A 935 15.95 -20.31 -32.31
C ASN A 935 15.82 -18.91 -32.89
N LEU A 936 16.80 -18.05 -32.61
CA LEU A 936 16.70 -16.65 -33.01
C LEU A 936 18.08 -16.07 -33.32
N PRO A 937 18.15 -15.23 -34.38
CA PRO A 937 19.38 -14.56 -34.82
C PRO A 937 20.15 -13.88 -33.69
N ILE A 938 21.37 -14.33 -33.46
CA ILE A 938 22.21 -13.78 -32.41
C ILE A 938 23.47 -13.17 -33.01
N GLU A 939 24.31 -12.62 -32.13
CA GLU A 939 25.59 -12.05 -32.53
C GLU A 939 26.47 -11.85 -31.31
N ASP A 940 27.65 -12.48 -31.33
CA ASP A 940 28.59 -12.41 -30.21
C ASP A 940 28.94 -10.97 -29.87
N ILE A 941 29.07 -10.70 -28.57
CA ILE A 941 29.32 -9.36 -28.07
C ILE A 941 30.67 -9.29 -27.38
N THR A 942 31.47 -8.29 -27.74
CA THR A 942 32.82 -8.17 -27.21
C THR A 942 33.13 -6.72 -26.86
N ASN A 943 33.94 -6.54 -25.82
CA ASN A 943 34.45 -5.22 -25.45
C ASN A 943 35.51 -5.35 -24.37
N SER A 944 36.08 -4.22 -23.95
CA SER A 944 37.13 -4.24 -22.94
C SER A 944 37.38 -2.86 -22.37
N THR A 945 37.94 -2.84 -21.16
CA THR A 945 38.44 -1.61 -20.55
C THR A 945 39.78 -1.91 -19.87
N LEU A 946 40.48 -0.86 -19.46
CA LEU A 946 41.73 -1.04 -18.76
C LEU A 946 41.72 -0.23 -17.46
N VAL A 947 42.53 -0.66 -16.50
CA VAL A 947 42.61 0.00 -15.20
C VAL A 947 44.06 0.26 -14.84
N THR A 948 44.36 1.50 -14.50
CA THR A 948 45.72 1.89 -14.19
C THR A 948 45.90 2.21 -12.72
N THR A 949 47.10 1.95 -12.22
CA THR A 949 47.50 2.42 -10.91
C THR A 949 48.83 3.15 -11.08
N ASN A 950 48.79 4.48 -10.99
CA ASN A 950 49.98 5.28 -11.25
C ASN A 950 50.87 5.43 -10.02
N VAL A 951 52.07 4.87 -10.11
CA VAL A 951 53.06 4.98 -9.05
C VAL A 951 54.04 6.09 -9.39
N THR A 952 53.98 7.18 -8.63
CA THR A 952 54.84 8.33 -8.89
C THR A 952 55.56 8.77 -7.63
N TRP A 953 56.50 9.70 -7.80
CA TRP A 953 57.22 10.28 -6.67
C TRP A 953 56.71 11.67 -6.35
N GLY A 954 56.05 11.80 -5.20
CA GLY A 954 55.52 13.08 -4.76
C GLY A 954 56.66 14.00 -4.37
N ILE A 955 57.76 13.40 -3.94
CA ILE A 955 58.99 14.12 -3.66
C ILE A 955 59.83 14.17 -4.93
N GLN A 956 60.08 15.37 -5.43
CA GLN A 956 60.84 15.54 -6.66
C GLN A 956 62.18 16.21 -6.37
N PRO A 957 63.22 15.40 -6.13
CA PRO A 957 64.55 15.92 -5.81
C PRO A 957 65.26 16.49 -7.03
N ALA A 958 64.68 17.53 -7.62
CA ALA A 958 65.28 18.22 -8.75
C ALA A 958 65.90 19.53 -8.30
N PRO A 959 66.52 20.27 -9.23
CA PRO A 959 67.15 21.55 -8.90
N GLY B 1 -10.22 32.72 -32.70
CA GLY B 1 -10.60 31.60 -33.54
C GLY B 1 -11.22 30.47 -32.74
N PRO B 2 -11.59 29.38 -33.43
CA PRO B 2 -12.21 28.20 -32.81
C PRO B 2 -11.33 27.59 -31.72
N ASN B 3 -11.80 27.63 -30.48
CA ASN B 3 -11.05 27.07 -29.36
C ASN B 3 -11.91 26.19 -28.46
N ILE B 4 -11.34 25.81 -27.31
CA ILE B 4 -12.03 24.94 -26.37
C ILE B 4 -13.21 25.67 -25.71
N CYS B 5 -13.11 26.98 -25.58
CA CYS B 5 -14.15 27.79 -24.95
C CYS B 5 -15.41 27.82 -25.82
N THR B 6 -15.21 27.93 -27.12
CA THR B 6 -16.32 28.09 -28.06
C THR B 6 -16.92 26.76 -28.51
N THR B 7 -16.47 25.67 -27.88
CA THR B 7 -16.95 24.34 -28.26
C THR B 7 -17.49 23.56 -27.07
N ARG B 8 -17.26 24.07 -25.85
CA ARG B 8 -17.72 23.39 -24.65
C ARG B 8 -18.44 24.35 -23.70
N GLY B 9 -18.08 25.62 -23.73
CA GLY B 9 -18.63 26.60 -22.81
C GLY B 9 -19.88 27.28 -23.30
N VAL B 10 -20.29 26.96 -24.52
CA VAL B 10 -21.45 27.60 -25.13
C VAL B 10 -22.76 27.19 -24.44
N SER B 11 -22.73 26.05 -23.75
CA SER B 11 -23.91 25.54 -23.07
C SER B 11 -24.44 26.51 -22.01
N SER B 12 -23.57 26.93 -21.10
CA SER B 12 -23.96 27.89 -20.06
C SER B 12 -22.75 28.58 -19.45
N CYS B 13 -23.01 29.63 -18.68
CA CYS B 13 -21.95 30.42 -18.06
C CYS B 13 -21.16 29.63 -17.03
N GLN B 14 -21.86 28.83 -16.23
CA GLN B 14 -21.21 27.99 -15.22
C GLN B 14 -20.28 26.99 -15.90
N GLN B 15 -20.80 26.33 -16.94
CA GLN B 15 -20.00 25.36 -17.67
C GLN B 15 -18.95 26.05 -18.52
N CYS B 16 -19.18 27.33 -18.86
CA CYS B 16 -18.20 28.12 -19.60
C CYS B 16 -16.92 28.29 -18.78
N LEU B 17 -17.07 28.68 -17.52
CA LEU B 17 -15.94 28.77 -16.61
C LEU B 17 -15.35 27.39 -16.41
N ALA B 18 -16.22 26.40 -16.29
CA ALA B 18 -15.82 25.02 -16.04
C ALA B 18 -14.92 24.45 -17.14
N VAL B 19 -15.05 25.02 -18.34
CA VAL B 19 -14.26 24.57 -19.48
C VAL B 19 -12.78 24.82 -19.27
N SER B 20 -12.44 26.08 -19.00
CA SER B 20 -11.04 26.46 -18.89
C SER B 20 -10.89 27.76 -18.10
N PRO B 21 -9.77 27.91 -17.38
CA PRO B 21 -9.45 29.16 -16.68
C PRO B 21 -9.35 30.34 -17.64
N MET B 22 -9.08 30.07 -18.91
CA MET B 22 -8.91 31.13 -19.90
C MET B 22 -10.23 31.54 -20.55
N CYS B 23 -11.32 30.88 -20.16
CA CYS B 23 -12.62 31.17 -20.74
C CYS B 23 -13.32 32.36 -20.09
N ALA B 24 -14.16 33.03 -20.87
CA ALA B 24 -14.94 34.16 -20.38
C ALA B 24 -16.36 34.11 -20.94
N TRP B 25 -17.30 34.70 -20.21
CA TRP B 25 -18.70 34.68 -20.61
C TRP B 25 -19.20 36.07 -20.97
N CYS B 26 -20.29 36.15 -21.71
CA CYS B 26 -20.88 37.43 -22.08
C CYS B 26 -22.36 37.48 -21.68
N SER B 27 -22.73 38.51 -20.91
CA SER B 27 -24.10 38.65 -20.43
C SER B 27 -24.82 39.83 -21.08
N ASP B 28 -24.53 40.07 -22.35
CA ASP B 28 -25.11 41.19 -23.07
C ASP B 28 -25.98 40.72 -24.23
N GLU B 29 -27.25 41.12 -24.22
CA GLU B 29 -28.19 40.74 -25.26
C GLU B 29 -27.82 41.34 -26.61
N ALA B 30 -27.09 42.45 -26.57
CA ALA B 30 -26.69 43.19 -27.76
C ALA B 30 -26.01 42.30 -28.80
N LEU B 31 -25.23 41.34 -28.33
CA LEU B 31 -24.56 40.37 -29.20
C LEU B 31 -25.60 39.53 -29.92
N PRO B 32 -25.68 39.67 -31.26
CA PRO B 32 -26.67 38.95 -32.08
C PRO B 32 -26.41 37.45 -32.08
N LEU B 33 -27.46 36.67 -32.29
CA LEU B 33 -27.34 35.22 -32.34
C LEU B 33 -26.49 34.79 -33.53
N GLY B 34 -25.40 34.07 -33.26
CA GLY B 34 -24.49 33.63 -34.30
C GLY B 34 -23.05 33.62 -33.82
N SER B 35 -22.71 34.59 -32.98
CA SER B 35 -21.38 34.67 -32.40
C SER B 35 -21.32 33.85 -31.11
N PRO B 36 -20.12 33.36 -30.75
CA PRO B 36 -19.95 32.60 -29.51
C PRO B 36 -20.36 33.38 -28.27
N ARG B 37 -20.69 32.67 -27.19
CA ARG B 37 -21.06 33.32 -25.95
C ARG B 37 -19.98 33.09 -24.90
N CYS B 38 -19.25 31.99 -25.04
CA CYS B 38 -18.11 31.68 -24.19
C CYS B 38 -16.84 31.67 -25.02
N ASP B 39 -15.91 32.58 -24.71
CA ASP B 39 -14.67 32.68 -25.47
C ASP B 39 -13.57 33.29 -24.62
N LEU B 40 -12.42 33.52 -25.24
CA LEU B 40 -11.31 34.21 -24.57
C LEU B 40 -11.75 35.62 -24.21
N LYS B 41 -11.15 36.16 -23.15
CA LYS B 41 -11.50 37.49 -22.66
C LYS B 41 -11.30 38.54 -23.75
N GLU B 42 -10.24 38.36 -24.54
CA GLU B 42 -9.92 39.29 -25.62
C GLU B 42 -10.91 39.18 -26.76
N ASN B 43 -11.22 37.95 -27.15
CA ASN B 43 -12.15 37.70 -28.26
C ASN B 43 -13.55 38.24 -28.00
N LEU B 44 -13.97 38.25 -26.75
CA LEU B 44 -15.26 38.82 -26.38
C LEU B 44 -15.23 40.33 -26.54
N LEU B 45 -14.13 40.95 -26.11
CA LEU B 45 -13.92 42.38 -26.28
C LEU B 45 -13.91 42.72 -27.77
N LYS B 46 -13.20 41.90 -28.54
CA LYS B 46 -13.08 42.09 -29.98
C LYS B 46 -14.44 41.98 -30.68
N ASP B 47 -15.35 41.21 -30.10
CA ASP B 47 -16.69 41.07 -30.64
C ASP B 47 -17.63 42.10 -30.02
N ASN B 48 -17.04 43.19 -29.53
CA ASN B 48 -17.79 44.30 -28.93
C ASN B 48 -18.78 43.84 -27.86
N CYS B 49 -18.27 43.18 -26.83
CA CYS B 49 -19.09 42.77 -25.71
C CYS B 49 -18.93 43.77 -24.57
N ALA B 50 -20.05 44.16 -23.97
CA ALA B 50 -20.03 45.11 -22.86
C ALA B 50 -19.18 44.59 -21.71
N PRO B 51 -18.09 45.31 -21.40
CA PRO B 51 -17.10 44.93 -20.38
C PRO B 51 -17.73 44.63 -19.02
N GLU B 52 -18.84 45.29 -18.72
CA GLU B 52 -19.56 45.04 -17.47
C GLU B 52 -20.27 43.69 -17.54
N SER B 53 -20.70 43.32 -18.73
CA SER B 53 -21.46 42.08 -18.93
C SER B 53 -20.54 40.88 -19.13
N ILE B 54 -19.24 41.09 -18.99
CA ILE B 54 -18.27 40.00 -19.15
C ILE B 54 -17.91 39.34 -17.82
N GLU B 55 -18.14 38.04 -17.75
CA GLU B 55 -17.80 37.27 -16.56
C GLU B 55 -16.46 36.58 -16.76
N PHE B 56 -15.42 37.11 -16.12
CA PHE B 56 -14.09 36.52 -16.21
C PHE B 56 -13.40 36.51 -14.84
N PRO B 57 -13.73 35.50 -14.02
CA PRO B 57 -13.11 35.36 -12.70
C PRO B 57 -11.63 35.01 -12.82
N VAL B 58 -10.81 35.55 -11.93
CA VAL B 58 -9.39 35.27 -11.94
C VAL B 58 -8.96 34.66 -10.61
N SER B 59 -8.24 33.53 -10.69
CA SER B 59 -7.73 32.89 -9.49
C SER B 59 -6.64 33.74 -8.87
N GLU B 60 -6.62 33.80 -7.54
CA GLU B 60 -5.62 34.58 -6.83
C GLU B 60 -5.20 33.90 -5.53
N ALA B 61 -4.03 34.26 -5.03
CA ALA B 61 -3.54 33.76 -3.76
C ALA B 61 -2.89 34.89 -2.98
N ARG B 62 -3.70 35.67 -2.28
CA ARG B 62 -3.17 36.80 -1.51
C ARG B 62 -2.87 36.42 -0.06
N VAL B 63 -1.77 36.97 0.45
CA VAL B 63 -1.34 36.73 1.82
C VAL B 63 -2.11 37.60 2.80
N LEU B 64 -2.58 36.99 3.89
CA LEU B 64 -3.38 37.70 4.88
C LEU B 64 -2.58 38.10 6.11
N GLU B 65 -1.63 37.26 6.49
CA GLU B 65 -0.72 37.57 7.59
C GLU B 65 0.72 37.25 7.19
N ASP B 66 1.61 38.23 7.32
CA ASP B 66 2.94 38.13 6.74
C ASP B 66 4.03 38.55 7.73
N ARG B 67 3.98 38.02 8.95
CA ARG B 67 4.97 38.35 9.96
C ARG B 67 6.36 37.89 9.53
N PRO B 68 7.39 38.70 9.85
CA PRO B 68 8.76 38.35 9.49
C PRO B 68 9.32 37.23 10.37
N LEU B 69 10.41 36.63 9.93
CA LEU B 69 11.06 35.56 10.68
C LEU B 69 11.87 36.12 11.85
N SER B 70 11.76 35.48 13.00
CA SER B 70 12.51 35.89 14.19
C SER B 70 14.00 35.60 14.03
N ASP B 71 14.84 36.34 14.75
CA ASP B 71 16.28 36.11 14.72
C ASP B 71 16.73 35.37 15.98
N LYS B 72 15.96 35.54 17.06
CA LYS B 72 16.22 34.85 18.31
C LYS B 72 14.94 34.25 18.86
N GLY B 73 15.05 33.07 19.47
CA GLY B 73 13.89 32.39 20.02
C GLY B 73 13.57 32.83 21.43
N SER B 74 14.52 33.50 22.06
CA SER B 74 14.34 34.02 23.41
C SER B 74 13.68 35.39 23.37
N GLY B 75 13.17 35.77 22.21
CA GLY B 75 12.50 37.05 22.04
C GLY B 75 11.22 37.14 22.85
N ASP B 76 11.30 37.86 23.97
CA ASP B 76 10.15 38.03 24.84
C ASP B 76 9.27 39.19 24.36
N SER B 77 9.83 40.02 23.49
CA SER B 77 9.10 41.16 22.94
C SER B 77 7.95 40.69 22.05
N SER B 78 8.28 40.27 20.84
CA SER B 78 7.29 39.76 19.90
C SER B 78 7.23 38.24 19.95
N GLN B 79 6.07 37.69 19.61
CA GLN B 79 5.90 36.24 19.56
C GLN B 79 6.82 35.64 18.51
N VAL B 80 7.52 34.57 18.88
CA VAL B 80 8.50 33.97 18.00
C VAL B 80 7.86 33.42 16.73
N THR B 81 8.42 33.79 15.58
CA THR B 81 7.91 33.34 14.31
C THR B 81 9.00 32.57 13.54
N GLN B 82 8.70 31.33 13.18
CA GLN B 82 9.68 30.50 12.48
C GLN B 82 9.17 30.05 11.12
N VAL B 83 8.00 30.56 10.73
CA VAL B 83 7.41 30.24 9.44
C VAL B 83 6.74 31.48 8.85
N SER B 84 7.05 31.79 7.60
CA SER B 84 6.43 32.92 6.92
C SER B 84 6.08 32.57 5.48
N PRO B 85 4.87 32.96 5.03
CA PRO B 85 3.84 33.67 5.78
C PRO B 85 3.11 32.77 6.76
N GLN B 86 1.98 33.23 7.28
CA GLN B 86 1.24 32.47 8.28
C GLN B 86 -0.19 32.18 7.84
N ARG B 87 -0.70 32.98 6.91
CA ARG B 87 -2.07 32.81 6.42
C ARG B 87 -2.23 33.32 4.99
N ILE B 88 -2.80 32.49 4.13
CA ILE B 88 -3.03 32.85 2.73
C ILE B 88 -4.44 32.50 2.31
N ALA B 89 -5.12 33.43 1.64
CA ALA B 89 -6.42 33.16 1.07
C ALA B 89 -6.25 32.75 -0.39
N LEU B 90 -6.65 31.52 -0.69
CA LEU B 90 -6.55 31.01 -2.05
C LEU B 90 -7.94 30.93 -2.66
N ARG B 91 -8.08 31.46 -3.87
CA ARG B 91 -9.35 31.39 -4.58
C ARG B 91 -9.13 30.86 -5.99
N LEU B 92 -9.82 29.78 -6.33
CA LEU B 92 -9.61 29.12 -7.61
C LEU B 92 -10.90 28.98 -8.43
N ARG B 93 -10.76 29.15 -9.74
CA ARG B 93 -11.84 28.86 -10.68
C ARG B 93 -11.61 27.44 -11.22
N PRO B 94 -12.65 26.80 -11.79
CA PRO B 94 -12.57 25.39 -12.20
C PRO B 94 -11.29 24.99 -12.92
N ASP B 95 -10.67 23.92 -12.45
CA ASP B 95 -9.48 23.34 -13.08
C ASP B 95 -8.32 24.31 -13.20
N ASP B 96 -8.24 25.25 -12.28
CA ASP B 96 -7.17 26.25 -12.30
C ASP B 96 -6.18 26.02 -11.16
N SER B 97 -4.99 26.59 -11.30
CA SER B 97 -3.96 26.46 -10.28
C SER B 97 -3.41 27.83 -9.87
N LYS B 98 -2.64 27.84 -8.79
CA LYS B 98 -2.00 29.05 -8.31
C LYS B 98 -0.90 28.71 -7.32
N ASN B 99 0.33 29.00 -7.69
CA ASN B 99 1.48 28.65 -6.86
C ASN B 99 1.77 29.69 -5.78
N PHE B 100 2.46 29.26 -4.73
CA PHE B 100 2.83 30.14 -3.62
C PHE B 100 4.15 29.69 -3.00
N SER B 101 4.53 30.27 -1.87
CA SER B 101 5.82 29.96 -1.26
C SER B 101 5.83 30.12 0.25
N ILE B 102 6.75 29.44 0.92
CA ILE B 102 6.83 29.47 2.37
C ILE B 102 8.29 29.35 2.85
N GLN B 103 8.62 30.13 3.88
CA GLN B 103 9.98 30.12 4.43
C GLN B 103 9.97 29.55 5.84
N VAL B 104 10.86 28.60 6.08
CA VAL B 104 10.95 27.97 7.39
C VAL B 104 12.34 28.22 7.96
N ARG B 105 12.39 28.65 9.21
CA ARG B 105 13.67 28.95 9.85
C ARG B 105 13.87 28.16 11.14
N GLN B 106 15.05 27.56 11.27
CA GLN B 106 15.46 26.92 12.51
C GLN B 106 16.00 28.01 13.45
N VAL B 107 15.09 28.67 14.17
CA VAL B 107 15.39 29.86 14.95
C VAL B 107 16.44 29.64 16.05
N GLU B 108 17.44 30.51 16.07
CA GLU B 108 18.50 30.48 17.08
C GLU B 108 17.95 30.70 18.49
N ASP B 109 18.48 29.93 19.45
CA ASP B 109 18.11 30.06 20.86
C ASP B 109 16.60 29.90 21.11
N TYR B 110 16.07 28.75 20.68
CA TYR B 110 14.66 28.44 20.88
C TYR B 110 14.49 27.72 22.21
N PRO B 111 13.33 27.91 22.87
CA PRO B 111 13.09 27.26 24.17
C PRO B 111 13.02 25.74 24.03
N VAL B 112 13.44 25.03 25.07
CA VAL B 112 13.47 23.57 25.03
C VAL B 112 12.77 22.93 26.22
N ASP B 113 11.89 21.97 25.94
CA ASP B 113 11.30 21.14 26.98
C ASP B 113 11.90 19.74 26.92
N ILE B 114 12.32 19.20 28.06
CA ILE B 114 12.86 17.85 28.11
C ILE B 114 12.18 17.01 29.18
N TYR B 115 11.32 16.09 28.76
CA TYR B 115 10.69 15.17 29.70
C TYR B 115 11.46 13.86 29.71
N TYR B 116 11.95 13.49 30.88
CA TYR B 116 12.76 12.29 31.02
C TYR B 116 11.88 11.13 31.45
N LEU B 117 11.55 10.25 30.51
CA LEU B 117 10.71 9.09 30.78
C LEU B 117 11.58 7.86 30.96
N MET B 118 11.60 7.31 32.17
CA MET B 118 12.61 6.33 32.55
C MET B 118 12.07 4.95 32.94
N ASP B 119 12.68 3.91 32.37
CA ASP B 119 12.43 2.54 32.77
C ASP B 119 12.94 2.37 34.20
N LEU B 120 12.07 1.89 35.09
CA LEU B 120 12.47 1.63 36.47
C LEU B 120 12.36 0.16 36.86
N SER B 121 12.67 -0.72 35.91
CA SER B 121 12.82 -2.13 36.21
C SER B 121 14.09 -2.29 37.04
N TYR B 122 14.22 -3.43 37.71
CA TYR B 122 15.32 -3.65 38.65
C TYR B 122 16.69 -3.44 38.02
N SER B 123 16.80 -3.73 36.73
CA SER B 123 18.06 -3.57 36.02
C SER B 123 18.53 -2.13 35.95
N MET B 124 17.63 -1.20 36.25
CA MET B 124 17.92 0.23 36.13
C MET B 124 18.26 0.89 37.46
N LYS B 125 18.55 0.08 38.47
CA LYS B 125 18.90 0.61 39.79
C LYS B 125 20.19 1.42 39.71
N ASP B 126 21.15 0.91 38.93
CA ASP B 126 22.43 1.57 38.77
C ASP B 126 22.30 2.84 37.93
N ASP B 127 21.37 2.83 36.99
CA ASP B 127 21.12 3.99 36.15
C ASP B 127 20.52 5.12 36.96
N LEU B 128 19.58 4.76 37.84
CA LEU B 128 18.89 5.72 38.68
C LEU B 128 19.87 6.46 39.58
N TRP B 129 21.01 5.82 39.83
CA TRP B 129 22.05 6.41 40.66
C TRP B 129 22.91 7.40 39.88
N SER B 130 23.20 7.08 38.62
CA SER B 130 24.09 7.90 37.81
C SER B 130 23.44 9.20 37.36
N ILE B 131 22.12 9.28 37.43
CA ILE B 131 21.42 10.47 36.99
C ILE B 131 20.95 11.34 38.15
N GLN B 132 21.48 11.08 39.34
CA GLN B 132 21.12 11.85 40.52
C GLN B 132 21.47 13.33 40.33
N ASN B 133 22.56 13.58 39.62
CA ASN B 133 23.01 14.95 39.38
C ASN B 133 22.86 15.33 37.91
N LEU B 134 22.12 14.50 37.16
CA LEU B 134 21.93 14.72 35.73
C LEU B 134 21.36 16.09 35.43
N GLY B 135 20.40 16.53 36.24
CA GLY B 135 19.73 17.82 36.03
C GLY B 135 20.67 18.99 35.84
N THR B 136 21.38 19.37 36.90
CA THR B 136 22.30 20.51 36.84
C THR B 136 23.36 20.29 35.78
N LYS B 137 23.83 19.05 35.66
CA LYS B 137 24.81 18.68 34.66
C LYS B 137 24.26 18.86 33.25
N LEU B 138 22.95 18.67 33.12
CA LEU B 138 22.26 18.82 31.84
C LEU B 138 22.01 20.30 31.55
N ALA B 139 21.66 21.06 32.58
CA ALA B 139 21.32 22.47 32.43
C ALA B 139 22.49 23.29 31.89
N THR B 140 23.71 22.86 32.21
CA THR B 140 24.90 23.54 31.74
C THR B 140 25.08 23.37 30.23
N GLN B 141 25.05 22.13 29.77
CA GLN B 141 25.26 21.84 28.35
C GLN B 141 24.16 22.43 27.48
N MET B 142 22.93 22.42 27.98
CA MET B 142 21.81 22.96 27.24
C MET B 142 21.89 24.48 27.13
N ARG B 143 22.53 25.09 28.12
CA ARG B 143 22.71 26.54 28.13
C ARG B 143 23.46 27.00 26.88
N LYS B 144 24.30 26.13 26.35
CA LYS B 144 25.07 26.44 25.15
C LYS B 144 24.20 26.55 23.90
N LEU B 145 22.99 25.99 23.98
CA LEU B 145 22.11 25.95 22.82
C LEU B 145 20.81 26.71 23.06
N THR B 146 20.49 26.96 24.32
CA THR B 146 19.26 27.67 24.65
C THR B 146 19.32 28.31 26.03
N SER B 147 18.55 29.38 26.20
CA SER B 147 18.49 30.07 27.48
C SER B 147 17.31 29.56 28.31
N ASN B 148 16.15 29.49 27.66
CA ASN B 148 14.93 29.08 28.35
C ASN B 148 14.72 27.57 28.28
N LEU B 149 15.05 26.87 29.35
CA LEU B 149 14.95 25.42 29.39
C LEU B 149 14.14 24.90 30.58
N ARG B 150 13.15 24.05 30.29
CA ARG B 150 12.40 23.37 31.34
C ARG B 150 12.63 21.88 31.23
N ILE B 151 12.71 21.19 32.37
CA ILE B 151 12.82 19.73 32.36
C ILE B 151 11.82 19.09 33.32
N GLY B 152 11.57 17.80 33.12
CA GLY B 152 10.65 17.06 33.95
C GLY B 152 11.04 15.59 34.03
N PHE B 153 10.29 14.82 34.82
CA PHE B 153 10.61 13.41 34.99
C PHE B 153 9.38 12.52 35.06
N GLY B 154 9.52 11.32 34.52
CA GLY B 154 8.47 10.32 34.55
C GLY B 154 9.07 8.92 34.51
N ALA B 155 8.35 7.95 35.05
CA ALA B 155 8.88 6.59 35.13
C ALA B 155 7.83 5.55 34.77
N PHE B 156 8.29 4.41 34.28
CA PHE B 156 7.39 3.32 33.89
C PHE B 156 8.00 1.95 34.18
N VAL B 157 7.14 0.96 34.35
CA VAL B 157 7.56 -0.44 34.33
C VAL B 157 6.62 -1.22 33.43
N ASP B 158 5.50 -1.68 33.98
CA ASP B 158 4.49 -2.35 33.18
C ASP B 158 3.15 -2.39 33.92
N LYS B 159 2.12 -2.84 33.20
CA LYS B 159 0.77 -2.91 33.75
C LYS B 159 0.73 -3.76 35.02
N PRO B 160 0.28 -3.17 36.13
CA PRO B 160 0.20 -3.84 37.42
C PRO B 160 -0.87 -4.92 37.44
N VAL B 161 -0.70 -5.93 36.60
CA VAL B 161 -1.67 -7.01 36.48
C VAL B 161 -0.98 -8.27 35.96
N SER B 162 -1.50 -9.43 36.34
CA SER B 162 -1.04 -10.70 35.79
C SER B 162 -1.24 -10.68 34.28
N PRO B 163 -0.31 -11.29 33.52
CA PRO B 163 0.87 -12.04 33.97
C PRO B 163 2.12 -11.19 34.09
N TYR B 164 2.01 -9.90 33.85
CA TYR B 164 3.17 -9.03 33.87
C TYR B 164 3.67 -8.80 35.29
N MET B 165 2.81 -9.07 36.26
CA MET B 165 3.11 -8.76 37.66
C MET B 165 3.01 -9.98 38.57
N TYR B 166 3.80 -9.99 39.63
CA TYR B 166 3.68 -10.98 40.67
C TYR B 166 2.43 -10.66 41.50
N ILE B 167 1.49 -11.60 41.58
CA ILE B 167 0.28 -11.41 42.35
C ILE B 167 0.16 -12.40 43.49
N SER B 168 1.19 -13.24 43.63
CA SER B 168 1.22 -14.24 44.69
C SER B 168 2.68 -14.64 44.94
N PRO B 169 3.05 -14.86 46.22
CA PRO B 169 2.24 -14.79 47.45
C PRO B 169 1.88 -13.34 47.79
N PRO B 170 0.98 -13.13 48.78
CA PRO B 170 0.56 -11.78 49.15
C PRO B 170 1.72 -10.82 49.43
N GLU B 171 2.85 -11.36 49.89
CA GLU B 171 4.01 -10.53 50.20
C GLU B 171 4.68 -10.00 48.93
N ALA B 172 4.44 -10.67 47.81
CA ALA B 172 5.01 -10.25 46.53
C ALA B 172 4.37 -8.96 46.02
N LEU B 173 3.11 -8.73 46.36
CA LEU B 173 2.42 -7.51 45.97
C LEU B 173 3.06 -6.29 46.62
N GLU B 174 3.22 -6.35 47.94
CA GLU B 174 3.82 -5.26 48.69
C GLU B 174 5.30 -5.10 48.32
N ASN B 175 5.97 -6.21 48.07
CA ASN B 175 7.38 -6.21 47.70
C ASN B 175 7.70 -7.28 46.67
N PRO B 176 7.80 -6.89 45.39
CA PRO B 176 8.13 -7.79 44.29
C PRO B 176 9.51 -8.43 44.43
N CYS B 177 10.33 -7.90 45.32
CA CYS B 177 11.67 -8.44 45.51
C CYS B 177 11.79 -9.17 46.85
N TYR B 178 10.72 -9.85 47.24
CA TYR B 178 10.70 -10.61 48.49
C TYR B 178 11.70 -11.76 48.44
N ASP B 179 11.82 -12.38 47.26
CA ASP B 179 12.68 -13.54 47.11
C ASP B 179 14.12 -13.18 46.76
N MET B 180 14.31 -11.95 46.28
CA MET B 180 15.63 -11.48 45.88
C MET B 180 16.42 -10.93 47.06
N LYS B 181 15.86 -11.08 48.26
CA LYS B 181 16.53 -10.67 49.48
C LYS B 181 16.82 -9.16 49.52
N THR B 182 15.81 -8.37 49.14
CA THR B 182 15.88 -6.92 49.20
C THR B 182 14.46 -6.35 49.09
N THR B 183 14.35 -5.05 48.88
CA THR B 183 13.03 -4.43 48.71
C THR B 183 12.99 -3.48 47.52
N CYS B 184 11.89 -3.54 46.79
CA CYS B 184 11.65 -2.64 45.67
C CYS B 184 10.17 -2.27 45.66
N LEU B 185 9.87 -1.07 45.15
CA LEU B 185 8.50 -0.59 45.05
C LEU B 185 7.61 -1.60 44.36
N PRO B 186 6.32 -1.64 44.73
CA PRO B 186 5.36 -2.48 44.02
C PRO B 186 5.27 -2.07 42.55
N MET B 187 4.66 -2.92 41.74
CA MET B 187 4.56 -2.66 40.31
C MET B 187 3.71 -1.42 40.02
N PHE B 188 4.12 -0.67 39.01
CA PHE B 188 3.33 0.47 38.54
C PHE B 188 3.50 0.64 37.04
N GLY B 189 2.40 0.97 36.36
CA GLY B 189 2.41 1.18 34.93
C GLY B 189 3.21 2.40 34.55
N TYR B 190 2.63 3.57 34.77
CA TYR B 190 3.33 4.82 34.54
C TYR B 190 2.94 5.85 35.59
N LYS B 191 3.94 6.46 36.22
CA LYS B 191 3.68 7.55 37.15
C LYS B 191 4.43 8.81 36.75
N HIS B 192 3.68 9.91 36.65
CA HIS B 192 4.29 11.21 36.41
C HIS B 192 4.91 11.67 37.72
N VAL B 193 6.13 12.19 37.65
CA VAL B 193 6.84 12.60 38.85
C VAL B 193 7.00 14.11 38.92
N LEU B 194 7.70 14.68 37.94
CA LEU B 194 8.01 16.10 37.96
C LEU B 194 7.49 16.82 36.72
N THR B 195 6.55 17.73 36.93
CA THR B 195 6.05 18.58 35.86
C THR B 195 7.17 19.48 35.36
N LEU B 196 7.21 19.70 34.05
CA LEU B 196 8.23 20.52 33.41
C LEU B 196 8.45 21.87 34.10
N THR B 197 9.61 22.01 34.75
CA THR B 197 9.95 23.24 35.47
C THR B 197 11.32 23.74 35.06
N ASP B 198 11.56 25.04 35.24
CA ASP B 198 12.87 25.62 34.97
C ASP B 198 13.78 25.46 36.19
N GLN B 199 13.20 25.05 37.30
CA GLN B 199 13.96 24.80 38.52
C GLN B 199 14.66 23.46 38.43
N VAL B 200 15.81 23.47 37.76
CA VAL B 200 16.60 22.29 37.47
C VAL B 200 16.93 21.42 38.70
N THR B 201 17.14 22.06 39.85
CA THR B 201 17.43 21.33 41.08
C THR B 201 16.32 20.35 41.46
N ARG B 202 15.08 20.74 41.19
CA ARG B 202 13.91 19.90 41.48
C ARG B 202 14.04 18.53 40.84
N PHE B 203 14.71 18.49 39.68
CA PHE B 203 14.97 17.23 38.99
C PHE B 203 15.83 16.34 39.87
N ASN B 204 17.00 16.84 40.26
CA ASN B 204 17.92 16.08 41.10
C ASN B 204 17.27 15.59 42.38
N GLU B 205 16.47 16.47 43.00
CA GLU B 205 15.74 16.11 44.22
C GLU B 205 14.83 14.92 43.98
N GLU B 206 13.95 15.05 43.00
CA GLU B 206 12.94 14.03 42.73
C GLU B 206 13.54 12.70 42.28
N VAL B 207 14.64 12.77 41.52
CA VAL B 207 15.31 11.57 41.05
C VAL B 207 15.84 10.72 42.21
N LYS B 208 16.45 11.39 43.18
CA LYS B 208 17.02 10.70 44.34
C LYS B 208 15.95 10.06 45.22
N LYS B 209 14.71 10.53 45.11
CA LYS B 209 13.61 9.95 45.86
C LYS B 209 13.04 8.70 45.20
N GLN B 210 13.34 8.53 43.93
CA GLN B 210 12.83 7.38 43.17
C GLN B 210 13.51 6.07 43.56
N SER B 211 12.85 4.96 43.24
CA SER B 211 13.39 3.63 43.41
C SER B 211 12.77 2.69 42.39
N VAL B 212 13.43 1.57 42.11
CA VAL B 212 12.99 0.68 41.04
C VAL B 212 11.97 -0.35 41.54
N SER B 213 11.37 -1.06 40.58
CA SER B 213 10.48 -2.17 40.89
C SER B 213 10.99 -3.39 40.16
N ARG B 214 10.12 -4.38 39.93
CA ARG B 214 10.54 -5.61 39.28
C ARG B 214 9.40 -6.28 38.53
N ASN B 215 9.62 -6.57 37.25
CA ASN B 215 8.63 -7.23 36.42
C ASN B 215 8.91 -8.72 36.29
N ARG B 216 7.90 -9.49 35.90
CA ARG B 216 8.05 -10.93 35.74
C ARG B 216 8.63 -11.29 34.38
N ASP B 217 8.08 -10.73 33.31
CA ASP B 217 8.57 -11.05 31.96
C ASP B 217 9.35 -9.88 31.35
N ALA B 218 10.18 -10.21 30.37
CA ALA B 218 11.14 -9.26 29.81
C ALA B 218 10.54 -7.98 29.20
N PRO B 219 9.53 -8.10 28.31
CA PRO B 219 9.00 -6.86 27.75
C PRO B 219 8.25 -6.00 28.76
N GLU B 220 8.42 -4.69 28.67
CA GLU B 220 7.76 -3.76 29.57
C GLU B 220 6.72 -2.91 28.85
N GLY B 221 6.14 -1.94 29.55
CA GLY B 221 5.03 -1.19 29.01
C GLY B 221 5.31 0.27 28.74
N GLY B 222 6.50 0.56 28.22
CA GLY B 222 6.90 1.94 27.94
C GLY B 222 5.95 2.68 27.03
N PHE B 223 5.38 1.96 26.06
CA PHE B 223 4.50 2.58 25.06
C PHE B 223 3.29 3.25 25.71
N ASP B 224 2.80 2.66 26.80
CA ASP B 224 1.74 3.29 27.58
C ASP B 224 2.21 4.66 28.07
N ALA B 225 3.40 4.67 28.66
CA ALA B 225 3.96 5.90 29.23
C ALA B 225 4.26 6.93 28.15
N ILE B 226 4.75 6.49 27.00
CA ILE B 226 5.05 7.38 25.89
C ILE B 226 3.78 8.10 25.42
N MET B 227 2.71 7.33 25.28
CA MET B 227 1.41 7.88 24.90
C MET B 227 0.94 8.92 25.90
N GLN B 228 0.95 8.56 27.18
CA GLN B 228 0.44 9.43 28.23
C GLN B 228 1.24 10.70 28.40
N ALA B 229 2.55 10.60 28.21
CA ALA B 229 3.42 11.77 28.32
C ALA B 229 3.19 12.71 27.15
N THR B 230 2.61 12.17 26.08
CA THR B 230 2.37 12.94 24.86
C THR B 230 1.07 13.73 24.91
N VAL B 231 -0.01 13.08 25.33
CA VAL B 231 -1.33 13.68 25.24
C VAL B 231 -1.82 14.33 26.54
N CYS B 232 -1.14 14.05 27.64
CA CYS B 232 -1.45 14.74 28.89
C CYS B 232 -0.65 16.03 28.93
N ASP B 233 -1.03 16.96 28.06
CA ASP B 233 -0.30 18.20 27.85
C ASP B 233 -0.20 19.05 29.12
N GLU B 234 -1.29 19.11 29.88
CA GLU B 234 -1.32 19.95 31.07
C GLU B 234 -0.46 19.36 32.19
N LYS B 235 -0.64 18.07 32.47
CA LYS B 235 0.12 17.39 33.51
C LYS B 235 1.63 17.51 33.31
N ILE B 236 2.09 17.16 32.11
CA ILE B 236 3.51 17.22 31.80
C ILE B 236 3.95 18.68 31.69
N GLY B 237 3.13 19.48 31.01
CA GLY B 237 3.36 20.91 30.94
C GLY B 237 4.14 21.38 29.74
N TRP B 238 3.87 20.77 28.59
CA TRP B 238 4.52 21.17 27.35
C TRP B 238 4.20 22.62 27.04
N ARG B 239 5.20 23.39 26.63
CA ARG B 239 5.01 24.78 26.23
C ARG B 239 4.74 24.87 24.74
N ASN B 240 3.82 25.75 24.36
CA ASN B 240 3.48 25.95 22.95
C ASN B 240 4.68 26.27 22.08
N ASP B 241 5.40 27.33 22.43
CA ASP B 241 6.57 27.73 21.66
C ASP B 241 7.86 27.21 22.26
N ALA B 242 8.05 25.89 22.17
CA ALA B 242 9.26 25.26 22.67
C ALA B 242 9.48 23.91 21.98
N SER B 243 10.73 23.57 21.73
CA SER B 243 11.06 22.26 21.20
C SER B 243 10.81 21.22 22.27
N HIS B 244 10.04 20.19 21.91
CA HIS B 244 9.64 19.18 22.88
C HIS B 244 10.45 17.91 22.69
N LEU B 245 11.21 17.55 23.71
CA LEU B 245 11.99 16.31 23.68
C LEU B 245 11.47 15.32 24.71
N LEU B 246 11.07 14.14 24.24
CA LEU B 246 10.61 13.08 25.12
C LEU B 246 11.65 11.97 25.13
N VAL B 247 12.50 11.98 26.15
CA VAL B 247 13.58 11.01 26.24
C VAL B 247 13.11 9.69 26.86
N PHE B 248 13.06 8.66 26.03
CA PHE B 248 12.61 7.35 26.43
C PHE B 248 13.82 6.46 26.72
N THR B 249 13.97 6.07 27.98
CA THR B 249 15.14 5.31 28.40
C THR B 249 14.76 3.91 28.87
N THR B 250 15.24 2.89 28.16
CA THR B 250 14.98 1.50 28.55
C THR B 250 16.11 0.58 28.13
N ASP B 251 16.19 -0.58 28.77
CA ASP B 251 17.22 -1.56 28.45
C ASP B 251 16.63 -2.92 28.09
N ALA B 252 15.35 -2.93 27.75
CA ALA B 252 14.64 -4.17 27.45
C ALA B 252 13.68 -4.01 26.29
N LYS B 253 13.23 -5.14 25.73
CA LYS B 253 12.20 -5.10 24.69
C LYS B 253 10.87 -4.65 25.29
N THR B 254 9.89 -4.42 24.42
CA THR B 254 8.64 -3.80 24.88
C THR B 254 7.39 -4.55 24.42
N HIS B 255 6.34 -4.44 25.21
CA HIS B 255 5.02 -4.90 24.80
C HIS B 255 4.45 -3.95 23.75
N ILE B 256 3.65 -4.51 22.85
CA ILE B 256 3.05 -3.73 21.78
C ILE B 256 1.54 -3.93 21.82
N ALA B 257 0.80 -3.21 20.99
CA ALA B 257 -0.65 -3.34 20.98
C ALA B 257 -1.04 -4.76 20.64
N LEU B 258 -2.14 -5.21 21.23
CA LEU B 258 -2.66 -6.59 21.16
C LEU B 258 -1.98 -7.59 22.10
N ASP B 259 -0.85 -7.20 22.68
CA ASP B 259 -0.22 -8.02 23.72
C ASP B 259 -1.14 -8.10 24.94
N GLY B 260 -1.87 -7.01 25.18
CA GLY B 260 -2.70 -6.91 26.36
C GLY B 260 -3.82 -7.93 26.47
N ARG B 261 -4.09 -8.64 25.38
CA ARG B 261 -5.20 -9.60 25.35
C ARG B 261 -4.97 -10.75 26.33
N LEU B 262 -3.71 -11.13 26.51
CA LEU B 262 -3.37 -12.19 27.44
C LEU B 262 -3.77 -11.79 28.86
N ALA B 263 -3.66 -10.50 29.16
CA ALA B 263 -3.98 -9.99 30.49
C ALA B 263 -5.49 -9.84 30.69
N GLY B 264 -6.25 -10.13 29.65
CA GLY B 264 -7.69 -9.95 29.70
C GLY B 264 -8.08 -8.53 29.33
N ILE B 265 -7.16 -7.83 28.67
CA ILE B 265 -7.36 -6.45 28.28
C ILE B 265 -7.64 -6.33 26.78
N VAL B 266 -8.89 -6.09 26.42
CA VAL B 266 -9.27 -6.08 25.01
C VAL B 266 -9.88 -4.75 24.55
N GLN B 267 -9.81 -3.74 25.40
CA GLN B 267 -10.24 -2.41 25.00
C GLN B 267 -9.07 -1.65 24.36
N PRO B 268 -9.22 -1.28 23.08
CA PRO B 268 -8.19 -0.57 22.33
C PRO B 268 -7.89 0.80 22.92
N ASN B 269 -6.61 1.19 22.88
CA ASN B 269 -6.16 2.49 23.40
C ASN B 269 -6.88 3.66 22.74
N ASP B 270 -7.43 4.56 23.56
CA ASP B 270 -8.23 5.67 23.06
C ASP B 270 -7.38 6.90 22.72
N GLY B 271 -6.11 6.88 23.12
CA GLY B 271 -5.21 7.97 22.84
C GLY B 271 -5.48 9.20 23.69
N GLN B 272 -6.43 9.09 24.61
CA GLN B 272 -6.77 10.20 25.48
C GLN B 272 -5.94 10.15 26.77
N CYS B 273 -5.91 11.27 27.48
CA CYS B 273 -5.19 11.33 28.75
C CYS B 273 -5.95 10.58 29.84
N HIS B 274 -5.21 9.90 30.71
CA HIS B 274 -5.82 9.17 31.82
C HIS B 274 -4.94 9.22 33.07
N VAL B 275 -4.13 10.26 33.17
CA VAL B 275 -3.32 10.49 34.36
C VAL B 275 -3.98 11.59 35.19
N GLY B 276 -4.49 11.21 36.36
CA GLY B 276 -5.21 12.15 37.20
C GLY B 276 -4.41 12.71 38.36
N SER B 277 -5.13 13.14 39.39
CA SER B 277 -4.53 13.78 40.57
C SER B 277 -3.45 12.93 41.23
N ASP B 278 -3.67 11.62 41.28
CA ASP B 278 -2.71 10.71 41.90
C ASP B 278 -1.44 10.54 41.08
N ASN B 279 -1.41 11.16 39.89
CA ASN B 279 -0.26 11.12 38.99
C ASN B 279 0.10 9.73 38.46
N HIS B 280 -0.87 8.81 38.48
CA HIS B 280 -0.66 7.47 37.96
C HIS B 280 -1.60 7.18 36.80
N TYR B 281 -1.11 6.40 35.83
CA TYR B 281 -1.91 6.04 34.66
C TYR B 281 -3.03 5.09 35.05
N SER B 282 -4.23 5.65 35.20
CA SER B 282 -5.38 4.91 35.71
C SER B 282 -5.93 3.86 34.75
N ALA B 283 -5.69 4.02 33.45
CA ALA B 283 -6.24 3.10 32.47
C ALA B 283 -5.33 1.89 32.27
N SER B 284 -4.18 1.91 32.93
CA SER B 284 -3.15 0.89 32.75
C SER B 284 -3.65 -0.55 32.82
N THR B 285 -4.61 -0.80 33.71
CA THR B 285 -5.11 -2.15 33.89
C THR B 285 -6.31 -2.48 33.01
N THR B 286 -6.86 -1.47 32.34
CA THR B 286 -8.09 -1.68 31.58
C THR B 286 -7.96 -1.41 30.08
N MET B 287 -6.88 -0.76 29.67
CA MET B 287 -6.72 -0.39 28.26
C MET B 287 -5.45 -0.97 27.67
N ASP B 288 -5.54 -1.45 26.43
CA ASP B 288 -4.43 -2.11 25.76
C ASP B 288 -3.32 -1.12 25.41
N TYR B 289 -2.13 -1.65 25.13
CA TYR B 289 -1.00 -0.84 24.68
C TYR B 289 -1.35 -0.15 23.37
N PRO B 290 -0.80 1.05 23.15
CA PRO B 290 -1.07 1.80 21.92
C PRO B 290 -0.34 1.23 20.71
N SER B 291 -0.98 1.26 19.55
CA SER B 291 -0.32 0.82 18.32
C SER B 291 0.63 1.89 17.84
N LEU B 292 1.54 1.51 16.94
CA LEU B 292 2.56 2.43 16.44
C LEU B 292 1.92 3.56 15.64
N GLY B 293 0.87 3.25 14.89
CA GLY B 293 0.12 4.24 14.16
C GLY B 293 -0.47 5.29 15.07
N LEU B 294 -1.05 4.85 16.18
CA LEU B 294 -1.66 5.77 17.14
C LEU B 294 -0.62 6.68 17.77
N MET B 295 0.50 6.09 18.18
CA MET B 295 1.59 6.85 18.78
C MET B 295 2.11 7.91 17.81
N THR B 296 2.23 7.54 16.55
CA THR B 296 2.67 8.47 15.51
C THR B 296 1.72 9.65 15.39
N GLU B 297 0.43 9.36 15.28
CA GLU B 297 -0.61 10.40 15.15
C GLU B 297 -0.54 11.42 16.28
N LYS B 298 -0.42 10.94 17.51
CA LYS B 298 -0.42 11.82 18.66
C LYS B 298 0.91 12.58 18.83
N LEU B 299 2.02 11.91 18.54
CA LEU B 299 3.32 12.58 18.59
C LEU B 299 3.38 13.72 17.57
N SER B 300 2.82 13.48 16.39
CA SER B 300 2.79 14.49 15.34
C SER B 300 1.94 15.69 15.74
N GLN B 301 0.76 15.41 16.29
CA GLN B 301 -0.15 16.48 16.69
C GLN B 301 0.44 17.33 17.81
N LYS B 302 0.87 16.70 18.88
CA LYS B 302 1.39 17.41 20.05
C LYS B 302 2.83 17.89 19.84
N ASN B 303 3.32 17.75 18.61
CA ASN B 303 4.68 18.19 18.26
C ASN B 303 5.75 17.69 19.22
N ILE B 304 5.75 16.39 19.47
CA ILE B 304 6.69 15.78 20.40
C ILE B 304 7.75 14.99 19.65
N ASN B 305 9.00 15.14 20.07
CA ASN B 305 10.10 14.38 19.47
C ASN B 305 10.51 13.20 20.35
N LEU B 306 10.14 12.01 19.91
CA LEU B 306 10.49 10.80 20.66
C LEU B 306 11.97 10.46 20.47
N ILE B 307 12.68 10.30 21.58
CA ILE B 307 14.09 9.93 21.53
C ILE B 307 14.30 8.59 22.22
N PHE B 308 14.61 7.57 21.41
CA PHE B 308 14.86 6.23 21.94
C PHE B 308 16.28 6.08 22.47
N ALA B 309 16.44 6.21 23.78
CA ALA B 309 17.72 5.98 24.42
C ALA B 309 17.78 4.56 24.98
N VAL B 310 18.26 3.62 24.18
CA VAL B 310 18.25 2.21 24.56
C VAL B 310 19.64 1.60 24.62
N THR B 311 19.76 0.49 25.33
CA THR B 311 21.04 -0.20 25.49
C THR B 311 21.35 -1.11 24.31
N GLU B 312 22.63 -1.47 24.19
CA GLU B 312 23.14 -2.22 23.04
C GLU B 312 22.29 -3.44 22.64
N ASN B 313 21.87 -4.21 23.63
CA ASN B 313 21.16 -5.45 23.38
C ASN B 313 19.81 -5.26 22.67
N VAL B 314 19.27 -4.05 22.73
CA VAL B 314 17.98 -3.78 22.12
C VAL B 314 18.01 -2.65 21.09
N VAL B 315 19.20 -2.21 20.71
CA VAL B 315 19.33 -1.08 19.78
C VAL B 315 18.70 -1.39 18.43
N ASN B 316 19.14 -2.47 17.79
CA ASN B 316 18.62 -2.86 16.49
C ASN B 316 17.09 -2.95 16.48
N LEU B 317 16.54 -3.43 17.59
CA LEU B 317 15.10 -3.53 17.74
C LEU B 317 14.44 -2.15 17.64
N TYR B 318 14.78 -1.28 18.59
CA TYR B 318 14.18 0.06 18.64
C TYR B 318 14.55 0.89 17.42
N GLN B 319 15.67 0.55 16.79
CA GLN B 319 16.05 1.18 15.53
C GLN B 319 14.99 0.88 14.49
N ASN B 320 14.62 -0.40 14.38
CA ASN B 320 13.61 -0.83 13.42
C ASN B 320 12.23 -0.28 13.74
N TYR B 321 11.94 -0.13 15.03
CA TYR B 321 10.69 0.48 15.46
C TYR B 321 10.67 1.95 15.04
N SER B 322 11.83 2.59 15.16
CA SER B 322 11.94 4.01 14.86
C SER B 322 11.61 4.30 13.40
N GLU B 323 12.01 3.39 12.53
CA GLU B 323 11.74 3.54 11.09
C GLU B 323 10.25 3.41 10.79
N LEU B 324 9.47 2.98 11.78
CA LEU B 324 8.03 2.88 11.64
C LEU B 324 7.33 4.09 12.26
N ILE B 325 8.09 4.86 13.03
CA ILE B 325 7.61 6.12 13.58
C ILE B 325 8.57 7.21 13.17
N PRO B 326 8.40 7.74 11.95
CA PRO B 326 9.30 8.73 11.36
C PRO B 326 9.53 9.93 12.27
N GLY B 327 10.74 10.47 12.25
CA GLY B 327 11.07 11.64 13.05
C GLY B 327 11.64 11.26 14.39
N THR B 328 11.52 9.98 14.72
CA THR B 328 12.03 9.46 15.97
C THR B 328 13.52 9.20 15.83
N THR B 329 14.29 9.51 16.88
CA THR B 329 15.72 9.28 16.86
C THR B 329 16.15 8.25 17.90
N VAL B 330 17.11 7.41 17.54
CA VAL B 330 17.59 6.36 18.43
C VAL B 330 19.04 6.59 18.84
N GLY B 331 19.30 6.48 20.13
CA GLY B 331 20.66 6.58 20.65
C GLY B 331 21.04 5.36 21.47
N VAL B 332 22.34 5.08 21.53
CA VAL B 332 22.82 3.94 22.31
C VAL B 332 23.15 4.34 23.74
N LEU B 333 22.46 3.71 24.70
CA LEU B 333 22.64 4.02 26.10
C LEU B 333 23.55 3.01 26.80
N SER B 334 24.42 3.50 27.67
CA SER B 334 25.27 2.63 28.48
C SER B 334 24.44 1.93 29.55
N MET B 335 25.03 0.93 30.19
CA MET B 335 24.31 0.10 31.16
C MET B 335 23.99 0.84 32.46
N ASP B 336 24.68 1.95 32.69
CA ASP B 336 24.46 2.73 33.90
C ASP B 336 23.92 4.11 33.57
N SER B 337 23.52 4.29 32.31
CA SER B 337 23.03 5.57 31.80
C SER B 337 24.03 6.71 32.01
N SER B 338 25.32 6.37 31.96
CA SER B 338 26.36 7.37 32.16
C SER B 338 26.41 8.35 30.99
N ASN B 339 26.12 7.86 29.79
CA ASN B 339 26.24 8.66 28.58
C ASN B 339 24.91 9.21 28.09
N VAL B 340 23.92 9.25 28.97
CA VAL B 340 22.59 9.75 28.60
C VAL B 340 22.63 11.23 28.22
N LEU B 341 23.58 11.96 28.80
CA LEU B 341 23.73 13.39 28.55
C LEU B 341 24.06 13.67 27.09
N GLN B 342 25.20 13.16 26.63
CA GLN B 342 25.64 13.38 25.27
C GLN B 342 24.62 12.85 24.27
N LEU B 343 23.94 11.77 24.66
CA LEU B 343 22.91 11.17 23.82
C LEU B 343 21.81 12.17 23.53
N ILE B 344 21.35 12.86 24.58
CA ILE B 344 20.31 13.88 24.46
C ILE B 344 20.76 15.05 23.60
N VAL B 345 21.96 15.55 23.89
CA VAL B 345 22.53 16.64 23.11
C VAL B 345 22.69 16.26 21.65
N ASP B 346 23.28 15.09 21.39
CA ASP B 346 23.44 14.60 20.03
C ASP B 346 22.10 14.46 19.33
N ALA B 347 21.09 14.04 20.09
CA ALA B 347 19.76 13.85 19.52
C ALA B 347 19.12 15.19 19.16
N TYR B 348 19.28 16.17 20.03
CA TYR B 348 18.72 17.51 19.82
C TYR B 348 19.20 18.11 18.50
N GLY B 349 20.51 18.11 18.31
CA GLY B 349 21.11 18.64 17.10
C GLY B 349 20.62 17.90 15.87
N LYS B 350 20.40 16.60 16.03
CA LYS B 350 19.89 15.79 14.93
C LYS B 350 18.46 16.21 14.61
N ILE B 351 17.69 16.44 15.66
CA ILE B 351 16.30 16.85 15.53
C ILE B 351 16.14 18.17 14.80
N ARG B 352 16.97 19.14 15.17
CA ARG B 352 16.88 20.46 14.56
C ARG B 352 17.72 20.60 13.30
N SER B 353 18.18 19.46 12.78
CA SER B 353 19.01 19.46 11.57
C SER B 353 18.17 19.24 10.32
N LYS B 354 16.86 19.11 10.49
CA LYS B 354 15.98 18.84 9.36
C LYS B 354 14.64 19.57 9.42
N VAL B 355 14.07 19.81 8.23
CA VAL B 355 12.79 20.48 8.11
C VAL B 355 11.93 19.75 7.08
N GLU B 356 10.88 19.09 7.55
CA GLU B 356 9.95 18.39 6.66
C GLU B 356 8.54 18.96 6.82
N LEU B 357 7.91 19.25 5.69
CA LEU B 357 6.58 19.84 5.72
C LEU B 357 5.49 18.76 5.71
N GLU B 358 4.44 19.00 6.49
CA GLU B 358 3.30 18.10 6.49
C GLU B 358 2.01 18.86 6.20
N VAL B 359 1.00 18.15 5.71
CA VAL B 359 -0.26 18.76 5.31
C VAL B 359 -1.43 18.18 6.09
N ARG B 360 -2.28 19.05 6.62
CA ARG B 360 -3.47 18.60 7.35
C ARG B 360 -4.74 19.17 6.73
N ASP B 361 -5.75 18.32 6.62
CA ASP B 361 -7.09 18.71 6.18
C ASP B 361 -7.14 19.21 4.73
N LEU B 362 -6.23 18.71 3.89
CA LEU B 362 -6.22 19.09 2.48
C LEU B 362 -7.50 18.61 1.79
N PRO B 363 -8.27 19.56 1.24
CA PRO B 363 -9.51 19.31 0.51
C PRO B 363 -9.36 18.22 -0.55
N GLU B 364 -10.44 17.50 -0.82
CA GLU B 364 -10.41 16.34 -1.69
C GLU B 364 -9.89 16.64 -3.09
N GLU B 365 -10.53 17.59 -3.78
CA GLU B 365 -10.24 17.84 -5.18
C GLU B 365 -9.04 18.77 -5.38
N LEU B 366 -8.22 18.91 -4.35
CA LEU B 366 -7.08 19.82 -4.40
C LEU B 366 -5.76 19.05 -4.32
N SER B 367 -4.82 19.43 -5.17
CA SER B 367 -3.53 18.75 -5.23
C SER B 367 -2.38 19.72 -4.96
N LEU B 368 -1.34 19.23 -4.30
CA LEU B 368 -0.17 20.07 -3.99
C LEU B 368 1.11 19.44 -4.50
N SER B 369 1.88 20.21 -5.26
CA SER B 369 3.22 19.80 -5.65
C SER B 369 4.23 20.72 -4.96
N PHE B 370 5.40 20.18 -4.64
CA PHE B 370 6.40 20.95 -3.90
C PHE B 370 7.72 21.08 -4.62
N ASN B 371 8.37 22.22 -4.44
CA ASN B 371 9.77 22.39 -4.79
C ASN B 371 10.52 22.82 -3.53
N ALA B 372 11.75 22.35 -3.37
CA ALA B 372 12.50 22.66 -2.16
C ALA B 372 13.80 23.39 -2.48
N THR B 373 13.98 24.55 -1.86
CA THR B 373 15.24 25.27 -1.95
C THR B 373 15.93 25.17 -0.59
N CYS B 374 16.81 24.20 -0.44
CA CYS B 374 17.45 23.93 0.84
C CYS B 374 18.83 24.54 0.94
N LEU B 375 19.59 24.41 -0.15
CA LEU B 375 20.97 24.88 -0.17
C LEU B 375 21.15 25.98 -1.22
N ASN B 376 21.62 27.14 -0.76
CA ASN B 376 21.81 28.30 -1.62
C ASN B 376 20.56 28.64 -2.44
N ASN B 377 20.66 28.45 -3.75
CA ASN B 377 19.51 28.68 -4.63
C ASN B 377 19.17 27.45 -5.45
N GLU B 378 19.82 26.32 -5.12
CA GLU B 378 19.56 25.06 -5.80
C GLU B 378 18.14 24.60 -5.53
N VAL B 379 17.33 24.55 -6.58
CA VAL B 379 15.93 24.16 -6.46
C VAL B 379 15.73 22.67 -6.72
N ILE B 380 15.38 21.94 -5.66
CA ILE B 380 15.07 20.51 -5.79
C ILE B 380 13.58 20.32 -6.03
N PRO B 381 13.21 19.88 -7.23
CA PRO B 381 11.80 19.70 -7.58
C PRO B 381 11.20 18.45 -6.92
N GLY B 382 9.91 18.51 -6.62
CA GLY B 382 9.21 17.35 -6.07
C GLY B 382 9.61 16.97 -4.67
N LEU B 383 10.23 17.89 -3.94
CA LEU B 383 10.68 17.60 -2.59
C LEU B 383 10.09 18.59 -1.58
N LYS B 384 9.71 18.10 -0.41
CA LYS B 384 9.12 18.95 0.61
C LYS B 384 9.85 18.83 1.95
N SER B 385 11.14 18.55 1.88
CA SER B 385 11.96 18.43 3.09
C SER B 385 13.44 18.73 2.84
N CYS B 386 14.12 19.21 3.88
CA CYS B 386 15.54 19.54 3.79
C CYS B 386 16.32 18.94 4.96
N MET B 387 17.57 18.55 4.70
CA MET B 387 18.40 17.91 5.71
C MET B 387 19.79 18.52 5.80
N GLY B 388 20.51 18.18 6.86
CA GLY B 388 21.87 18.65 7.05
C GLY B 388 21.93 20.11 7.45
N LEU B 389 20.88 20.59 8.09
CA LEU B 389 20.78 21.99 8.47
C LEU B 389 21.46 22.26 9.81
N LYS B 390 21.91 23.51 9.97
CA LYS B 390 22.42 23.98 11.25
C LYS B 390 21.39 24.95 11.83
N ILE B 391 21.38 25.09 13.15
CA ILE B 391 20.49 26.03 13.80
C ILE B 391 20.77 27.43 13.27
N GLY B 392 19.71 28.14 12.90
CA GLY B 392 19.85 29.48 12.35
C GLY B 392 19.61 29.51 10.85
N ASP B 393 19.77 28.36 10.21
CA ASP B 393 19.56 28.25 8.77
C ASP B 393 18.10 28.41 8.40
N THR B 394 17.86 28.80 7.15
CA THR B 394 16.51 29.02 6.67
C THR B 394 16.32 28.37 5.31
N VAL B 395 15.30 27.52 5.19
CA VAL B 395 15.00 26.89 3.92
C VAL B 395 13.72 27.47 3.33
N SER B 396 13.49 27.17 2.05
CA SER B 396 12.31 27.67 1.35
C SER B 396 11.64 26.57 0.54
N PHE B 397 10.32 26.68 0.41
CA PHE B 397 9.55 25.71 -0.34
C PHE B 397 8.58 26.42 -1.27
N SER B 398 8.57 26.01 -2.53
CA SER B 398 7.61 26.54 -3.49
C SER B 398 6.48 25.54 -3.66
N ILE B 399 5.25 26.02 -3.52
CA ILE B 399 4.08 25.14 -3.53
C ILE B 399 3.08 25.55 -4.60
N GLU B 400 2.47 24.58 -5.26
CA GLU B 400 1.41 24.85 -6.23
C GLU B 400 0.13 24.13 -5.85
N ALA B 401 -0.97 24.87 -5.77
CA ALA B 401 -2.27 24.29 -5.48
C ALA B 401 -3.14 24.29 -6.74
N LYS B 402 -3.56 23.09 -7.17
CA LYS B 402 -4.41 22.98 -8.34
C LYS B 402 -5.66 22.18 -8.03
N VAL B 403 -6.81 22.70 -8.46
CA VAL B 403 -8.09 22.06 -8.21
C VAL B 403 -8.55 21.27 -9.44
N ARG B 404 -9.14 20.10 -9.21
CA ARG B 404 -9.74 19.33 -10.28
C ARG B 404 -11.24 19.60 -10.29
N GLY B 405 -11.73 20.18 -11.38
CA GLY B 405 -13.12 20.58 -11.47
C GLY B 405 -13.37 21.76 -10.54
N CYS B 406 -14.55 21.80 -9.95
CA CYS B 406 -14.88 22.89 -9.02
C CYS B 406 -15.92 22.43 -8.01
N PRO B 407 -15.45 21.93 -6.86
CA PRO B 407 -16.32 21.46 -5.78
C PRO B 407 -17.16 22.58 -5.19
N GLN B 408 -18.47 22.49 -5.34
CA GLN B 408 -19.35 23.53 -4.82
C GLN B 408 -19.52 23.41 -3.31
N GLU B 409 -18.48 23.81 -2.59
CA GLU B 409 -18.50 23.83 -1.13
C GLU B 409 -18.55 25.28 -0.65
N LYS B 410 -18.58 25.46 0.65
CA LYS B 410 -18.62 26.80 1.23
C LYS B 410 -17.22 27.38 1.38
N GLU B 411 -16.52 26.93 2.43
CA GLU B 411 -15.20 27.44 2.73
C GLU B 411 -14.37 26.37 3.43
N LYS B 412 -13.16 26.15 2.95
CA LYS B 412 -12.30 25.11 3.51
C LYS B 412 -10.93 25.66 3.92
N SER B 413 -10.43 25.22 5.06
CA SER B 413 -9.13 25.65 5.56
C SER B 413 -8.23 24.46 5.82
N PHE B 414 -7.01 24.50 5.27
CA PHE B 414 -6.04 23.45 5.56
C PHE B 414 -4.70 24.02 6.01
N THR B 415 -3.79 23.14 6.41
CA THR B 415 -2.56 23.58 7.06
C THR B 415 -1.31 22.97 6.43
N ILE B 416 -0.35 23.83 6.14
CA ILE B 416 0.98 23.38 5.74
C ILE B 416 1.94 23.73 6.86
N LYS B 417 2.48 22.71 7.51
CA LYS B 417 3.28 22.91 8.70
C LYS B 417 4.54 22.06 8.66
N PRO B 418 5.65 22.61 9.17
CA PRO B 418 6.85 21.80 9.38
C PRO B 418 6.70 20.92 10.61
N VAL B 419 7.10 19.65 10.48
CA VAL B 419 6.91 18.66 11.55
C VAL B 419 7.53 19.10 12.87
N GLY B 420 6.73 19.07 13.93
CA GLY B 420 7.21 19.38 15.26
C GLY B 420 7.20 20.86 15.60
N PHE B 421 6.94 21.70 14.61
CA PHE B 421 6.88 23.14 14.83
C PHE B 421 5.50 23.58 15.30
N LYS B 422 5.46 24.66 16.07
CA LYS B 422 4.20 25.26 16.48
C LYS B 422 3.62 26.13 15.36
N ASP B 423 4.48 26.91 14.70
CA ASP B 423 4.06 27.81 13.64
C ASP B 423 3.64 27.06 12.38
N SER B 424 2.77 27.68 11.59
CA SER B 424 2.23 27.03 10.40
C SER B 424 1.63 28.03 9.42
N LEU B 425 1.47 27.61 8.18
CA LEU B 425 0.79 28.41 7.17
C LEU B 425 -0.63 27.87 6.97
N ILE B 426 -1.61 28.69 7.31
CA ILE B 426 -3.02 28.28 7.16
C ILE B 426 -3.59 28.79 5.85
N VAL B 427 -4.07 27.87 5.03
CA VAL B 427 -4.59 28.22 3.71
C VAL B 427 -6.11 28.13 3.64
N GLN B 428 -6.76 29.27 3.41
CA GLN B 428 -8.21 29.30 3.25
C GLN B 428 -8.55 29.24 1.76
N VAL B 429 -9.06 28.09 1.32
CA VAL B 429 -9.37 27.91 -0.10
C VAL B 429 -10.85 28.13 -0.42
N THR B 430 -11.11 28.94 -1.45
CA THR B 430 -12.47 29.22 -1.89
C THR B 430 -12.57 28.91 -3.38
N PHE B 431 -13.69 28.34 -3.79
CA PHE B 431 -13.85 27.96 -5.19
C PHE B 431 -14.89 28.82 -5.93
N ASP B 432 -14.48 29.44 -7.01
CA ASP B 432 -15.37 30.23 -7.86
C ASP B 432 -15.91 29.39 -8.99
N CYS B 433 -16.94 28.59 -8.71
CA CYS B 433 -17.48 27.66 -9.70
C CYS B 433 -18.41 28.35 -10.68
N ASP B 434 -19.52 28.87 -10.16
CA ASP B 434 -20.54 29.52 -10.99
C ASP B 434 -20.33 31.03 -11.07
N CYS B 435 -20.99 31.66 -12.04
CA CYS B 435 -20.86 33.09 -12.24
C CYS B 435 -21.78 33.88 -11.31
N ALA B 436 -21.43 35.13 -11.04
CA ALA B 436 -22.23 35.99 -10.19
C ALA B 436 -23.55 36.35 -10.85
N CYS B 437 -23.56 36.33 -12.19
CA CYS B 437 -24.75 36.67 -12.96
C CYS B 437 -25.83 35.59 -12.87
N GLN B 438 -25.48 34.46 -12.25
CA GLN B 438 -26.43 33.37 -12.07
C GLN B 438 -27.28 33.57 -10.83
N ALA B 439 -26.84 34.45 -9.94
CA ALA B 439 -27.61 34.78 -8.75
C ALA B 439 -28.87 35.54 -9.11
N GLN B 440 -28.77 36.39 -10.14
CA GLN B 440 -29.91 37.16 -10.63
C GLN B 440 -30.60 36.44 -11.77
N ALA B 441 -30.73 35.13 -11.64
CA ALA B 441 -31.32 34.31 -12.70
C ALA B 441 -32.83 34.46 -12.76
N GLU B 442 -33.41 34.03 -13.87
CA GLU B 442 -34.85 34.05 -14.06
C GLU B 442 -35.36 32.63 -14.26
N PRO B 443 -36.30 32.19 -13.39
CA PRO B 443 -36.81 30.82 -13.36
C PRO B 443 -37.30 30.28 -14.70
N ASN B 444 -38.30 30.92 -15.29
CA ASN B 444 -38.91 30.38 -16.50
C ASN B 444 -39.73 31.37 -17.32
N SER B 445 -39.93 31.02 -18.59
CA SER B 445 -40.80 31.76 -19.52
C SER B 445 -40.57 33.27 -19.47
N HIS B 446 -41.66 34.01 -19.53
CA HIS B 446 -41.64 35.46 -19.33
C HIS B 446 -40.66 36.18 -20.24
N ARG B 447 -39.47 36.49 -19.72
CA ARG B 447 -38.47 37.24 -20.47
C ARG B 447 -37.88 36.43 -21.62
N CYS B 448 -37.87 35.11 -21.48
CA CYS B 448 -37.32 34.24 -22.50
C CYS B 448 -38.27 34.05 -23.67
N ASN B 449 -38.60 35.16 -24.34
CA ASN B 449 -39.52 35.17 -25.47
C ASN B 449 -40.88 34.53 -25.19
N ASN B 450 -41.58 34.14 -26.25
CA ASN B 450 -42.92 33.56 -26.13
C ASN B 450 -42.91 32.12 -25.65
N GLY B 451 -41.71 31.52 -25.60
CA GLY B 451 -41.56 30.18 -25.09
C GLY B 451 -41.68 30.11 -23.59
N ASN B 452 -41.61 28.90 -23.05
CA ASN B 452 -41.70 28.68 -21.60
C ASN B 452 -40.42 28.04 -21.06
N GLY B 453 -39.28 28.50 -21.53
CA GLY B 453 -37.98 27.94 -21.17
C GLY B 453 -37.38 28.54 -19.90
N THR B 454 -36.11 28.94 -19.98
CA THR B 454 -35.46 29.64 -18.86
C THR B 454 -34.34 30.56 -19.34
N PHE B 455 -34.07 31.61 -18.56
CA PHE B 455 -33.16 32.67 -19.01
C PHE B 455 -32.25 33.18 -17.89
N GLU B 456 -30.94 33.10 -18.10
CA GLU B 456 -29.97 33.60 -17.14
C GLU B 456 -28.72 34.13 -17.85
N CYS B 457 -28.00 35.03 -17.19
CA CYS B 457 -26.75 35.58 -17.70
C CYS B 457 -26.85 36.13 -19.13
N GLY B 458 -28.00 36.72 -19.45
CA GLY B 458 -28.20 37.29 -20.77
C GLY B 458 -28.37 36.26 -21.88
N VAL B 459 -28.55 35.00 -21.50
CA VAL B 459 -28.74 33.93 -22.47
C VAL B 459 -29.91 33.03 -22.08
N CYS B 460 -30.42 32.27 -23.05
CA CYS B 460 -31.56 31.38 -22.81
C CYS B 460 -31.17 29.92 -23.03
N ARG B 461 -31.86 29.01 -22.34
CA ARG B 461 -31.63 27.58 -22.51
C ARG B 461 -32.89 26.78 -22.19
N CYS B 462 -33.68 26.49 -23.21
CA CYS B 462 -34.99 25.85 -23.02
C CYS B 462 -34.89 24.42 -22.48
N GLY B 463 -36.04 23.76 -22.35
CA GLY B 463 -36.10 22.45 -21.75
C GLY B 463 -36.23 21.29 -22.73
N PRO B 464 -36.96 20.23 -22.33
CA PRO B 464 -37.14 18.99 -23.11
C PRO B 464 -37.82 19.23 -24.45
N GLY B 465 -37.12 18.94 -25.53
CA GLY B 465 -37.68 19.11 -26.86
C GLY B 465 -37.29 20.43 -27.49
N TRP B 466 -37.49 21.51 -26.75
CA TRP B 466 -37.15 22.85 -27.25
C TRP B 466 -35.64 23.04 -27.37
N LEU B 467 -35.15 23.00 -28.61
CA LEU B 467 -33.72 23.12 -28.87
C LEU B 467 -33.41 24.42 -29.60
N GLY B 468 -34.41 25.30 -29.71
CA GLY B 468 -34.24 26.56 -30.40
C GLY B 468 -33.33 27.52 -29.66
N SER B 469 -32.80 28.50 -30.39
CA SER B 469 -31.90 29.50 -29.82
C SER B 469 -32.55 30.25 -28.67
N GLN B 470 -33.85 30.50 -28.80
CA GLN B 470 -34.63 31.15 -27.75
C GLN B 470 -36.02 30.52 -27.70
N CYS B 471 -36.06 29.21 -27.44
CA CYS B 471 -37.30 28.43 -27.39
C CYS B 471 -38.06 28.42 -28.72
N GLU B 472 -37.47 27.78 -29.73
CA GLU B 472 -38.08 27.72 -31.06
C GLU B 472 -38.82 26.40 -31.29
N CYS B 473 -38.12 25.42 -31.85
CA CYS B 473 -38.70 24.13 -32.20
C CYS B 473 -39.22 23.37 -30.99
N SER B 474 -40.15 22.45 -31.23
CA SER B 474 -40.70 21.59 -30.17
C SER B 474 -39.98 20.25 -30.17
N GLU B 475 -40.69 19.20 -29.79
CA GLU B 475 -40.14 17.85 -29.79
C GLU B 475 -39.87 17.36 -31.21
N GLU B 476 -38.93 18.02 -31.88
CA GLU B 476 -38.62 17.74 -33.29
C GLU B 476 -39.88 17.78 -34.16
N ASP B 477 -39.85 17.05 -35.28
CA ASP B 477 -40.92 17.10 -36.27
C ASP B 477 -41.18 18.54 -36.71
N TYR B 478 -40.15 19.36 -36.57
CA TYR B 478 -40.24 20.79 -36.81
C TYR B 478 -39.54 21.15 -38.11
N ARG B 479 -39.62 20.23 -39.09
CA ARG B 479 -39.00 20.40 -40.41
C ARG B 479 -37.46 20.41 -40.30
N PRO B 480 -36.73 20.48 -41.42
CA PRO B 480 -35.27 20.51 -41.29
C PRO B 480 -34.70 21.61 -40.38
N SER B 481 -35.49 22.62 -40.05
CA SER B 481 -35.05 23.76 -39.24
C SER B 481 -33.83 24.48 -39.83
N GLN B 482 -32.78 24.58 -39.04
CA GLN B 482 -31.59 25.35 -39.45
C GLN B 482 -30.59 24.53 -40.25
N GLN B 483 -30.52 23.23 -39.96
CA GLN B 483 -29.49 22.34 -40.49
C GLN B 483 -28.10 22.67 -39.94
N ASP B 484 -27.76 23.96 -39.91
CA ASP B 484 -26.61 24.48 -39.18
C ASP B 484 -25.25 23.97 -39.68
N GLU B 485 -24.20 24.48 -39.06
CA GLU B 485 -22.84 24.06 -39.33
C GLU B 485 -22.37 23.16 -38.19
N CYS B 486 -23.09 22.06 -37.98
CA CYS B 486 -22.81 21.13 -36.91
C CYS B 486 -21.55 20.30 -37.18
N SER B 487 -20.46 20.99 -37.47
CA SER B 487 -19.16 20.37 -37.74
C SER B 487 -18.11 21.45 -37.85
N PRO B 488 -16.84 21.10 -37.59
CA PRO B 488 -15.73 22.05 -37.78
C PRO B 488 -15.66 22.61 -39.20
N ARG B 489 -16.24 21.88 -40.15
CA ARG B 489 -16.32 22.33 -41.53
C ARG B 489 -17.73 22.11 -42.07
N GLU B 490 -17.86 21.73 -43.34
CA GLU B 490 -19.17 21.41 -43.91
C GLU B 490 -19.17 20.11 -44.69
N GLY B 491 -18.05 19.79 -45.33
CA GLY B 491 -17.91 18.54 -46.06
C GLY B 491 -17.78 17.36 -45.11
N GLN B 492 -17.70 17.66 -43.81
CA GLN B 492 -17.58 16.64 -42.79
C GLN B 492 -18.94 16.24 -42.22
N PRO B 493 -19.05 15.00 -41.70
CA PRO B 493 -20.29 14.48 -41.11
C PRO B 493 -20.80 15.35 -39.95
N VAL B 494 -22.08 15.20 -39.64
CA VAL B 494 -22.73 16.04 -38.64
C VAL B 494 -22.66 15.44 -37.23
N CYS B 495 -22.39 16.30 -36.25
CA CYS B 495 -22.38 15.92 -34.83
C CYS B 495 -21.46 14.75 -34.48
N SER B 496 -20.35 14.65 -35.21
CA SER B 496 -19.37 13.58 -35.01
C SER B 496 -20.01 12.18 -35.09
N GLN B 497 -21.12 12.09 -35.80
CA GLN B 497 -21.89 10.85 -35.95
C GLN B 497 -22.41 10.28 -34.63
N ARG B 498 -22.30 11.06 -33.57
CA ARG B 498 -22.78 10.64 -32.26
C ARG B 498 -24.10 11.32 -31.92
N GLY B 499 -24.76 11.83 -32.96
CA GLY B 499 -26.03 12.50 -32.79
C GLY B 499 -26.51 13.13 -34.09
N GLU B 500 -27.71 13.68 -34.07
CA GLU B 500 -28.25 14.36 -35.23
C GLU B 500 -28.32 15.87 -34.96
N CYS B 501 -28.31 16.66 -36.03
CA CYS B 501 -28.36 18.11 -35.89
C CYS B 501 -29.80 18.62 -35.91
N LEU B 502 -30.35 18.82 -34.73
CA LEU B 502 -31.72 19.33 -34.59
C LEU B 502 -31.73 20.78 -34.13
N CYS B 503 -32.36 21.63 -34.92
CA CYS B 503 -32.55 23.04 -34.58
C CYS B 503 -31.25 23.77 -34.26
N GLY B 504 -30.39 23.92 -35.28
CA GLY B 504 -29.20 24.73 -35.17
C GLY B 504 -28.19 24.26 -34.14
N GLN B 505 -28.27 22.99 -33.76
CA GLN B 505 -27.35 22.43 -32.77
C GLN B 505 -27.39 20.91 -32.82
N CYS B 506 -26.52 20.29 -32.04
CA CYS B 506 -26.43 18.82 -32.00
C CYS B 506 -27.16 18.24 -30.79
N VAL B 507 -27.76 17.07 -31.00
CA VAL B 507 -28.35 16.32 -29.90
C VAL B 507 -27.69 14.96 -29.84
N CYS B 508 -26.72 14.82 -28.93
CA CYS B 508 -25.89 13.63 -28.86
C CYS B 508 -26.66 12.40 -28.41
N HIS B 509 -26.41 11.28 -29.08
CA HIS B 509 -27.01 9.99 -28.71
C HIS B 509 -26.62 9.62 -27.29
N SER B 510 -27.45 8.79 -26.66
CA SER B 510 -27.13 8.27 -25.34
C SER B 510 -26.13 7.13 -25.46
N SER B 511 -25.46 6.80 -24.37
CA SER B 511 -24.50 5.71 -24.36
C SER B 511 -24.50 5.03 -23.00
N ASP B 512 -24.55 3.69 -23.01
CA ASP B 512 -24.59 2.91 -21.78
C ASP B 512 -23.35 3.13 -20.93
N PHE B 513 -22.23 3.42 -21.61
CA PHE B 513 -20.95 3.62 -20.94
C PHE B 513 -21.02 4.80 -19.96
N GLY B 514 -21.23 6.00 -20.47
CA GLY B 514 -21.30 7.19 -19.64
C GLY B 514 -21.99 8.36 -20.32
N LYS B 515 -21.26 9.42 -20.61
CA LYS B 515 -21.87 10.64 -21.17
C LYS B 515 -21.19 11.17 -22.45
N ILE B 516 -22.01 11.61 -23.40
CA ILE B 516 -21.51 12.25 -24.62
C ILE B 516 -21.93 13.71 -24.67
N THR B 517 -20.95 14.61 -24.65
CA THR B 517 -21.22 16.04 -24.67
C THR B 517 -20.43 16.73 -25.77
N GLY B 518 -20.38 18.07 -25.71
CA GLY B 518 -19.68 18.86 -26.70
C GLY B 518 -20.61 19.45 -27.73
N LYS B 519 -20.22 20.62 -28.26
CA LYS B 519 -21.01 21.31 -29.27
C LYS B 519 -21.32 20.42 -30.46
N TYR B 520 -20.32 19.67 -30.91
CA TYR B 520 -20.49 18.77 -32.05
C TYR B 520 -20.48 17.31 -31.61
N CYS B 521 -20.90 17.06 -30.38
CA CYS B 521 -20.89 15.72 -29.79
C CYS B 521 -19.51 15.06 -29.91
N GLU B 522 -18.46 15.84 -29.72
CA GLU B 522 -17.10 15.35 -29.90
C GLU B 522 -16.42 15.00 -28.58
N CYS B 523 -17.10 15.29 -27.46
CA CYS B 523 -16.55 14.99 -26.15
C CYS B 523 -16.87 13.58 -25.71
N ASP B 524 -15.84 12.86 -25.27
CA ASP B 524 -16.01 11.48 -24.84
C ASP B 524 -15.64 11.32 -23.37
N ASP B 525 -16.58 10.79 -22.59
CA ASP B 525 -16.40 10.68 -21.15
C ASP B 525 -15.69 9.38 -20.75
N PHE B 526 -15.35 8.56 -21.74
CA PHE B 526 -14.81 7.24 -21.45
C PHE B 526 -13.90 6.70 -22.55
N SER B 527 -13.19 7.59 -23.24
CA SER B 527 -12.27 7.14 -24.28
C SER B 527 -10.82 7.41 -23.88
N CYS B 528 -10.61 7.71 -22.60
CA CYS B 528 -9.27 8.04 -22.12
C CYS B 528 -8.36 6.81 -22.16
N VAL B 529 -7.06 7.04 -22.00
CA VAL B 529 -6.07 5.98 -22.13
C VAL B 529 -6.14 4.95 -21.00
N ARG B 530 -5.41 3.85 -21.19
CA ARG B 530 -5.36 2.76 -20.23
C ARG B 530 -3.92 2.33 -20.00
N TYR B 531 -3.63 1.83 -18.80
CA TYR B 531 -2.29 1.34 -18.46
C TYR B 531 -2.29 -0.17 -18.22
N LYS B 532 -3.24 -0.64 -17.42
CA LYS B 532 -3.39 -2.06 -17.16
C LYS B 532 -4.86 -2.42 -17.01
N GLY B 533 -5.63 -2.24 -18.08
CA GLY B 533 -7.05 -2.57 -18.08
C GLY B 533 -7.92 -1.50 -17.44
N GLU B 534 -7.32 -0.68 -16.59
CA GLU B 534 -8.05 0.41 -15.95
C GLU B 534 -7.88 1.71 -16.73
N MET B 535 -8.94 2.53 -16.74
CA MET B 535 -8.88 3.83 -17.42
C MET B 535 -8.17 4.85 -16.54
N CYS B 536 -7.20 5.54 -17.14
CA CYS B 536 -6.33 6.48 -16.43
C CYS B 536 -5.60 5.79 -15.28
N SER B 537 -5.25 4.52 -15.50
CA SER B 537 -4.60 3.68 -14.50
C SER B 537 -5.44 3.55 -13.24
N GLY B 538 -6.72 3.87 -13.35
CA GLY B 538 -7.60 3.89 -12.20
C GLY B 538 -7.21 4.98 -11.21
N HIS B 539 -6.47 5.98 -11.69
CA HIS B 539 -6.05 7.10 -10.86
C HIS B 539 -6.34 8.44 -11.53
N GLY B 540 -7.45 8.52 -12.26
CA GLY B 540 -7.80 9.74 -12.96
C GLY B 540 -9.16 9.70 -13.62
N GLN B 541 -9.79 10.87 -13.74
CA GLN B 541 -11.09 10.98 -14.37
C GLN B 541 -10.98 11.34 -15.84
N CYS B 542 -11.79 10.71 -16.68
CA CYS B 542 -11.78 10.96 -18.10
C CYS B 542 -12.67 12.16 -18.45
N SER B 543 -12.06 13.21 -19.00
CA SER B 543 -12.77 14.42 -19.35
C SER B 543 -12.51 14.80 -20.80
N CYS B 544 -13.46 14.43 -21.67
CA CYS B 544 -13.38 14.72 -23.10
C CYS B 544 -12.10 14.18 -23.75
N GLY B 545 -11.72 12.96 -23.35
CA GLY B 545 -10.55 12.32 -23.92
C GLY B 545 -9.26 12.70 -23.20
N ASP B 546 -9.39 13.25 -22.00
CA ASP B 546 -8.23 13.65 -21.22
C ASP B 546 -8.29 13.12 -19.79
N CYS B 547 -7.15 12.65 -19.29
CA CYS B 547 -7.06 12.14 -17.92
C CYS B 547 -6.74 13.25 -16.92
N LEU B 548 -7.61 13.43 -15.94
CA LEU B 548 -7.40 14.44 -14.91
C LEU B 548 -6.97 13.75 -13.63
N CYS B 549 -5.65 13.66 -13.44
CA CYS B 549 -5.05 12.81 -12.40
C CYS B 549 -5.49 13.12 -10.97
N ASP B 550 -5.47 12.09 -10.14
CA ASP B 550 -5.84 12.23 -8.74
C ASP B 550 -4.73 12.89 -7.95
N SER B 551 -5.03 13.29 -6.72
CA SER B 551 -4.18 14.16 -5.92
C SER B 551 -2.68 13.80 -5.81
N ASP B 552 -2.34 12.54 -6.08
CA ASP B 552 -0.94 12.14 -5.97
C ASP B 552 -0.42 11.43 -7.22
N TRP B 553 -1.05 11.68 -8.36
CA TRP B 553 -0.65 11.05 -9.61
C TRP B 553 -0.44 12.09 -10.70
N THR B 554 0.46 11.79 -11.63
CA THR B 554 0.76 12.68 -12.75
C THR B 554 0.92 11.89 -14.03
N GLY B 555 1.31 12.57 -15.10
CA GLY B 555 1.55 11.92 -16.38
C GLY B 555 0.29 11.79 -17.23
N TYR B 556 0.50 11.60 -18.52
CA TYR B 556 -0.62 11.51 -19.47
C TYR B 556 -1.47 10.27 -19.23
N TYR B 557 -0.88 9.26 -18.59
CA TYR B 557 -1.59 8.01 -18.32
C TYR B 557 -2.09 7.97 -16.88
N CYS B 558 -1.69 8.96 -16.08
CA CYS B 558 -1.96 8.98 -14.65
C CYS B 558 -1.40 7.75 -13.95
N ASN B 559 -0.16 7.37 -14.30
CA ASN B 559 0.47 6.22 -13.69
C ASN B 559 1.79 6.56 -12.99
N CYS B 560 2.17 7.84 -13.04
CA CYS B 560 3.39 8.29 -12.37
C CYS B 560 3.08 8.86 -10.99
N THR B 561 3.62 8.22 -9.96
CA THR B 561 3.40 8.68 -8.59
C THR B 561 4.25 9.90 -8.28
N THR B 562 3.78 10.70 -7.32
CA THR B 562 4.51 11.89 -6.89
C THR B 562 5.31 11.55 -5.63
N ARG B 563 5.20 10.31 -5.18
CA ARG B 563 5.86 9.86 -3.96
C ARG B 563 7.37 9.84 -4.12
N THR B 564 8.09 10.10 -3.02
CA THR B 564 9.55 10.07 -3.04
C THR B 564 10.10 9.07 -2.03
N ASP B 565 9.24 8.63 -1.12
CA ASP B 565 9.66 7.74 -0.02
C ASP B 565 10.34 6.49 -0.53
N THR B 566 9.90 5.98 -1.67
CA THR B 566 10.46 4.78 -2.25
C THR B 566 11.76 5.07 -3.00
N CYS B 567 12.23 6.32 -2.89
CA CYS B 567 13.49 6.72 -3.50
C CYS B 567 14.51 7.09 -2.42
N MET B 568 14.10 7.02 -1.16
CA MET B 568 14.98 7.38 -0.06
C MET B 568 15.92 6.25 0.29
N SER B 569 17.19 6.57 0.49
CA SER B 569 18.20 5.57 0.83
C SER B 569 18.31 5.42 2.34
N SER B 570 19.21 4.54 2.77
CA SER B 570 19.47 4.35 4.19
C SER B 570 20.21 5.56 4.75
N ASN B 571 20.73 6.39 3.87
CA ASN B 571 21.42 7.62 4.25
C ASN B 571 20.44 8.75 4.51
N GLY B 572 19.16 8.49 4.20
CA GLY B 572 18.16 9.54 4.23
C GLY B 572 18.37 10.44 3.03
N LEU B 573 19.09 9.91 2.04
CA LEU B 573 19.42 10.65 0.83
C LEU B 573 18.59 10.15 -0.35
N LEU B 574 18.04 11.09 -1.11
CA LEU B 574 17.22 10.77 -2.27
C LEU B 574 18.07 10.11 -3.36
N CYS B 575 17.79 8.83 -3.64
CA CYS B 575 18.56 8.05 -4.61
C CYS B 575 20.05 8.13 -4.29
N SER B 576 20.39 7.94 -3.02
CA SER B 576 21.72 8.21 -2.50
C SER B 576 22.11 9.63 -2.89
N GLY B 577 23.24 9.78 -3.55
CA GLY B 577 23.63 11.06 -4.10
C GLY B 577 24.02 10.84 -5.54
N ARG B 578 23.26 9.98 -6.21
CA ARG B 578 23.69 9.45 -7.49
C ARG B 578 22.63 9.51 -8.59
N GLY B 579 21.41 9.87 -8.23
CA GLY B 579 20.33 9.92 -9.21
C GLY B 579 19.14 10.75 -8.79
N LYS B 580 18.09 10.71 -9.62
CA LYS B 580 16.88 11.48 -9.35
C LYS B 580 15.64 10.60 -9.30
N CYS B 581 14.67 10.99 -8.48
CA CYS B 581 13.48 10.18 -8.27
C CYS B 581 12.37 10.50 -9.25
N GLU B 582 12.28 9.71 -10.32
CA GLU B 582 11.22 9.88 -11.30
C GLU B 582 10.16 8.79 -11.14
N CYS B 583 8.95 9.21 -10.81
CA CYS B 583 7.82 8.30 -10.59
C CYS B 583 8.06 7.28 -9.48
N GLY B 584 8.56 7.75 -8.34
CA GLY B 584 8.78 6.89 -7.19
C GLY B 584 9.84 5.85 -7.42
N SER B 585 10.67 6.06 -8.43
CA SER B 585 11.74 5.13 -8.76
C SER B 585 13.00 5.89 -9.11
N CYS B 586 14.13 5.47 -8.54
CA CYS B 586 15.39 6.14 -8.78
C CYS B 586 15.95 5.84 -10.17
N VAL B 587 16.19 6.89 -10.94
CA VAL B 587 16.89 6.76 -12.20
C VAL B 587 18.34 7.16 -12.00
N CYS B 588 19.23 6.17 -12.01
CA CYS B 588 20.63 6.39 -11.66
C CYS B 588 21.39 7.19 -12.71
N ILE B 589 22.13 8.20 -12.26
CA ILE B 589 22.89 9.08 -13.14
C ILE B 589 24.38 8.83 -13.00
N GLN B 590 24.83 8.69 -11.76
CA GLN B 590 26.24 8.41 -11.47
C GLN B 590 26.72 7.20 -12.26
N PRO B 591 27.77 7.39 -13.05
CA PRO B 591 28.34 6.36 -13.93
C PRO B 591 28.60 5.04 -13.21
N GLY B 592 27.99 3.97 -13.69
CA GLY B 592 28.22 2.65 -13.16
C GLY B 592 27.57 2.39 -11.81
N SER B 593 26.51 3.12 -11.51
CA SER B 593 25.78 2.91 -10.28
C SER B 593 24.42 2.29 -10.57
N TYR B 594 23.91 1.52 -9.63
CA TYR B 594 22.62 0.87 -9.78
C TYR B 594 22.03 0.50 -8.44
N GLY B 595 20.85 -0.11 -8.46
CA GLY B 595 20.13 -0.44 -7.24
C GLY B 595 18.89 0.41 -7.13
N ASP B 596 17.93 -0.06 -6.34
CA ASP B 596 16.64 0.62 -6.19
C ASP B 596 16.77 2.08 -5.80
N THR B 597 17.84 2.43 -5.10
CA THR B 597 18.10 3.82 -4.72
C THR B 597 19.54 4.21 -5.06
N CYS B 598 20.09 3.56 -6.09
CA CYS B 598 21.45 3.84 -6.57
C CYS B 598 22.50 3.63 -5.48
N GLU B 599 22.24 2.69 -4.58
CA GLU B 599 23.14 2.43 -3.47
C GLU B 599 24.41 1.71 -3.91
N LYS B 600 24.29 0.91 -4.96
CA LYS B 600 25.39 0.08 -5.44
C LYS B 600 26.23 0.80 -6.50
N CYS B 601 27.54 0.84 -6.30
CA CYS B 601 28.46 1.42 -7.27
C CYS B 601 29.88 0.93 -6.99
N PRO B 602 30.15 -0.34 -7.32
CA PRO B 602 31.42 -1.00 -7.02
C PRO B 602 32.58 -0.47 -7.87
N THR B 603 32.26 0.22 -8.97
CA THR B 603 33.30 0.77 -9.83
C THR B 603 33.41 2.29 -9.69
N CYS B 604 32.78 2.83 -8.64
CA CYS B 604 32.92 4.24 -8.32
C CYS B 604 34.27 4.45 -7.66
N PRO B 605 34.81 5.68 -7.75
CA PRO B 605 36.12 5.95 -7.15
C PRO B 605 36.08 5.73 -5.64
N ASP B 606 37.21 5.35 -5.06
CA ASP B 606 37.29 5.10 -3.62
C ASP B 606 36.89 6.35 -2.84
N ALA B 607 36.46 6.14 -1.60
CA ALA B 607 35.95 7.23 -0.77
C ALA B 607 36.95 8.37 -0.59
N CYS B 608 38.22 8.08 -0.83
CA CYS B 608 39.29 9.07 -0.71
C CYS B 608 39.07 10.26 -1.65
N THR B 609 38.60 9.98 -2.86
CA THR B 609 38.43 11.04 -3.86
C THR B 609 37.25 11.96 -3.54
N PHE B 610 36.48 11.59 -2.53
CA PHE B 610 35.35 12.42 -2.12
C PHE B 610 35.67 13.19 -0.84
N LYS B 611 36.21 12.49 0.15
CA LYS B 611 36.60 13.11 1.42
C LYS B 611 37.67 14.17 1.20
N LYS B 612 38.50 13.95 0.17
CA LYS B 612 39.56 14.87 -0.19
C LYS B 612 39.02 16.29 -0.37
N GLU B 613 37.90 16.41 -1.07
CA GLU B 613 37.29 17.69 -1.33
C GLU B 613 36.97 18.42 -0.04
N CYS B 614 36.51 17.69 0.96
CA CYS B 614 36.24 18.27 2.27
C CYS B 614 37.51 18.77 2.94
N VAL B 615 38.60 18.05 2.75
CA VAL B 615 39.89 18.47 3.29
C VAL B 615 40.37 19.72 2.58
N GLU B 616 40.24 19.74 1.25
N GLU B 616 40.26 19.72 1.25
CA GLU B 616 40.61 20.93 0.50
CA GLU B 616 40.55 20.88 0.44
C GLU B 616 39.67 22.08 0.81
C GLU B 616 39.68 22.06 0.86
N CYS B 617 38.39 21.77 1.05
CA CYS B 617 37.42 22.79 1.40
C CYS B 617 37.64 23.32 2.83
N LYS B 618 37.54 22.45 3.82
CA LYS B 618 37.60 22.86 5.23
C LYS B 618 38.98 23.31 5.69
N LYS B 619 40.03 22.65 5.22
CA LYS B 619 41.36 22.87 5.76
C LYS B 619 42.28 23.70 4.88
N PHE B 620 41.86 23.99 3.65
CA PHE B 620 42.69 24.78 2.75
C PHE B 620 41.94 25.89 2.02
N ASP B 621 40.65 26.04 2.34
CA ASP B 621 39.81 27.11 1.80
C ASP B 621 39.81 27.12 0.27
N ARG B 622 39.81 25.94 -0.34
CA ARG B 622 39.81 25.84 -1.79
C ARG B 622 39.15 24.55 -2.27
N GLY B 623 39.15 24.33 -3.59
CA GLY B 623 38.50 23.17 -4.16
C GLY B 623 37.09 23.46 -4.65
N ALA B 624 36.50 22.48 -5.34
CA ALA B 624 35.19 22.63 -5.94
C ALA B 624 34.11 23.01 -4.91
N LEU B 625 34.12 22.31 -3.79
CA LEU B 625 33.13 22.52 -2.75
C LEU B 625 33.20 23.93 -2.17
N HIS B 626 34.40 24.50 -2.16
CA HIS B 626 34.58 25.88 -1.74
C HIS B 626 33.91 26.82 -2.73
N ASP B 627 34.24 26.63 -4.01
CA ASP B 627 33.76 27.50 -5.08
C ASP B 627 32.24 27.54 -5.16
N GLU B 628 31.61 26.40 -4.91
CA GLU B 628 30.16 26.30 -5.01
C GLU B 628 29.49 26.68 -3.69
N ASN B 629 30.31 26.99 -2.68
CA ASN B 629 29.83 27.31 -1.34
C ASN B 629 28.89 26.23 -0.80
N THR B 630 29.42 25.02 -0.71
CA THR B 630 28.67 23.89 -0.20
C THR B 630 29.51 23.18 0.85
N CYS B 631 30.60 23.83 1.24
CA CYS B 631 31.52 23.29 2.23
C CYS B 631 30.83 22.97 3.55
N ASN B 632 30.32 24.00 4.22
CA ASN B 632 29.67 23.81 5.52
C ASN B 632 28.60 22.75 5.54
N ARG B 633 27.83 22.67 4.45
CA ARG B 633 26.71 21.75 4.37
C ARG B 633 27.14 20.31 4.11
N TYR B 634 27.91 20.09 3.06
CA TYR B 634 28.27 18.74 2.65
C TYR B 634 29.35 18.11 3.53
N CYS B 635 30.27 18.93 4.02
CA CYS B 635 31.35 18.41 4.86
C CYS B 635 31.03 18.59 6.34
N ARG B 636 30.43 17.57 6.94
CA ARG B 636 30.00 17.65 8.32
C ARG B 636 30.84 16.79 9.27
N ASP B 637 31.67 15.91 8.70
CA ASP B 637 32.58 15.10 9.49
C ASP B 637 33.60 15.99 10.19
N GLU B 638 33.98 15.62 11.40
CA GLU B 638 34.99 16.37 12.13
C GLU B 638 36.35 16.15 11.50
N ILE B 639 37.06 17.25 11.24
CA ILE B 639 38.38 17.17 10.62
C ILE B 639 39.45 17.72 11.55
N GLU B 640 40.21 16.82 12.17
CA GLU B 640 41.19 17.22 13.17
C GLU B 640 42.62 17.09 12.66
N SER B 641 43.36 18.19 12.71
CA SER B 641 44.76 18.21 12.31
C SER B 641 45.60 17.43 13.32
N VAL B 642 46.34 16.44 12.85
CA VAL B 642 47.16 15.63 13.74
C VAL B 642 48.64 15.64 13.36
N LYS B 643 49.49 15.31 14.33
CA LYS B 643 50.93 15.29 14.12
C LYS B 643 51.34 14.11 13.26
N GLU B 644 50.97 12.92 13.69
CA GLU B 644 51.38 11.69 13.01
C GLU B 644 50.17 10.79 12.79
N LEU B 645 50.32 9.79 11.92
CA LEU B 645 49.27 8.81 11.70
C LEU B 645 49.49 7.55 12.53
N LYS B 646 48.39 6.97 12.99
CA LYS B 646 48.45 5.81 13.87
C LYS B 646 48.19 4.51 13.12
N ASP B 647 48.49 3.39 13.78
CA ASP B 647 48.22 2.06 13.22
C ASP B 647 47.21 1.35 14.11
N THR B 648 46.97 1.92 15.30
CA THR B 648 46.06 1.33 16.27
C THR B 648 44.60 1.73 15.99
N GLY B 649 43.67 0.91 16.49
CA GLY B 649 42.26 1.16 16.30
C GLY B 649 41.62 0.16 15.36
N LYS B 650 40.76 0.64 14.48
CA LYS B 650 40.11 -0.19 13.48
C LYS B 650 39.52 0.68 12.37
N ASP B 651 39.53 0.17 11.15
CA ASP B 651 39.05 0.90 9.98
C ASP B 651 39.85 2.20 9.76
N ALA B 652 41.14 2.03 9.48
CA ALA B 652 42.02 3.18 9.20
C ALA B 652 42.36 3.22 7.71
N VAL B 653 41.62 4.04 6.97
CA VAL B 653 41.81 4.16 5.52
C VAL B 653 42.81 5.27 5.18
N ASN B 654 43.97 4.88 4.67
CA ASN B 654 45.01 5.85 4.34
C ASN B 654 44.82 6.50 2.97
N CYS B 655 44.42 7.77 2.97
CA CYS B 655 44.18 8.52 1.74
C CYS B 655 45.21 9.61 1.54
N THR B 656 45.80 9.66 0.35
CA THR B 656 46.77 10.70 0.03
C THR B 656 46.45 11.38 -1.29
N TYR B 657 46.87 12.63 -1.43
CA TYR B 657 46.71 13.35 -2.69
C TYR B 657 47.68 14.52 -2.81
N LYS B 658 47.86 14.99 -4.05
CA LYS B 658 48.75 16.10 -4.33
C LYS B 658 47.92 17.36 -4.60
N ASN B 659 48.09 18.38 -3.77
CA ASN B 659 47.28 19.59 -3.88
C ASN B 659 47.82 20.61 -4.86
N GLU B 660 47.15 21.74 -4.97
CA GLU B 660 47.55 22.82 -5.88
C GLU B 660 48.97 23.31 -5.60
N ASP B 661 49.41 23.14 -4.36
CA ASP B 661 50.74 23.57 -3.95
C ASP B 661 51.78 22.47 -4.16
N ASP B 662 51.39 21.44 -4.90
CA ASP B 662 52.27 20.30 -5.20
C ASP B 662 52.82 19.61 -3.96
N CYS B 663 52.04 19.62 -2.88
CA CYS B 663 52.42 18.93 -1.65
C CYS B 663 51.56 17.70 -1.44
N VAL B 664 52.17 16.64 -0.91
CA VAL B 664 51.45 15.40 -0.67
C VAL B 664 50.77 15.41 0.69
N VAL B 665 49.44 15.49 0.66
CA VAL B 665 48.63 15.49 1.88
C VAL B 665 48.16 14.07 2.18
N ARG B 666 48.31 13.65 3.44
CA ARG B 666 47.85 12.33 3.84
C ARG B 666 46.76 12.46 4.91
N PHE B 667 45.69 11.69 4.77
CA PHE B 667 44.62 11.71 5.75
C PHE B 667 43.88 10.38 5.89
N GLN B 668 43.51 10.04 7.12
CA GLN B 668 42.73 8.83 7.37
C GLN B 668 41.43 9.19 8.09
N TYR B 669 40.44 8.31 7.99
CA TYR B 669 39.14 8.57 8.59
C TYR B 669 38.53 7.38 9.32
N TYR B 670 37.86 7.66 10.43
CA TYR B 670 37.08 6.67 11.16
C TYR B 670 35.64 6.72 10.67
N GLU B 671 34.93 5.61 10.84
CA GLU B 671 33.51 5.57 10.51
C GLU B 671 32.70 5.47 11.81
N ASP B 672 31.84 4.46 11.90
CA ASP B 672 31.00 4.28 13.08
C ASP B 672 31.81 3.94 14.33
N SER B 673 32.65 4.87 14.77
CA SER B 673 33.40 4.72 16.01
C SER B 673 32.40 4.62 17.16
N SER B 674 31.35 5.42 17.06
CA SER B 674 30.23 5.38 18.00
C SER B 674 29.07 6.13 17.36
N GLY B 675 28.82 5.83 16.09
CA GLY B 675 27.81 6.52 15.31
C GLY B 675 28.37 7.77 14.67
N LYS B 676 29.60 8.11 15.05
CA LYS B 676 30.25 9.34 14.59
C LYS B 676 31.07 9.10 13.32
N SER B 677 31.99 10.01 13.04
CA SER B 677 32.84 9.92 11.85
C SER B 677 33.96 10.97 11.90
N ILE B 678 35.17 10.54 12.26
CA ILE B 678 36.30 11.45 12.39
C ILE B 678 37.18 11.42 11.15
N LEU B 679 38.09 12.38 11.04
CA LEU B 679 38.96 12.50 9.88
C LEU B 679 40.24 13.22 10.29
N TYR B 680 41.36 12.51 10.31
CA TYR B 680 42.63 13.10 10.75
C TYR B 680 43.53 13.47 9.58
N VAL B 681 44.21 14.61 9.68
CA VAL B 681 45.14 15.04 8.66
C VAL B 681 46.53 15.28 9.25
N VAL B 682 47.55 14.70 8.62
CA VAL B 682 48.91 14.98 9.03
C VAL B 682 49.19 16.47 8.81
N GLU B 683 49.58 17.17 9.87
CA GLU B 683 49.70 18.62 9.83
C GLU B 683 50.86 19.09 8.98
N GLU B 684 51.76 18.18 8.62
CA GLU B 684 52.92 18.53 7.82
C GLU B 684 52.98 17.79 6.49
N PRO B 685 52.24 18.30 5.49
CA PRO B 685 52.23 17.71 4.14
C PRO B 685 53.63 17.68 3.53
N GLU B 686 53.92 16.64 2.77
CA GLU B 686 55.24 16.46 2.17
C GLU B 686 55.45 17.40 1.00
N CYS B 687 56.27 18.42 1.21
CA CYS B 687 56.54 19.44 0.20
C CYS B 687 57.95 19.28 -0.37
N PRO B 688 58.20 19.89 -1.55
CA PRO B 688 59.56 19.94 -2.09
C PRO B 688 60.51 20.63 -1.12
N LYS B 689 61.80 20.40 -1.27
CA LYS B 689 62.79 20.96 -0.36
C LYS B 689 63.86 21.76 -1.10
N GLY B 690 63.98 23.04 -0.76
CA GLY B 690 64.94 23.92 -1.38
C GLY B 690 66.37 23.57 -1.02
N PRO B 691 67.35 24.32 -1.58
CA PRO B 691 68.77 24.11 -1.31
C PRO B 691 69.12 24.30 0.17
N ASP B 692 70.28 23.81 0.57
CA ASP B 692 70.73 23.93 1.96
#